data_2E6P
#
_entry.id   2E6P
#
_entity_poly.entity_id   1
_entity_poly.type   'polypeptide(L)'
_entity_poly.pdbx_seq_one_letter_code
;GSSGSSGPVHILSPQDKVSLTFTTSERVVLTCELSRVDFPATWYKDGQKVEESELLVVKMDGRKHRLILPEAKVQDSGEF
ECRTEGVSAFFGVTVQDPSGPSSG
;
_entity_poly.pdbx_strand_id   A
#
# COMPACT_ATOMS: atom_id res chain seq x y z
N GLY A 1 -13.55 -20.35 22.53
CA GLY A 1 -13.33 -19.17 23.35
C GLY A 1 -12.04 -18.46 23.01
N SER A 2 -11.07 -18.53 23.93
CA SER A 2 -9.78 -17.90 23.73
C SER A 2 -9.94 -16.41 23.43
N SER A 3 -10.81 -15.75 24.19
CA SER A 3 -11.06 -14.33 24.01
C SER A 3 -10.41 -13.51 25.12
N GLY A 4 -10.42 -12.19 24.97
CA GLY A 4 -9.84 -11.32 25.97
C GLY A 4 -8.89 -10.29 25.36
N SER A 5 -9.36 -9.59 24.33
CA SER A 5 -8.55 -8.59 23.66
C SER A 5 -9.13 -7.19 23.85
N SER A 6 -8.26 -6.19 23.91
CA SER A 6 -8.69 -4.81 24.10
C SER A 6 -8.97 -4.14 22.77
N GLY A 7 -7.96 -4.12 21.89
CA GLY A 7 -8.11 -3.50 20.59
C GLY A 7 -8.75 -4.44 19.59
N PRO A 8 -9.53 -3.88 18.66
CA PRO A 8 -10.21 -4.64 17.62
C PRO A 8 -9.24 -5.21 16.58
N VAL A 9 -8.39 -4.35 16.05
CA VAL A 9 -7.40 -4.77 15.06
C VAL A 9 -6.18 -3.85 15.07
N HIS A 10 -5.00 -4.44 15.17
CA HIS A 10 -3.76 -3.67 15.18
C HIS A 10 -2.80 -4.18 14.11
N ILE A 11 -2.12 -3.25 13.44
CA ILE A 11 -1.16 -3.60 12.41
C ILE A 11 0.08 -4.26 13.00
N LEU A 12 0.63 -5.24 12.28
CA LEU A 12 1.83 -5.94 12.73
C LEU A 12 3.05 -5.52 11.93
N SER A 13 2.84 -5.22 10.65
CA SER A 13 3.93 -4.80 9.78
C SER A 13 3.39 -3.99 8.59
N PRO A 14 4.14 -2.93 8.23
CA PRO A 14 5.38 -2.56 8.89
C PRO A 14 5.16 -2.03 10.30
N GLN A 15 6.24 -1.75 11.01
CA GLN A 15 6.16 -1.23 12.37
C GLN A 15 6.19 0.29 12.38
N ASP A 16 6.93 0.87 11.43
CA ASP A 16 7.04 2.32 11.32
C ASP A 16 7.05 2.76 9.86
N LYS A 17 7.12 4.07 9.64
CA LYS A 17 7.14 4.61 8.29
C LYS A 17 8.24 3.97 7.46
N VAL A 18 7.89 3.54 6.26
CA VAL A 18 8.86 2.91 5.37
C VAL A 18 9.13 3.79 4.14
N SER A 19 10.15 3.43 3.38
CA SER A 19 10.53 4.19 2.19
C SER A 19 10.90 3.24 1.05
N LEU A 20 10.33 3.49 -0.13
CA LEU A 20 10.60 2.66 -1.30
C LEU A 20 10.78 3.54 -2.55
N THR A 21 11.59 3.06 -3.48
CA THR A 21 11.83 3.80 -4.73
C THR A 21 11.83 2.86 -5.92
N PHE A 22 11.10 3.23 -6.97
CA PHE A 22 11.02 2.43 -8.18
C PHE A 22 11.24 3.29 -9.42
N THR A 23 11.36 2.63 -10.57
CA THR A 23 11.58 3.34 -11.83
C THR A 23 10.35 3.24 -12.73
N THR A 24 10.06 4.32 -13.45
CA THR A 24 8.92 4.34 -14.35
C THR A 24 8.87 3.10 -15.22
N SER A 25 7.66 2.67 -15.56
CA SER A 25 7.47 1.48 -16.39
C SER A 25 7.95 0.22 -15.66
N GLU A 26 7.66 0.16 -14.37
CA GLU A 26 8.07 -0.98 -13.56
C GLU A 26 6.91 -1.47 -12.69
N ARG A 27 7.13 -2.58 -11.99
CA ARG A 27 6.10 -3.15 -11.12
C ARG A 27 6.35 -2.78 -9.67
N VAL A 28 5.33 -2.23 -9.02
CA VAL A 28 5.43 -1.83 -7.62
C VAL A 28 4.39 -2.54 -6.76
N VAL A 29 4.86 -3.39 -5.86
CA VAL A 29 3.96 -4.13 -4.98
C VAL A 29 4.34 -3.91 -3.51
N LEU A 30 3.42 -3.32 -2.75
CA LEU A 30 3.65 -3.06 -1.34
C LEU A 30 3.30 -4.28 -0.49
N THR A 31 3.37 -4.12 0.83
CA THR A 31 3.05 -5.20 1.75
C THR A 31 2.57 -4.66 3.09
N CYS A 32 1.58 -5.32 3.66
CA CYS A 32 1.02 -4.90 4.95
C CYS A 32 0.31 -6.07 5.63
N GLU A 33 0.51 -6.17 6.95
CA GLU A 33 -0.12 -7.25 7.72
C GLU A 33 -1.08 -6.67 8.75
N LEU A 34 -2.06 -7.49 9.14
CA LEU A 34 -3.06 -7.07 10.13
C LEU A 34 -3.23 -8.13 11.21
N SER A 35 -4.06 -7.82 12.21
CA SER A 35 -4.32 -8.75 13.30
C SER A 35 -5.73 -9.31 13.22
N ARG A 36 -6.36 -9.18 12.05
CA ARG A 36 -7.71 -9.67 11.83
C ARG A 36 -7.87 -10.22 10.42
N VAL A 37 -8.34 -11.45 10.32
CA VAL A 37 -8.54 -12.09 9.03
C VAL A 37 -9.88 -11.67 8.41
N ASP A 38 -9.89 -11.54 7.09
CA ASP A 38 -11.10 -11.14 6.37
C ASP A 38 -11.62 -9.81 6.89
N PHE A 39 -10.71 -8.85 7.05
CA PHE A 39 -11.08 -7.52 7.53
C PHE A 39 -11.05 -6.50 6.40
N PRO A 40 -12.02 -5.59 6.40
CA PRO A 40 -12.12 -4.53 5.38
C PRO A 40 -11.01 -3.50 5.51
N ALA A 41 -10.80 -2.73 4.44
CA ALA A 41 -9.77 -1.70 4.43
C ALA A 41 -9.82 -0.89 3.15
N THR A 42 -9.32 0.34 3.21
CA THR A 42 -9.30 1.22 2.05
C THR A 42 -7.93 1.85 1.85
N TRP A 43 -7.36 1.68 0.66
CA TRP A 43 -6.05 2.23 0.35
C TRP A 43 -6.15 3.72 0.02
N TYR A 44 -5.18 4.49 0.49
CA TYR A 44 -5.15 5.93 0.24
C TYR A 44 -3.78 6.38 -0.25
N LYS A 45 -3.78 7.21 -1.30
CA LYS A 45 -2.54 7.72 -1.87
C LYS A 45 -2.46 9.23 -1.72
N ASP A 46 -1.34 9.70 -1.17
CA ASP A 46 -1.14 11.13 -0.98
C ASP A 46 -2.33 11.77 -0.29
N GLY A 47 -2.99 11.01 0.57
CA GLY A 47 -4.15 11.50 1.28
C GLY A 47 -5.39 11.56 0.41
N GLN A 48 -5.45 10.68 -0.58
CA GLN A 48 -6.60 10.63 -1.49
C GLN A 48 -6.90 9.20 -1.90
N LYS A 49 -8.17 8.81 -1.78
CA LYS A 49 -8.60 7.45 -2.13
C LYS A 49 -7.95 7.02 -3.44
N VAL A 50 -7.72 5.72 -3.58
CA VAL A 50 -7.12 5.17 -4.79
C VAL A 50 -8.19 4.74 -5.78
N GLU A 51 -7.94 5.02 -7.06
CA GLU A 51 -8.88 4.65 -8.11
C GLU A 51 -8.60 3.25 -8.64
N GLU A 52 -9.22 2.26 -8.02
CA GLU A 52 -9.03 0.86 -8.43
C GLU A 52 -9.32 0.69 -9.92
N SER A 53 -8.38 0.05 -10.62
CA SER A 53 -8.53 -0.17 -12.06
C SER A 53 -7.44 -1.11 -12.57
N GLU A 54 -7.42 -1.31 -13.89
CA GLU A 54 -6.42 -2.18 -14.50
C GLU A 54 -5.01 -1.74 -14.14
N LEU A 55 -4.85 -0.44 -13.92
CA LEU A 55 -3.54 0.11 -13.57
C LEU A 55 -3.30 0.02 -12.07
N LEU A 56 -4.32 -0.40 -11.32
CA LEU A 56 -4.22 -0.53 -9.88
C LEU A 56 -4.82 -1.85 -9.41
N VAL A 57 -3.96 -2.77 -8.99
CA VAL A 57 -4.41 -4.08 -8.52
C VAL A 57 -4.35 -4.15 -6.99
N VAL A 58 -5.46 -4.51 -6.37
CA VAL A 58 -5.54 -4.62 -4.93
C VAL A 58 -5.78 -6.06 -4.50
N LYS A 59 -4.75 -6.69 -3.93
CA LYS A 59 -4.85 -8.07 -3.47
C LYS A 59 -5.10 -8.13 -1.97
N MET A 60 -6.03 -8.99 -1.56
CA MET A 60 -6.36 -9.15 -0.16
C MET A 60 -6.16 -10.59 0.30
N ASP A 61 -5.67 -10.76 1.52
CA ASP A 61 -5.43 -12.09 2.07
C ASP A 61 -5.59 -12.08 3.58
N GLY A 62 -5.91 -13.25 4.14
CA GLY A 62 -6.08 -13.37 5.58
C GLY A 62 -5.04 -12.57 6.35
N ARG A 63 -5.45 -11.44 6.91
CA ARG A 63 -4.56 -10.59 7.68
C ARG A 63 -3.34 -10.20 6.84
N LYS A 64 -3.58 -9.87 5.57
CA LYS A 64 -2.50 -9.49 4.67
C LYS A 64 -3.05 -8.67 3.50
N HIS A 65 -2.62 -7.42 3.40
CA HIS A 65 -3.06 -6.54 2.32
C HIS A 65 -1.87 -5.89 1.63
N ARG A 66 -1.89 -5.87 0.30
CA ARG A 66 -0.80 -5.27 -0.47
C ARG A 66 -1.35 -4.62 -1.75
N LEU A 67 -0.65 -3.59 -2.21
CA LEU A 67 -1.06 -2.88 -3.42
C LEU A 67 -0.08 -3.14 -4.56
N ILE A 68 -0.59 -3.71 -5.65
CA ILE A 68 0.24 -4.00 -6.81
C ILE A 68 -0.02 -3.01 -7.93
N LEU A 69 1.01 -2.75 -8.74
CA LEU A 69 0.91 -1.82 -9.84
C LEU A 69 1.67 -2.32 -11.06
N PRO A 70 0.94 -2.53 -12.17
CA PRO A 70 1.52 -3.02 -13.43
C PRO A 70 2.42 -1.98 -14.09
N GLU A 71 2.02 -0.71 -13.99
CA GLU A 71 2.78 0.37 -14.59
C GLU A 71 2.93 1.53 -13.61
N ALA A 72 4.07 1.58 -12.91
CA ALA A 72 4.34 2.63 -11.94
C ALA A 72 4.66 3.95 -12.64
N LYS A 73 3.64 4.76 -12.87
CA LYS A 73 3.80 6.05 -13.52
C LYS A 73 4.24 7.11 -12.53
N VAL A 74 4.89 8.15 -13.03
CA VAL A 74 5.37 9.24 -12.18
C VAL A 74 4.28 9.71 -11.23
N GLN A 75 3.03 9.48 -11.61
CA GLN A 75 1.89 9.88 -10.80
C GLN A 75 1.68 8.91 -9.64
N ASP A 76 1.91 7.63 -9.89
CA ASP A 76 1.76 6.60 -8.87
C ASP A 76 2.66 6.89 -7.68
N SER A 77 3.64 7.76 -7.87
CA SER A 77 4.57 8.12 -6.81
C SER A 77 3.86 8.89 -5.70
N GLY A 78 4.00 8.40 -4.46
CA GLY A 78 3.37 9.04 -3.33
C GLY A 78 3.35 8.16 -2.10
N GLU A 79 2.58 8.57 -1.09
CA GLU A 79 2.48 7.81 0.14
C GLU A 79 1.20 6.96 0.16
N PHE A 80 1.35 5.69 0.48
CA PHE A 80 0.21 4.78 0.53
C PHE A 80 -0.16 4.45 1.97
N GLU A 81 -1.44 4.17 2.20
CA GLU A 81 -1.92 3.83 3.54
C GLU A 81 -3.12 2.90 3.47
N CYS A 82 -3.06 1.81 4.24
CA CYS A 82 -4.14 0.83 4.25
C CYS A 82 -5.11 1.13 5.38
N ARG A 83 -5.92 2.17 5.20
CA ARG A 83 -6.90 2.56 6.21
C ARG A 83 -7.73 1.37 6.65
N THR A 84 -8.00 1.28 7.95
CA THR A 84 -8.79 0.19 8.50
C THR A 84 -9.47 0.59 9.81
N GLU A 85 -10.35 -0.27 10.30
CA GLU A 85 -11.07 0.00 11.53
C GLU A 85 -10.15 -0.19 12.75
N GLY A 86 -9.19 0.72 12.90
CA GLY A 86 -8.27 0.64 14.02
C GLY A 86 -7.06 1.52 13.83
N VAL A 87 -6.22 1.19 12.85
CA VAL A 87 -5.02 1.97 12.57
C VAL A 87 -4.73 2.01 11.08
N SER A 88 -3.68 2.74 10.69
CA SER A 88 -3.30 2.86 9.29
C SER A 88 -1.79 2.74 9.13
N ALA A 89 -1.37 2.29 7.95
CA ALA A 89 0.05 2.13 7.67
C ALA A 89 0.55 3.23 6.73
N PHE A 90 1.86 3.39 6.66
CA PHE A 90 2.47 4.40 5.80
C PHE A 90 3.57 3.80 4.95
N PHE A 91 3.41 3.89 3.63
CA PHE A 91 4.40 3.35 2.70
C PHE A 91 4.86 4.43 1.71
N GLY A 92 6.14 4.80 1.81
CA GLY A 92 6.68 5.82 0.92
C GLY A 92 7.08 5.25 -0.43
N VAL A 93 6.52 5.82 -1.49
CA VAL A 93 6.83 5.36 -2.84
C VAL A 93 7.32 6.52 -3.71
N THR A 94 8.31 6.26 -4.55
CA THR A 94 8.86 7.27 -5.44
C THR A 94 9.19 6.69 -6.81
N VAL A 95 8.48 7.13 -7.83
CA VAL A 95 8.70 6.66 -9.20
C VAL A 95 9.59 7.61 -9.97
N GLN A 96 10.88 7.26 -10.08
CA GLN A 96 11.83 8.10 -10.80
C GLN A 96 12.03 7.58 -12.23
N ASP A 97 11.80 8.46 -13.20
CA ASP A 97 11.96 8.10 -14.60
C ASP A 97 13.43 7.96 -14.97
N PRO A 98 13.75 6.91 -15.75
CA PRO A 98 15.13 6.64 -16.18
C PRO A 98 15.63 7.67 -17.20
N SER A 99 16.87 8.10 -17.03
CA SER A 99 17.46 9.09 -17.93
C SER A 99 17.33 8.63 -19.38
N GLY A 100 16.54 9.38 -20.16
CA GLY A 100 16.35 9.06 -21.56
C GLY A 100 16.78 10.17 -22.48
N PRO A 101 17.56 9.83 -23.52
CA PRO A 101 18.05 10.80 -24.49
C PRO A 101 16.94 11.33 -25.39
N SER A 102 16.24 12.35 -24.92
CA SER A 102 15.15 12.95 -25.67
C SER A 102 14.36 11.89 -26.42
N SER A 103 14.10 10.77 -25.76
CA SER A 103 13.36 9.67 -26.36
C SER A 103 11.90 9.68 -25.91
N GLY A 104 10.98 9.54 -26.87
CA GLY A 104 9.58 9.54 -26.56
C GLY A 104 8.93 8.18 -26.78
N GLY A 1 -14.53 -10.68 33.62
CA GLY A 1 -15.51 -9.77 33.07
C GLY A 1 -15.58 -9.83 31.56
N SER A 2 -16.39 -8.95 30.96
CA SER A 2 -16.54 -8.92 29.51
C SER A 2 -15.36 -8.22 28.86
N SER A 3 -15.01 -7.04 29.35
CA SER A 3 -13.90 -6.27 28.81
C SER A 3 -12.57 -6.95 29.12
N GLY A 4 -12.09 -7.76 28.17
CA GLY A 4 -10.84 -8.46 28.36
C GLY A 4 -9.65 -7.68 27.83
N SER A 5 -9.61 -7.48 26.51
CA SER A 5 -8.52 -6.74 25.89
C SER A 5 -9.06 -5.66 24.96
N SER A 6 -8.44 -4.49 25.00
CA SER A 6 -8.86 -3.37 24.16
C SER A 6 -8.05 -3.32 22.87
N GLY A 7 -8.73 -3.46 21.74
CA GLY A 7 -8.05 -3.42 20.45
C GLY A 7 -8.73 -4.30 19.42
N PRO A 8 -9.42 -3.68 18.47
CA PRO A 8 -10.13 -4.40 17.40
C PRO A 8 -9.16 -5.06 16.41
N VAL A 9 -8.18 -4.30 15.95
CA VAL A 9 -7.19 -4.81 15.01
C VAL A 9 -5.94 -3.94 14.99
N HIS A 10 -4.81 -4.54 15.32
CA HIS A 10 -3.54 -3.82 15.34
C HIS A 10 -2.60 -4.33 14.24
N ILE A 11 -1.98 -3.40 13.53
CA ILE A 11 -1.06 -3.74 12.45
C ILE A 11 0.24 -4.32 13.00
N LEU A 12 0.73 -5.37 12.33
CA LEU A 12 1.97 -6.01 12.75
C LEU A 12 3.15 -5.53 11.91
N SER A 13 2.88 -5.23 10.64
CA SER A 13 3.92 -4.76 9.73
C SER A 13 3.31 -3.98 8.57
N PRO A 14 4.01 -2.91 8.15
CA PRO A 14 5.29 -2.52 8.75
C PRO A 14 5.12 -1.96 10.16
N GLN A 15 6.24 -1.81 10.87
CA GLN A 15 6.21 -1.28 12.22
C GLN A 15 6.21 0.24 12.22
N ASP A 16 6.74 0.83 11.15
CA ASP A 16 6.81 2.28 11.03
C ASP A 16 6.89 2.69 9.56
N LYS A 17 7.02 3.99 9.32
CA LYS A 17 7.10 4.53 7.97
C LYS A 17 8.25 3.87 7.20
N VAL A 18 7.96 3.42 5.99
CA VAL A 18 8.96 2.78 5.15
C VAL A 18 9.33 3.66 3.96
N SER A 19 10.41 3.29 3.26
CA SER A 19 10.86 4.05 2.11
C SER A 19 11.24 3.12 0.97
N LEU A 20 10.65 3.36 -0.20
CA LEU A 20 10.92 2.54 -1.39
C LEU A 20 11.15 3.42 -2.61
N THR A 21 11.81 2.85 -3.61
CA THR A 21 12.10 3.58 -4.84
C THR A 21 11.97 2.67 -6.06
N PHE A 22 11.51 3.25 -7.17
CA PHE A 22 11.33 2.49 -8.40
C PHE A 22 11.49 3.39 -9.62
N THR A 23 11.49 2.79 -10.81
CA THR A 23 11.62 3.54 -12.05
C THR A 23 10.34 3.51 -12.86
N THR A 24 10.05 4.62 -13.54
CA THR A 24 8.85 4.72 -14.35
C THR A 24 8.63 3.47 -15.19
N SER A 25 7.38 3.07 -15.35
CA SER A 25 7.05 1.89 -16.13
C SER A 25 7.65 0.63 -15.50
N GLU A 26 7.45 0.48 -14.19
CA GLU A 26 7.97 -0.67 -13.46
C GLU A 26 6.87 -1.37 -12.68
N ARG A 27 7.22 -2.46 -12.02
CA ARG A 27 6.26 -3.22 -11.22
C ARG A 27 6.49 -3.00 -9.73
N VAL A 28 5.50 -2.44 -9.05
CA VAL A 28 5.60 -2.19 -7.62
C VAL A 28 4.59 -3.01 -6.84
N VAL A 29 5.04 -3.61 -5.74
CA VAL A 29 4.17 -4.42 -4.90
C VAL A 29 4.46 -4.20 -3.42
N LEU A 30 3.51 -3.59 -2.72
CA LEU A 30 3.66 -3.31 -1.30
C LEU A 30 3.24 -4.51 -0.46
N THR A 31 3.25 -4.35 0.86
CA THR A 31 2.87 -5.42 1.77
C THR A 31 2.41 -4.87 3.12
N CYS A 32 1.42 -5.51 3.71
CA CYS A 32 0.89 -5.08 5.00
C CYS A 32 0.21 -6.23 5.73
N GLU A 33 0.41 -6.31 7.04
CA GLU A 33 -0.16 -7.37 7.84
C GLU A 33 -1.15 -6.79 8.86
N LEU A 34 -2.15 -7.59 9.23
CA LEU A 34 -3.15 -7.16 10.19
C LEU A 34 -3.32 -8.20 11.30
N SER A 35 -4.10 -7.85 12.31
CA SER A 35 -4.33 -8.75 13.44
C SER A 35 -5.63 -9.52 13.25
N ARG A 36 -6.41 -9.14 12.25
CA ARG A 36 -7.67 -9.80 11.97
C ARG A 36 -7.69 -10.35 10.54
N VAL A 37 -8.21 -11.55 10.38
CA VAL A 37 -8.29 -12.19 9.06
C VAL A 37 -9.53 -11.74 8.31
N ASP A 38 -9.38 -11.53 7.00
CA ASP A 38 -10.49 -11.10 6.17
C ASP A 38 -11.13 -9.83 6.72
N PHE A 39 -10.29 -8.86 7.07
CA PHE A 39 -10.76 -7.60 7.61
C PHE A 39 -10.85 -6.53 6.53
N PRO A 40 -11.90 -5.71 6.58
CA PRO A 40 -12.13 -4.64 5.60
C PRO A 40 -11.12 -3.51 5.75
N ALA A 41 -10.78 -2.88 4.62
CA ALA A 41 -9.82 -1.77 4.63
C ALA A 41 -9.89 -0.98 3.32
N THR A 42 -9.03 0.02 3.20
CA THR A 42 -8.99 0.85 2.00
C THR A 42 -7.63 1.49 1.82
N TRP A 43 -7.18 1.60 0.57
CA TRP A 43 -5.89 2.21 0.26
C TRP A 43 -6.05 3.66 -0.12
N TYR A 44 -5.18 4.51 0.42
CA TYR A 44 -5.23 5.94 0.13
C TYR A 44 -3.86 6.46 -0.29
N LYS A 45 -3.86 7.43 -1.20
CA LYS A 45 -2.61 8.01 -1.71
C LYS A 45 -2.65 9.53 -1.61
N ASP A 46 -1.61 10.11 -1.00
CA ASP A 46 -1.52 11.55 -0.84
C ASP A 46 -2.79 12.10 -0.18
N GLY A 47 -3.46 11.27 0.61
CA GLY A 47 -4.67 11.69 1.28
C GLY A 47 -5.87 11.70 0.36
N GLN A 48 -5.85 10.84 -0.66
CA GLN A 48 -6.95 10.75 -1.62
C GLN A 48 -7.25 9.30 -1.97
N LYS A 49 -8.51 8.90 -1.82
CA LYS A 49 -8.92 7.55 -2.12
C LYS A 49 -8.38 7.09 -3.48
N VAL A 50 -7.73 5.93 -3.49
CA VAL A 50 -7.17 5.39 -4.72
C VAL A 50 -8.25 4.83 -5.63
N GLU A 51 -8.06 4.95 -6.94
CA GLU A 51 -9.02 4.46 -7.90
C GLU A 51 -8.58 3.12 -8.48
N GLU A 52 -9.27 2.05 -8.10
CA GLU A 52 -8.94 0.71 -8.57
C GLU A 52 -9.23 0.58 -10.06
N SER A 53 -8.24 0.10 -10.81
CA SER A 53 -8.39 -0.07 -12.26
C SER A 53 -7.34 -1.05 -12.79
N GLU A 54 -7.32 -1.22 -14.11
CA GLU A 54 -6.37 -2.12 -14.76
C GLU A 54 -4.93 -1.72 -14.42
N LEU A 55 -4.76 -0.49 -13.97
CA LEU A 55 -3.43 0.01 -13.61
C LEU A 55 -3.19 -0.11 -12.11
N LEU A 56 -4.24 -0.46 -11.38
CA LEU A 56 -4.13 -0.61 -9.92
C LEU A 56 -4.72 -1.94 -9.47
N VAL A 57 -3.85 -2.85 -9.04
CA VAL A 57 -4.29 -4.16 -8.58
C VAL A 57 -4.20 -4.27 -7.06
N VAL A 58 -5.31 -4.64 -6.44
CA VAL A 58 -5.36 -4.79 -4.99
C VAL A 58 -5.70 -6.22 -4.59
N LYS A 59 -4.80 -6.84 -3.81
CA LYS A 59 -5.01 -8.21 -3.37
C LYS A 59 -5.38 -8.24 -1.89
N MET A 60 -6.40 -9.04 -1.55
CA MET A 60 -6.86 -9.16 -0.18
C MET A 60 -6.88 -10.62 0.26
N ASP A 61 -5.93 -10.99 1.11
CA ASP A 61 -5.86 -12.37 1.60
C ASP A 61 -5.73 -12.39 3.13
N GLY A 62 -6.78 -12.86 3.79
CA GLY A 62 -6.77 -12.93 5.23
C GLY A 62 -6.30 -11.64 5.88
N ARG A 63 -5.36 -11.75 6.82
CA ARG A 63 -4.83 -10.57 7.50
C ARG A 63 -3.60 -10.04 6.78
N LYS A 64 -3.67 -10.00 5.45
CA LYS A 64 -2.56 -9.51 4.65
C LYS A 64 -3.07 -8.67 3.48
N HIS A 65 -2.74 -7.38 3.49
CA HIS A 65 -3.17 -6.48 2.44
C HIS A 65 -1.96 -5.89 1.71
N ARG A 66 -1.91 -6.09 0.40
CA ARG A 66 -0.81 -5.58 -0.41
C ARG A 66 -1.33 -4.99 -1.72
N LEU A 67 -0.63 -3.97 -2.22
CA LEU A 67 -1.02 -3.31 -3.46
C LEU A 67 0.01 -3.56 -4.55
N ILE A 68 -0.45 -3.88 -5.75
CA ILE A 68 0.43 -4.14 -6.88
C ILE A 68 0.21 -3.13 -8.00
N LEU A 69 1.23 -2.90 -8.79
CA LEU A 69 1.15 -1.95 -9.91
C LEU A 69 1.89 -2.48 -11.13
N PRO A 70 1.15 -2.69 -12.23
CA PRO A 70 1.72 -3.19 -13.49
C PRO A 70 2.62 -2.16 -14.16
N GLU A 71 2.20 -0.90 -14.12
CA GLU A 71 2.97 0.18 -14.73
C GLU A 71 3.09 1.37 -13.78
N ALA A 72 4.11 1.36 -12.94
CA ALA A 72 4.33 2.43 -11.98
C ALA A 72 4.75 3.72 -12.69
N LYS A 73 3.84 4.68 -12.77
CA LYS A 73 4.12 5.96 -13.41
C LYS A 73 4.63 6.98 -12.42
N VAL A 74 4.85 8.21 -12.88
CA VAL A 74 5.34 9.28 -12.03
C VAL A 74 4.23 9.81 -11.12
N GLN A 75 3.00 9.78 -11.62
CA GLN A 75 1.85 10.25 -10.86
C GLN A 75 1.49 9.28 -9.74
N ASP A 76 1.95 8.04 -9.89
CA ASP A 76 1.67 7.00 -8.89
C ASP A 76 2.62 7.14 -7.69
N SER A 77 3.66 7.95 -7.86
CA SER A 77 4.62 8.16 -6.80
C SER A 77 4.01 8.95 -5.64
N GLY A 78 3.99 8.35 -4.46
CA GLY A 78 3.43 9.00 -3.30
C GLY A 78 3.32 8.08 -2.10
N GLU A 79 2.80 8.60 -0.99
CA GLU A 79 2.64 7.81 0.23
C GLU A 79 1.30 7.08 0.24
N PHE A 80 1.35 5.79 0.55
CA PHE A 80 0.14 4.98 0.60
C PHE A 80 -0.26 4.67 2.04
N GLU A 81 -1.56 4.56 2.28
CA GLU A 81 -2.07 4.27 3.61
C GLU A 81 -3.25 3.31 3.56
N CYS A 82 -3.20 2.27 4.39
CA CYS A 82 -4.27 1.28 4.43
C CYS A 82 -5.15 1.47 5.66
N ARG A 83 -6.05 2.45 5.59
CA ARG A 83 -6.95 2.75 6.70
C ARG A 83 -7.81 1.52 7.04
N THR A 84 -8.08 1.34 8.32
CA THR A 84 -8.89 0.22 8.78
C THR A 84 -9.60 0.53 10.09
N GLU A 85 -10.43 -0.39 10.54
CA GLU A 85 -11.18 -0.20 11.79
C GLU A 85 -10.26 -0.37 13.00
N GLY A 86 -9.24 0.48 13.09
CA GLY A 86 -8.32 0.41 14.20
C GLY A 86 -7.10 1.31 14.01
N VAL A 87 -6.26 0.96 13.04
CA VAL A 87 -5.06 1.74 12.76
C VAL A 87 -4.83 1.85 11.25
N SER A 88 -3.74 2.52 10.88
CA SER A 88 -3.40 2.69 9.47
C SER A 88 -1.90 2.52 9.25
N ALA A 89 -1.51 2.25 8.00
CA ALA A 89 -0.12 2.07 7.66
C ALA A 89 0.40 3.22 6.82
N PHE A 90 1.70 3.20 6.52
CA PHE A 90 2.32 4.25 5.72
C PHE A 90 3.46 3.69 4.88
N PHE A 91 3.34 3.83 3.56
CA PHE A 91 4.36 3.34 2.64
C PHE A 91 4.80 4.44 1.67
N GLY A 92 6.10 4.69 1.64
CA GLY A 92 6.63 5.72 0.76
C GLY A 92 7.11 5.16 -0.57
N VAL A 93 6.59 5.72 -1.66
CA VAL A 93 6.96 5.28 -3.00
C VAL A 93 7.43 6.45 -3.86
N THR A 94 8.54 6.25 -4.56
CA THR A 94 9.09 7.28 -5.42
C THR A 94 9.47 6.72 -6.79
N VAL A 95 8.64 7.02 -7.80
CA VAL A 95 8.88 6.55 -9.15
C VAL A 95 9.72 7.55 -9.94
N GLN A 96 11.03 7.31 -10.00
CA GLN A 96 11.93 8.19 -10.72
C GLN A 96 12.11 7.72 -12.16
N ASP A 97 11.82 8.62 -13.10
CA ASP A 97 11.94 8.29 -14.52
C ASP A 97 13.40 8.04 -14.90
N PRO A 98 13.62 7.05 -15.77
CA PRO A 98 14.97 6.69 -16.23
C PRO A 98 15.58 7.74 -17.13
N SER A 99 16.90 7.65 -17.33
CA SER A 99 17.61 8.61 -18.17
C SER A 99 17.00 10.01 -18.03
N GLY A 100 16.82 10.45 -16.80
CA GLY A 100 16.25 11.77 -16.56
C GLY A 100 17.17 12.88 -16.99
N PRO A 101 16.57 13.99 -17.48
CA PRO A 101 17.34 15.15 -17.95
C PRO A 101 18.00 15.90 -16.79
N SER A 102 17.23 16.19 -15.75
CA SER A 102 17.75 16.90 -14.58
C SER A 102 18.77 16.05 -13.84
N SER A 103 19.45 16.66 -12.87
CA SER A 103 20.45 15.97 -12.08
C SER A 103 20.61 16.61 -10.71
N GLY A 104 20.11 15.92 -9.68
CA GLY A 104 20.20 16.45 -8.33
C GLY A 104 20.33 15.35 -7.29
N GLY A 1 2.03 -14.76 31.21
CA GLY A 1 1.31 -14.13 30.12
C GLY A 1 0.20 -13.21 30.62
N SER A 2 0.47 -11.91 30.63
CA SER A 2 -0.50 -10.93 31.09
C SER A 2 -0.85 -9.95 29.97
N SER A 3 -2.14 -9.88 29.64
CA SER A 3 -2.60 -8.98 28.58
C SER A 3 -3.13 -7.68 29.18
N GLY A 4 -3.12 -6.62 28.38
CA GLY A 4 -3.62 -5.33 28.83
C GLY A 4 -4.70 -4.77 27.94
N SER A 5 -4.36 -4.54 26.67
CA SER A 5 -5.31 -3.99 25.71
C SER A 5 -5.30 -4.80 24.42
N SER A 6 -6.06 -5.89 24.41
CA SER A 6 -6.15 -6.76 23.24
C SER A 6 -6.39 -5.94 21.98
N GLY A 7 -7.33 -5.01 22.06
CA GLY A 7 -7.65 -4.18 20.92
C GLY A 7 -8.35 -4.95 19.81
N PRO A 8 -9.08 -4.22 18.96
CA PRO A 8 -9.82 -4.82 17.84
C PRO A 8 -8.90 -5.35 16.75
N VAL A 9 -7.95 -4.53 16.32
CA VAL A 9 -7.00 -4.92 15.29
C VAL A 9 -5.91 -3.87 15.12
N HIS A 10 -4.66 -4.30 15.24
CA HIS A 10 -3.52 -3.40 15.10
C HIS A 10 -2.49 -3.98 14.14
N ILE A 11 -2.10 -3.18 13.16
CA ILE A 11 -1.12 -3.61 12.17
C ILE A 11 0.10 -4.25 12.84
N LEU A 12 0.70 -5.22 12.17
CA LEU A 12 1.87 -5.91 12.70
C LEU A 12 3.10 -5.64 11.83
N SER A 13 2.87 -5.53 10.52
CA SER A 13 3.96 -5.28 9.59
C SER A 13 3.45 -4.55 8.35
N PRO A 14 4.11 -3.43 8.01
CA PRO A 14 5.25 -2.91 8.78
C PRO A 14 4.83 -2.37 10.15
N GLN A 15 5.79 -1.82 10.87
CA GLN A 15 5.51 -1.26 12.20
C GLN A 15 5.29 0.25 12.12
N ASP A 16 6.04 0.92 11.25
CA ASP A 16 5.92 2.35 11.09
C ASP A 16 6.10 2.75 9.62
N LYS A 17 5.86 4.02 9.33
CA LYS A 17 5.99 4.53 7.96
C LYS A 17 7.30 4.06 7.33
N VAL A 18 7.21 3.55 6.11
CA VAL A 18 8.38 3.07 5.39
C VAL A 18 8.68 3.94 4.18
N SER A 19 9.86 3.74 3.59
CA SER A 19 10.27 4.52 2.43
C SER A 19 10.90 3.62 1.37
N LEU A 20 10.46 3.77 0.12
CA LEU A 20 10.99 2.98 -0.97
C LEU A 20 11.10 3.81 -2.25
N THR A 21 11.77 3.26 -3.26
CA THR A 21 11.94 3.95 -4.53
C THR A 21 11.88 2.98 -5.69
N PHE A 22 11.31 3.44 -6.81
CA PHE A 22 11.18 2.61 -8.00
C PHE A 22 11.48 3.42 -9.26
N THR A 23 11.52 2.74 -10.39
CA THR A 23 11.80 3.38 -11.67
C THR A 23 10.58 3.33 -12.59
N THR A 24 10.38 4.40 -13.35
CA THR A 24 9.25 4.48 -14.27
C THR A 24 9.11 3.20 -15.08
N SER A 25 7.87 2.83 -15.39
CA SER A 25 7.60 1.62 -16.17
C SER A 25 8.09 0.38 -15.42
N GLU A 26 7.73 0.29 -14.14
CA GLU A 26 8.13 -0.84 -13.32
C GLU A 26 6.95 -1.37 -12.52
N ARG A 27 7.18 -2.46 -11.79
CA ARG A 27 6.13 -3.08 -10.98
C ARG A 27 6.30 -2.73 -9.51
N VAL A 28 5.31 -2.02 -8.96
CA VAL A 28 5.35 -1.61 -7.56
C VAL A 28 4.29 -2.36 -6.75
N VAL A 29 4.75 -3.18 -5.81
CA VAL A 29 3.85 -3.95 -4.96
C VAL A 29 4.23 -3.81 -3.49
N LEU A 30 3.29 -3.30 -2.69
CA LEU A 30 3.53 -3.11 -1.27
C LEU A 30 3.06 -4.34 -0.47
N THR A 31 3.13 -4.23 0.85
CA THR A 31 2.71 -5.33 1.72
C THR A 31 2.30 -4.81 3.09
N CYS A 32 1.19 -5.31 3.61
CA CYS A 32 0.70 -4.90 4.92
C CYS A 32 0.09 -6.09 5.67
N GLU A 33 0.27 -6.10 6.99
CA GLU A 33 -0.26 -7.18 7.82
C GLU A 33 -1.24 -6.64 8.85
N LEU A 34 -2.21 -7.47 9.23
CA LEU A 34 -3.22 -7.07 10.21
C LEU A 34 -3.38 -8.14 11.29
N SER A 35 -4.15 -7.82 12.32
CA SER A 35 -4.38 -8.75 13.42
C SER A 35 -5.81 -9.25 13.41
N ARG A 36 -6.39 -9.35 12.22
CA ARG A 36 -7.76 -9.83 12.08
C ARG A 36 -8.03 -10.30 10.65
N VAL A 37 -8.29 -11.60 10.50
CA VAL A 37 -8.57 -12.17 9.20
C VAL A 37 -9.93 -11.75 8.68
N ASP A 38 -10.02 -11.53 7.37
CA ASP A 38 -11.27 -11.12 6.75
C ASP A 38 -11.73 -9.77 7.28
N PHE A 39 -10.79 -8.85 7.42
CA PHE A 39 -11.10 -7.51 7.93
C PHE A 39 -11.11 -6.50 6.79
N PRO A 40 -12.08 -5.57 6.85
CA PRO A 40 -12.23 -4.51 5.83
C PRO A 40 -11.10 -3.49 5.89
N ALA A 41 -10.80 -2.89 4.74
CA ALA A 41 -9.75 -1.88 4.66
C ALA A 41 -9.87 -1.06 3.38
N THR A 42 -9.09 0.01 3.29
CA THR A 42 -9.11 0.88 2.12
C THR A 42 -7.75 1.54 1.92
N TRP A 43 -7.36 1.69 0.66
CA TRP A 43 -6.09 2.31 0.31
C TRP A 43 -6.27 3.79 0.00
N TYR A 44 -5.40 4.62 0.56
CA TYR A 44 -5.47 6.06 0.34
C TYR A 44 -4.12 6.61 -0.09
N LYS A 45 -4.12 7.39 -1.16
CA LYS A 45 -2.89 7.99 -1.68
C LYS A 45 -2.96 9.51 -1.62
N ASP A 46 -1.95 10.12 -1.02
CA ASP A 46 -1.90 11.58 -0.90
C ASP A 46 -3.20 12.13 -0.33
N GLY A 47 -3.77 11.40 0.63
CA GLY A 47 -5.02 11.84 1.23
C GLY A 47 -6.18 11.80 0.26
N GLN A 48 -6.19 10.80 -0.61
CA GLN A 48 -7.26 10.66 -1.60
C GLN A 48 -7.50 9.19 -1.93
N LYS A 49 -8.74 8.75 -1.73
CA LYS A 49 -9.11 7.37 -2.01
C LYS A 49 -8.55 6.91 -3.36
N VAL A 50 -8.16 5.64 -3.44
CA VAL A 50 -7.61 5.08 -4.67
C VAL A 50 -8.69 4.39 -5.48
N GLU A 51 -8.52 4.39 -6.80
CA GLU A 51 -9.49 3.76 -7.69
C GLU A 51 -9.00 2.40 -8.14
N GLU A 52 -9.89 1.40 -8.12
CA GLU A 52 -9.54 0.05 -8.52
C GLU A 52 -9.68 -0.12 -10.03
N SER A 53 -8.57 -0.44 -10.69
CA SER A 53 -8.57 -0.62 -12.14
C SER A 53 -7.36 -1.42 -12.59
N GLU A 54 -7.30 -1.74 -13.87
CA GLU A 54 -6.18 -2.51 -14.42
C GLU A 54 -4.85 -1.89 -14.02
N LEU A 55 -4.82 -0.57 -13.91
CA LEU A 55 -3.61 0.14 -13.53
C LEU A 55 -3.36 0.03 -12.03
N LEU A 56 -4.41 -0.26 -11.28
CA LEU A 56 -4.30 -0.38 -9.83
C LEU A 56 -4.88 -1.72 -9.35
N VAL A 57 -3.99 -2.63 -8.96
CA VAL A 57 -4.42 -3.94 -8.48
C VAL A 57 -4.36 -4.02 -6.96
N VAL A 58 -5.45 -4.52 -6.37
CA VAL A 58 -5.53 -4.64 -4.92
C VAL A 58 -5.88 -6.07 -4.50
N LYS A 59 -4.98 -6.69 -3.74
CA LYS A 59 -5.19 -8.06 -3.27
C LYS A 59 -5.69 -8.07 -1.83
N MET A 60 -6.36 -9.15 -1.46
CA MET A 60 -6.88 -9.30 -0.10
C MET A 60 -6.79 -10.75 0.37
N ASP A 61 -5.97 -10.97 1.39
CA ASP A 61 -5.80 -12.32 1.94
C ASP A 61 -5.91 -12.31 3.46
N GLY A 62 -7.04 -12.79 3.97
CA GLY A 62 -7.25 -12.82 5.40
C GLY A 62 -6.82 -11.54 6.09
N ARG A 63 -5.64 -11.57 6.70
CA ARG A 63 -5.12 -10.39 7.40
C ARG A 63 -3.87 -9.86 6.69
N LYS A 64 -3.88 -9.90 5.37
CA LYS A 64 -2.75 -9.43 4.58
C LYS A 64 -3.22 -8.63 3.37
N HIS A 65 -3.00 -7.32 3.40
CA HIS A 65 -3.41 -6.46 2.30
C HIS A 65 -2.20 -5.86 1.59
N ARG A 66 -2.24 -5.82 0.27
CA ARG A 66 -1.14 -5.28 -0.52
C ARG A 66 -1.65 -4.69 -1.83
N LEU A 67 -0.98 -3.65 -2.31
CA LEU A 67 -1.36 -3.00 -3.55
C LEU A 67 -0.32 -3.25 -4.64
N ILE A 68 -0.76 -3.83 -5.75
CA ILE A 68 0.14 -4.11 -6.86
C ILE A 68 -0.06 -3.11 -8.00
N LEU A 69 1.02 -2.82 -8.72
CA LEU A 69 0.97 -1.87 -9.83
C LEU A 69 1.71 -2.42 -11.04
N PRO A 70 0.99 -2.58 -12.15
CA PRO A 70 1.56 -3.10 -13.40
C PRO A 70 2.52 -2.10 -14.06
N GLU A 71 2.18 -0.82 -13.96
CA GLU A 71 3.01 0.23 -14.54
C GLU A 71 3.22 1.37 -13.55
N ALA A 72 4.47 1.57 -13.14
CA ALA A 72 4.81 2.62 -12.20
C ALA A 72 5.05 3.94 -12.92
N LYS A 73 4.03 4.80 -12.92
CA LYS A 73 4.15 6.11 -13.57
C LYS A 73 4.61 7.17 -12.58
N VAL A 74 5.33 8.16 -13.09
CA VAL A 74 5.84 9.24 -12.26
C VAL A 74 4.75 9.81 -11.36
N GLN A 75 3.52 9.80 -11.86
CA GLN A 75 2.39 10.31 -11.10
C GLN A 75 2.12 9.45 -9.87
N ASP A 76 2.26 8.14 -10.03
CA ASP A 76 2.04 7.21 -8.93
C ASP A 76 3.03 7.46 -7.80
N SER A 77 4.01 8.32 -8.05
CA SER A 77 5.00 8.65 -7.05
C SER A 77 4.39 9.40 -5.87
N GLY A 78 4.11 8.67 -4.80
CA GLY A 78 3.52 9.29 -3.62
C GLY A 78 3.44 8.34 -2.44
N GLU A 79 2.85 8.81 -1.35
CA GLU A 79 2.72 7.99 -0.15
C GLU A 79 1.45 7.13 -0.21
N PHE A 80 1.59 5.87 0.16
CA PHE A 80 0.46 4.94 0.15
C PHE A 80 0.02 4.60 1.57
N GLU A 81 -1.26 4.83 1.85
CA GLU A 81 -1.81 4.55 3.18
C GLU A 81 -2.79 3.38 3.13
N CYS A 82 -2.79 2.57 4.17
CA CYS A 82 -3.67 1.41 4.25
C CYS A 82 -4.49 1.43 5.54
N ARG A 83 -5.71 1.94 5.45
CA ARG A 83 -6.59 2.02 6.60
C ARG A 83 -7.36 0.71 6.80
N THR A 84 -7.61 0.36 8.06
CA THR A 84 -8.33 -0.88 8.37
C THR A 84 -9.42 -0.61 9.40
N GLU A 85 -9.02 -0.45 10.65
CA GLU A 85 -9.97 -0.20 11.73
C GLU A 85 -9.74 1.18 12.35
N GLY A 86 -8.61 1.32 13.04
CA GLY A 86 -8.30 2.60 13.68
C GLY A 86 -6.93 3.11 13.28
N VAL A 87 -6.08 2.21 12.79
CA VAL A 87 -4.74 2.58 12.38
C VAL A 87 -4.54 2.36 10.89
N SER A 88 -3.37 2.73 10.38
CA SER A 88 -3.05 2.57 8.96
C SER A 88 -1.54 2.54 8.74
N ALA A 89 -1.12 1.87 7.67
CA ALA A 89 0.29 1.77 7.34
C ALA A 89 0.66 2.73 6.22
N PHE A 90 1.80 3.41 6.38
CA PHE A 90 2.27 4.37 5.38
C PHE A 90 3.48 3.83 4.64
N PHE A 91 3.38 3.77 3.31
CA PHE A 91 4.47 3.27 2.48
C PHE A 91 4.94 4.34 1.50
N GLY A 92 6.18 4.78 1.67
CA GLY A 92 6.73 5.79 0.80
C GLY A 92 7.09 5.25 -0.57
N VAL A 93 6.44 5.77 -1.61
CA VAL A 93 6.69 5.33 -2.98
C VAL A 93 7.14 6.50 -3.86
N THR A 94 8.29 6.35 -4.49
CA THR A 94 8.82 7.39 -5.37
C THR A 94 9.36 6.80 -6.67
N VAL A 95 8.69 7.11 -7.77
CA VAL A 95 9.11 6.61 -9.08
C VAL A 95 9.97 7.63 -9.82
N GLN A 96 11.22 7.27 -10.07
CA GLN A 96 12.14 8.16 -10.77
C GLN A 96 12.44 7.64 -12.18
N ASP A 97 12.25 8.51 -13.16
CA ASP A 97 12.49 8.15 -14.56
C ASP A 97 13.98 7.94 -14.82
N PRO A 98 14.31 6.85 -15.51
CA PRO A 98 15.70 6.51 -15.85
C PRO A 98 16.31 7.46 -16.86
N SER A 99 17.63 7.51 -16.91
CA SER A 99 18.34 8.38 -17.84
C SER A 99 18.58 7.70 -19.17
N GLY A 100 17.71 7.98 -20.14
CA GLY A 100 17.83 7.37 -21.45
C GLY A 100 16.74 7.83 -22.41
N PRO A 101 16.49 7.02 -23.45
CA PRO A 101 15.48 7.33 -24.46
C PRO A 101 14.05 7.21 -23.91
N SER A 102 13.15 8.02 -24.43
CA SER A 102 11.76 8.02 -23.99
C SER A 102 10.82 7.81 -25.17
N SER A 103 9.85 6.91 -24.99
CA SER A 103 8.89 6.62 -26.05
C SER A 103 7.92 7.78 -26.23
N GLY A 104 7.60 8.08 -27.49
CA GLY A 104 6.69 9.17 -27.79
C GLY A 104 7.38 10.53 -27.75
N GLY A 1 -20.92 -1.36 32.82
CA GLY A 1 -20.52 -0.44 31.77
C GLY A 1 -19.02 -0.43 31.57
N SER A 2 -18.47 -1.55 31.13
CA SER A 2 -17.04 -1.67 30.91
C SER A 2 -16.54 -0.54 30.01
N SER A 3 -15.26 -0.20 30.16
CA SER A 3 -14.66 0.87 29.37
C SER A 3 -13.15 0.88 29.52
N GLY A 4 -12.45 1.17 28.42
CA GLY A 4 -11.00 1.20 28.46
C GLY A 4 -10.39 0.94 27.10
N SER A 5 -9.09 1.23 26.97
CA SER A 5 -8.38 1.03 25.71
C SER A 5 -8.84 -0.26 25.03
N SER A 6 -9.38 -0.13 23.83
CA SER A 6 -9.86 -1.28 23.07
C SER A 6 -8.99 -1.52 21.85
N GLY A 7 -8.68 -2.78 21.58
CA GLY A 7 -7.86 -3.13 20.43
C GLY A 7 -8.50 -4.20 19.57
N PRO A 8 -9.38 -3.78 18.65
CA PRO A 8 -10.08 -4.70 17.74
C PRO A 8 -9.14 -5.31 16.71
N VAL A 9 -8.34 -4.46 16.06
CA VAL A 9 -7.40 -4.91 15.04
C VAL A 9 -6.24 -3.94 14.89
N HIS A 10 -5.02 -4.46 14.98
CA HIS A 10 -3.83 -3.64 14.86
C HIS A 10 -2.91 -4.17 13.76
N ILE A 11 -2.01 -3.33 13.30
CA ILE A 11 -1.06 -3.70 12.24
C ILE A 11 0.20 -4.33 12.83
N LEU A 12 0.68 -5.38 12.17
CA LEU A 12 1.88 -6.07 12.64
C LEU A 12 3.10 -5.69 11.78
N SER A 13 2.87 -5.53 10.48
CA SER A 13 3.94 -5.17 9.56
C SER A 13 3.39 -4.33 8.40
N PRO A 14 4.08 -3.22 8.11
CA PRO A 14 5.29 -2.81 8.82
C PRO A 14 5.00 -2.36 10.24
N GLN A 15 5.99 -1.75 10.89
CA GLN A 15 5.83 -1.26 12.25
C GLN A 15 5.86 0.26 12.29
N ASP A 16 6.46 0.86 11.27
CA ASP A 16 6.56 2.31 11.19
C ASP A 16 6.75 2.76 9.74
N LYS A 17 6.83 4.07 9.55
CA LYS A 17 7.01 4.64 8.21
C LYS A 17 8.14 3.93 7.48
N VAL A 18 7.89 3.57 6.22
CA VAL A 18 8.89 2.90 5.40
C VAL A 18 9.30 3.76 4.21
N SER A 19 10.14 3.20 3.34
CA SER A 19 10.61 3.91 2.16
C SER A 19 10.95 2.94 1.04
N LEU A 20 10.58 3.32 -0.19
CA LEU A 20 10.83 2.48 -1.35
C LEU A 20 11.08 3.33 -2.59
N THR A 21 11.78 2.77 -3.57
CA THR A 21 12.08 3.47 -4.80
C THR A 21 11.93 2.55 -6.01
N PHE A 22 11.53 3.13 -7.14
CA PHE A 22 11.35 2.35 -8.36
C PHE A 22 11.58 3.23 -9.59
N THR A 23 11.58 2.60 -10.77
CA THR A 23 11.80 3.33 -12.01
C THR A 23 10.52 3.34 -12.85
N THR A 24 10.25 4.48 -13.49
CA THR A 24 9.07 4.63 -14.32
C THR A 24 8.87 3.41 -15.22
N SER A 25 7.61 3.08 -15.50
CA SER A 25 7.30 1.93 -16.34
C SER A 25 7.80 0.63 -15.72
N GLU A 26 7.56 0.48 -14.42
CA GLU A 26 7.98 -0.71 -13.70
C GLU A 26 6.81 -1.32 -12.92
N ARG A 27 7.08 -2.43 -12.23
CA ARG A 27 6.07 -3.11 -11.45
C ARG A 27 6.28 -2.88 -9.96
N VAL A 28 5.35 -2.17 -9.33
CA VAL A 28 5.43 -1.88 -7.90
C VAL A 28 4.39 -2.66 -7.12
N VAL A 29 4.82 -3.29 -6.03
CA VAL A 29 3.92 -4.06 -5.19
C VAL A 29 4.24 -3.87 -3.71
N LEU A 30 3.32 -3.21 -2.99
CA LEU A 30 3.50 -2.96 -1.57
C LEU A 30 3.18 -4.20 -0.75
N THR A 31 3.23 -4.07 0.57
CA THR A 31 2.95 -5.18 1.47
C THR A 31 2.52 -4.68 2.85
N CYS A 32 1.61 -5.42 3.48
CA CYS A 32 1.12 -5.05 4.81
C CYS A 32 0.45 -6.24 5.48
N GLU A 33 0.42 -6.22 6.82
CA GLU A 33 -0.19 -7.30 7.58
C GLU A 33 -1.15 -6.74 8.63
N LEU A 34 -2.13 -7.55 9.01
CA LEU A 34 -3.12 -7.14 10.01
C LEU A 34 -3.22 -8.18 11.13
N SER A 35 -3.97 -7.83 12.17
CA SER A 35 -4.15 -8.73 13.31
C SER A 35 -5.39 -9.58 13.14
N ARG A 36 -6.28 -9.17 12.24
CA ARG A 36 -7.51 -9.89 11.98
C ARG A 36 -7.62 -10.27 10.51
N VAL A 37 -8.09 -11.48 10.23
CA VAL A 37 -8.25 -11.95 8.86
C VAL A 37 -9.59 -11.51 8.29
N ASP A 38 -9.80 -11.81 7.00
CA ASP A 38 -11.03 -11.43 6.32
C ASP A 38 -11.56 -10.10 6.83
N PHE A 39 -10.64 -9.17 7.09
CA PHE A 39 -11.01 -7.84 7.58
C PHE A 39 -10.96 -6.81 6.46
N PRO A 40 -11.94 -5.89 6.46
CA PRO A 40 -12.03 -4.85 5.44
C PRO A 40 -10.93 -3.80 5.59
N ALA A 41 -10.69 -3.04 4.52
CA ALA A 41 -9.66 -2.02 4.53
C ALA A 41 -9.71 -1.17 3.26
N THR A 42 -9.20 0.05 3.33
CA THR A 42 -9.19 0.94 2.19
C THR A 42 -7.82 1.59 2.01
N TRP A 43 -7.34 1.59 0.76
CA TRP A 43 -6.04 2.18 0.45
C TRP A 43 -6.17 3.67 0.13
N TYR A 44 -5.30 4.47 0.73
CA TYR A 44 -5.31 5.91 0.50
C TYR A 44 -3.96 6.40 -0.01
N LYS A 45 -4.00 7.40 -0.87
CA LYS A 45 -2.77 7.97 -1.44
C LYS A 45 -2.77 9.49 -1.32
N ASP A 46 -1.70 10.03 -0.74
CA ASP A 46 -1.57 11.47 -0.56
C ASP A 46 -2.85 12.07 0.00
N GLY A 47 -3.55 11.28 0.82
CA GLY A 47 -4.78 11.75 1.42
C GLY A 47 -5.96 11.66 0.46
N GLN A 48 -5.93 10.68 -0.43
CA GLN A 48 -6.99 10.49 -1.40
C GLN A 48 -7.24 9.00 -1.66
N LYS A 49 -8.46 8.55 -1.38
CA LYS A 49 -8.82 7.15 -1.57
C LYS A 49 -8.51 6.71 -3.00
N VAL A 50 -7.96 5.51 -3.14
CA VAL A 50 -7.61 4.96 -4.45
C VAL A 50 -8.78 4.17 -5.03
N GLU A 51 -8.89 4.20 -6.36
CA GLU A 51 -9.96 3.48 -7.04
C GLU A 51 -9.41 2.30 -7.83
N GLU A 52 -9.78 1.09 -7.40
CA GLU A 52 -9.32 -0.12 -8.06
C GLU A 52 -9.54 -0.04 -9.57
N SER A 53 -8.49 -0.33 -10.34
CA SER A 53 -8.56 -0.27 -11.79
C SER A 53 -7.48 -1.16 -12.43
N GLU A 54 -7.41 -1.14 -13.75
CA GLU A 54 -6.42 -1.92 -14.47
C GLU A 54 -5.01 -1.49 -14.10
N LEU A 55 -4.84 -0.21 -13.82
CA LEU A 55 -3.53 0.33 -13.46
C LEU A 55 -3.32 0.26 -11.95
N LEU A 56 -4.32 -0.24 -11.24
CA LEU A 56 -4.24 -0.36 -9.79
C LEU A 56 -4.87 -1.67 -9.32
N VAL A 57 -4.03 -2.61 -8.92
CA VAL A 57 -4.49 -3.91 -8.45
C VAL A 57 -4.39 -4.01 -6.94
N VAL A 58 -5.48 -4.43 -6.30
CA VAL A 58 -5.52 -4.57 -4.85
C VAL A 58 -5.85 -6.01 -4.44
N LYS A 59 -4.87 -6.69 -3.86
CA LYS A 59 -5.05 -8.07 -3.42
C LYS A 59 -5.33 -8.13 -1.93
N MET A 60 -5.94 -9.23 -1.49
CA MET A 60 -6.27 -9.40 -0.08
C MET A 60 -6.20 -10.89 0.31
N ASP A 61 -5.27 -11.22 1.19
CA ASP A 61 -5.10 -12.59 1.64
C ASP A 61 -5.48 -12.73 3.12
N GLY A 62 -6.61 -12.15 3.49
CA GLY A 62 -7.07 -12.21 4.86
C GLY A 62 -6.38 -11.20 5.75
N ARG A 63 -5.24 -11.60 6.33
CA ARG A 63 -4.49 -10.72 7.21
C ARG A 63 -3.32 -10.07 6.46
N LYS A 64 -3.44 -9.97 5.15
CA LYS A 64 -2.41 -9.38 4.32
C LYS A 64 -3.01 -8.54 3.20
N HIS A 65 -2.62 -7.27 3.13
CA HIS A 65 -3.11 -6.36 2.12
C HIS A 65 -1.97 -5.70 1.36
N ARG A 66 -1.83 -6.03 0.08
CA ARG A 66 -0.78 -5.48 -0.75
C ARG A 66 -1.34 -4.93 -2.06
N LEU A 67 -0.79 -3.80 -2.50
CA LEU A 67 -1.23 -3.17 -3.74
C LEU A 67 -0.21 -3.36 -4.85
N ILE A 68 -0.64 -3.96 -5.95
CA ILE A 68 0.24 -4.20 -7.10
C ILE A 68 0.03 -3.15 -8.18
N LEU A 69 1.07 -2.91 -8.97
CA LEU A 69 1.00 -1.93 -10.05
C LEU A 69 1.72 -2.43 -11.29
N PRO A 70 0.98 -2.57 -12.40
CA PRO A 70 1.54 -3.04 -13.67
C PRO A 70 2.47 -2.02 -14.31
N GLU A 71 2.11 -0.75 -14.19
CA GLU A 71 2.92 0.32 -14.76
C GLU A 71 3.09 1.46 -13.77
N ALA A 72 4.24 1.51 -13.12
CA ALA A 72 4.54 2.55 -12.14
C ALA A 72 5.06 3.81 -12.81
N LYS A 73 4.20 4.82 -12.93
CA LYS A 73 4.57 6.08 -13.55
C LYS A 73 4.91 7.13 -12.50
N VAL A 74 5.47 8.25 -12.95
CA VAL A 74 5.85 9.32 -12.05
C VAL A 74 4.68 9.74 -11.16
N GLN A 75 3.47 9.63 -11.71
CA GLN A 75 2.26 10.00 -10.97
C GLN A 75 2.00 9.01 -9.84
N ASP A 76 2.25 7.73 -10.11
CA ASP A 76 2.03 6.69 -9.11
C ASP A 76 2.88 6.95 -7.86
N SER A 77 3.97 7.69 -8.04
CA SER A 77 4.86 8.00 -6.93
C SER A 77 4.13 8.78 -5.84
N GLY A 78 4.01 8.18 -4.67
CA GLY A 78 3.34 8.83 -3.56
C GLY A 78 3.30 7.96 -2.31
N GLU A 79 2.64 8.47 -1.27
CA GLU A 79 2.54 7.73 -0.01
C GLU A 79 1.22 6.98 0.08
N PHE A 80 1.29 5.69 0.38
CA PHE A 80 0.09 4.87 0.50
C PHE A 80 -0.20 4.52 1.96
N GLU A 81 -1.46 4.23 2.25
CA GLU A 81 -1.87 3.89 3.61
C GLU A 81 -3.07 2.94 3.59
N CYS A 82 -3.05 1.97 4.49
CA CYS A 82 -4.14 1.00 4.59
C CYS A 82 -5.00 1.27 5.82
N ARG A 83 -5.95 2.19 5.67
CA ARG A 83 -6.85 2.54 6.77
C ARG A 83 -7.73 1.35 7.16
N THR A 84 -7.83 1.10 8.45
CA THR A 84 -8.64 0.00 8.96
C THR A 84 -9.30 0.36 10.29
N GLU A 85 -10.17 -0.52 10.76
CA GLU A 85 -10.87 -0.30 12.02
C GLU A 85 -9.92 -0.46 13.21
N GLY A 86 -8.97 0.47 13.34
CA GLY A 86 -8.02 0.41 14.42
C GLY A 86 -6.83 1.32 14.20
N VAL A 87 -6.02 1.00 13.19
CA VAL A 87 -4.83 1.79 12.87
C VAL A 87 -4.63 1.87 11.36
N SER A 88 -3.54 2.54 10.96
CA SER A 88 -3.23 2.70 9.55
C SER A 88 -1.73 2.63 9.32
N ALA A 89 -1.34 2.12 8.15
CA ALA A 89 0.07 2.00 7.80
C ALA A 89 0.50 3.12 6.87
N PHE A 90 1.82 3.28 6.71
CA PHE A 90 2.37 4.31 5.84
C PHE A 90 3.52 3.76 4.99
N PHE A 91 3.38 3.88 3.68
CA PHE A 91 4.40 3.39 2.75
C PHE A 91 4.86 4.51 1.82
N GLY A 92 6.17 4.75 1.82
CA GLY A 92 6.72 5.79 0.96
C GLY A 92 7.28 5.25 -0.33
N VAL A 93 6.68 5.64 -1.45
CA VAL A 93 7.12 5.18 -2.76
C VAL A 93 7.67 6.34 -3.59
N THR A 94 8.62 6.04 -4.46
CA THR A 94 9.23 7.04 -5.32
C THR A 94 9.57 6.48 -6.69
N VAL A 95 8.91 6.99 -7.72
CA VAL A 95 9.14 6.53 -9.08
C VAL A 95 10.01 7.53 -9.85
N GLN A 96 11.31 7.25 -9.92
CA GLN A 96 12.24 8.12 -10.63
C GLN A 96 12.25 7.80 -12.12
N ASP A 97 12.02 8.82 -12.94
CA ASP A 97 12.00 8.66 -14.39
C ASP A 97 13.39 8.33 -14.91
N PRO A 98 13.47 7.28 -15.74
CA PRO A 98 14.73 6.84 -16.33
C PRO A 98 15.27 7.82 -17.36
N SER A 99 16.45 8.37 -17.09
CA SER A 99 17.08 9.33 -17.99
C SER A 99 18.59 9.29 -17.88
N GLY A 100 19.24 8.71 -18.88
CA GLY A 100 20.69 8.61 -18.87
C GLY A 100 21.19 7.36 -19.57
N PRO A 101 22.37 7.46 -20.20
CA PRO A 101 22.98 6.34 -20.93
C PRO A 101 23.46 5.24 -19.99
N SER A 102 23.33 5.48 -18.69
CA SER A 102 23.76 4.51 -17.69
C SER A 102 23.27 3.10 -18.05
N SER A 103 24.19 2.25 -18.46
CA SER A 103 23.85 0.88 -18.83
C SER A 103 22.95 0.24 -17.79
N GLY A 104 21.88 -0.40 -18.26
CA GLY A 104 20.95 -1.05 -17.35
C GLY A 104 19.58 -1.26 -17.97
N GLY A 1 -10.80 -13.86 29.34
CA GLY A 1 -10.06 -14.68 28.39
C GLY A 1 -8.70 -15.10 28.91
N SER A 2 -7.77 -15.37 28.00
CA SER A 2 -6.43 -15.79 28.38
C SER A 2 -5.38 -14.93 27.70
N SER A 3 -5.38 -14.93 26.38
CA SER A 3 -4.41 -14.15 25.61
C SER A 3 -4.63 -12.65 25.83
N GLY A 4 -3.94 -12.10 26.80
CA GLY A 4 -4.07 -10.68 27.09
C GLY A 4 -3.88 -9.81 25.87
N SER A 5 -4.90 -9.05 25.53
CA SER A 5 -4.85 -8.17 24.36
C SER A 5 -6.00 -7.16 24.38
N SER A 6 -5.88 -6.13 23.55
CA SER A 6 -6.91 -5.10 23.48
C SER A 6 -6.94 -4.47 22.09
N GLY A 7 -8.10 -3.94 21.72
CA GLY A 7 -8.24 -3.31 20.42
C GLY A 7 -8.93 -4.23 19.41
N PRO A 8 -9.67 -3.62 18.47
CA PRO A 8 -10.38 -4.37 17.43
C PRO A 8 -9.44 -5.00 16.42
N VAL A 9 -8.50 -4.21 15.92
CA VAL A 9 -7.54 -4.70 14.94
C VAL A 9 -6.37 -3.73 14.80
N HIS A 10 -5.15 -4.26 14.87
CA HIS A 10 -3.95 -3.44 14.74
C HIS A 10 -3.03 -3.99 13.65
N ILE A 11 -2.08 -3.16 13.21
CA ILE A 11 -1.13 -3.57 12.18
C ILE A 11 0.11 -4.20 12.79
N LEU A 12 0.59 -5.28 12.17
CA LEU A 12 1.78 -5.98 12.65
C LEU A 12 2.97 -5.66 11.77
N SER A 13 2.73 -5.48 10.48
CA SER A 13 3.79 -5.18 9.52
C SER A 13 3.26 -4.39 8.34
N PRO A 14 3.93 -3.29 8.00
CA PRO A 14 5.13 -2.84 8.73
C PRO A 14 4.79 -2.34 10.12
N GLN A 15 5.82 -1.91 10.85
CA GLN A 15 5.64 -1.40 12.21
C GLN A 15 5.64 0.12 12.22
N ASP A 16 6.46 0.71 11.36
CA ASP A 16 6.55 2.17 11.27
C ASP A 16 6.72 2.61 9.82
N LYS A 17 6.71 3.92 9.61
CA LYS A 17 6.86 4.48 8.27
C LYS A 17 7.98 3.77 7.51
N VAL A 18 7.82 3.65 6.20
CA VAL A 18 8.82 3.00 5.35
C VAL A 18 9.24 3.91 4.21
N SER A 19 10.15 3.41 3.38
CA SER A 19 10.65 4.18 2.25
C SER A 19 11.08 3.26 1.11
N LEU A 20 10.42 3.41 -0.04
CA LEU A 20 10.73 2.58 -1.21
C LEU A 20 10.92 3.45 -2.45
N THR A 21 11.65 2.93 -3.43
CA THR A 21 11.90 3.65 -4.66
C THR A 21 11.84 2.72 -5.87
N PHE A 22 11.54 3.28 -7.04
CA PHE A 22 11.45 2.50 -8.26
C PHE A 22 11.63 3.39 -9.49
N THR A 23 11.69 2.77 -10.66
CA THR A 23 11.86 3.50 -11.91
C THR A 23 10.58 3.48 -12.75
N THR A 24 10.30 4.58 -13.43
CA THR A 24 9.12 4.69 -14.27
C THR A 24 8.97 3.46 -15.16
N SER A 25 7.72 3.07 -15.42
CA SER A 25 7.44 1.92 -16.25
C SER A 25 7.97 0.64 -15.61
N GLU A 26 7.70 0.48 -14.31
CA GLU A 26 8.15 -0.70 -13.58
C GLU A 26 7.02 -1.32 -12.79
N ARG A 27 7.30 -2.42 -12.10
CA ARG A 27 6.30 -3.12 -11.31
C ARG A 27 6.53 -2.87 -9.82
N VAL A 28 5.56 -2.23 -9.17
CA VAL A 28 5.66 -1.94 -7.75
C VAL A 28 4.59 -2.69 -6.96
N VAL A 29 5.02 -3.40 -5.92
CA VAL A 29 4.11 -4.17 -5.08
C VAL A 29 4.38 -3.92 -3.61
N LEU A 30 3.36 -3.51 -2.87
CA LEU A 30 3.49 -3.24 -1.45
C LEU A 30 3.08 -4.46 -0.63
N THR A 31 3.10 -4.32 0.70
CA THR A 31 2.74 -5.40 1.59
C THR A 31 2.33 -4.87 2.96
N CYS A 32 1.33 -5.50 3.56
CA CYS A 32 0.84 -5.10 4.87
C CYS A 32 0.26 -6.28 5.63
N GLU A 33 0.21 -6.17 6.95
CA GLU A 33 -0.31 -7.23 7.79
C GLU A 33 -1.22 -6.67 8.88
N LEU A 34 -2.23 -7.45 9.27
CA LEU A 34 -3.18 -7.03 10.30
C LEU A 34 -3.27 -8.08 11.41
N SER A 35 -3.98 -7.74 12.47
CA SER A 35 -4.15 -8.64 13.60
C SER A 35 -5.35 -9.56 13.38
N ARG A 36 -6.30 -9.10 12.58
CA ARG A 36 -7.49 -9.88 12.28
C ARG A 36 -7.54 -10.29 10.81
N VAL A 37 -8.07 -11.47 10.54
CA VAL A 37 -8.18 -11.97 9.17
C VAL A 37 -9.53 -11.63 8.56
N ASP A 38 -9.58 -11.60 7.24
CA ASP A 38 -10.82 -11.29 6.53
C ASP A 38 -11.43 -10.00 7.05
N PHE A 39 -10.60 -8.98 7.21
CA PHE A 39 -11.06 -7.68 7.70
C PHE A 39 -11.07 -6.64 6.58
N PRO A 40 -12.11 -5.81 6.56
CA PRO A 40 -12.26 -4.75 5.56
C PRO A 40 -11.24 -3.63 5.73
N ALA A 41 -10.91 -2.97 4.63
CA ALA A 41 -9.94 -1.88 4.66
C ALA A 41 -10.04 -1.01 3.41
N THR A 42 -9.32 0.10 3.40
CA THR A 42 -9.35 1.01 2.26
C THR A 42 -7.96 1.61 2.01
N TRP A 43 -7.51 1.54 0.77
CA TRP A 43 -6.20 2.07 0.40
C TRP A 43 -6.30 3.53 0.00
N TYR A 44 -5.50 4.38 0.65
CA TYR A 44 -5.50 5.81 0.36
C TYR A 44 -4.13 6.27 -0.13
N LYS A 45 -4.14 7.14 -1.14
CA LYS A 45 -2.90 7.66 -1.70
C LYS A 45 -2.90 9.19 -1.72
N ASP A 46 -1.82 9.78 -1.24
CA ASP A 46 -1.70 11.24 -1.21
C ASP A 46 -2.93 11.86 -0.54
N GLY A 47 -3.48 11.18 0.45
CA GLY A 47 -4.65 11.69 1.15
C GLY A 47 -5.87 11.73 0.26
N GLN A 48 -6.01 10.73 -0.61
CA GLN A 48 -7.15 10.66 -1.52
C GLN A 48 -7.45 9.22 -1.91
N LYS A 49 -8.70 8.81 -1.73
CA LYS A 49 -9.12 7.46 -2.07
C LYS A 49 -8.54 7.03 -3.40
N VAL A 50 -8.11 5.77 -3.48
CA VAL A 50 -7.52 5.23 -4.70
C VAL A 50 -8.62 4.72 -5.64
N GLU A 51 -8.31 4.67 -6.93
CA GLU A 51 -9.25 4.21 -7.93
C GLU A 51 -8.88 2.81 -8.43
N GLU A 52 -9.65 1.81 -8.01
CA GLU A 52 -9.41 0.44 -8.41
C GLU A 52 -9.55 0.26 -9.91
N SER A 53 -8.46 -0.12 -10.57
CA SER A 53 -8.46 -0.30 -12.01
C SER A 53 -7.31 -1.20 -12.45
N GLU A 54 -7.18 -1.40 -13.76
CA GLU A 54 -6.12 -2.23 -14.30
C GLU A 54 -4.74 -1.71 -13.89
N LEU A 55 -4.63 -0.39 -13.77
CA LEU A 55 -3.37 0.25 -13.39
C LEU A 55 -3.16 0.15 -11.89
N LEU A 56 -4.22 -0.19 -11.16
CA LEU A 56 -4.15 -0.31 -9.70
C LEU A 56 -4.79 -1.61 -9.24
N VAL A 57 -3.95 -2.55 -8.82
CA VAL A 57 -4.43 -3.84 -8.34
C VAL A 57 -4.38 -3.92 -6.81
N VAL A 58 -5.51 -4.29 -6.21
CA VAL A 58 -5.60 -4.40 -4.77
C VAL A 58 -5.87 -5.84 -4.35
N LYS A 59 -4.83 -6.51 -3.87
CA LYS A 59 -4.95 -7.90 -3.43
C LYS A 59 -5.05 -7.99 -1.91
N MET A 60 -5.78 -8.98 -1.42
CA MET A 60 -5.95 -9.16 0.02
C MET A 60 -6.00 -10.64 0.37
N ASP A 61 -5.25 -11.03 1.39
CA ASP A 61 -5.21 -12.43 1.83
C ASP A 61 -5.51 -12.53 3.32
N GLY A 62 -6.80 -12.50 3.65
CA GLY A 62 -7.22 -12.60 5.04
C GLY A 62 -6.73 -11.43 5.87
N ARG A 63 -5.49 -11.51 6.35
CA ARG A 63 -4.92 -10.45 7.17
C ARG A 63 -3.66 -9.88 6.50
N LYS A 64 -3.67 -9.84 5.18
CA LYS A 64 -2.53 -9.32 4.43
C LYS A 64 -3.01 -8.49 3.23
N HIS A 65 -2.75 -7.18 3.29
CA HIS A 65 -3.14 -6.28 2.21
C HIS A 65 -1.92 -5.74 1.47
N ARG A 66 -1.91 -5.91 0.16
CA ARG A 66 -0.81 -5.44 -0.67
C ARG A 66 -1.31 -4.76 -1.93
N LEU A 67 -0.60 -3.73 -2.37
CA LEU A 67 -0.98 -2.99 -3.57
C LEU A 67 0.01 -3.23 -4.69
N ILE A 68 -0.46 -3.83 -5.78
CA ILE A 68 0.39 -4.11 -6.92
C ILE A 68 0.18 -3.09 -8.05
N LEU A 69 1.22 -2.85 -8.82
CA LEU A 69 1.15 -1.89 -9.92
C LEU A 69 1.86 -2.43 -11.16
N PRO A 70 1.10 -2.60 -12.25
CA PRO A 70 1.62 -3.11 -13.52
C PRO A 70 2.55 -2.11 -14.21
N GLU A 71 2.20 -0.83 -14.12
CA GLU A 71 2.99 0.22 -14.73
C GLU A 71 3.16 1.40 -13.78
N ALA A 72 4.26 1.40 -13.02
CA ALA A 72 4.54 2.46 -12.07
C ALA A 72 5.03 3.72 -12.79
N LYS A 73 4.12 4.68 -12.95
CA LYS A 73 4.47 5.94 -13.61
C LYS A 73 4.83 7.02 -12.59
N VAL A 74 5.41 8.11 -13.08
CA VAL A 74 5.81 9.21 -12.22
C VAL A 74 4.64 9.70 -11.38
N GLN A 75 3.42 9.47 -11.87
CA GLN A 75 2.22 9.89 -11.17
C GLN A 75 1.90 8.94 -10.02
N ASP A 76 2.34 7.70 -10.14
CA ASP A 76 2.11 6.70 -9.09
C ASP A 76 2.94 7.00 -7.86
N SER A 77 4.04 7.72 -8.06
CA SER A 77 4.93 8.07 -6.95
C SER A 77 4.18 8.83 -5.86
N GLY A 78 3.87 8.13 -4.78
CA GLY A 78 3.15 8.75 -3.68
C GLY A 78 3.14 7.89 -2.43
N GLU A 79 2.49 8.39 -1.38
CA GLU A 79 2.42 7.66 -0.12
C GLU A 79 1.07 6.93 0.00
N PHE A 80 1.12 5.67 0.39
CA PHE A 80 -0.08 4.86 0.54
C PHE A 80 -0.39 4.62 2.02
N GLU A 81 -1.66 4.40 2.32
CA GLU A 81 -2.09 4.16 3.70
C GLU A 81 -3.30 3.23 3.74
N CYS A 82 -3.22 2.19 4.55
CA CYS A 82 -4.30 1.22 4.68
C CYS A 82 -5.15 1.52 5.91
N ARG A 83 -6.09 2.45 5.76
CA ARG A 83 -6.97 2.83 6.86
C ARG A 83 -7.85 1.66 7.29
N THR A 84 -7.90 1.40 8.60
CA THR A 84 -8.70 0.31 9.12
C THR A 84 -9.35 0.69 10.45
N GLU A 85 -10.18 -0.19 10.98
CA GLU A 85 -10.86 0.05 12.25
C GLU A 85 -9.88 -0.04 13.41
N GLY A 86 -9.02 0.96 13.54
CA GLY A 86 -8.04 0.97 14.62
C GLY A 86 -6.85 1.85 14.32
N VAL A 87 -6.06 1.46 13.33
CA VAL A 87 -4.87 2.22 12.94
C VAL A 87 -4.68 2.21 11.42
N SER A 88 -3.61 2.84 10.96
CA SER A 88 -3.32 2.91 9.53
C SER A 88 -1.82 2.78 9.28
N ALA A 89 -1.47 2.30 8.10
CA ALA A 89 -0.07 2.13 7.73
C ALA A 89 0.38 3.24 6.79
N PHE A 90 1.68 3.28 6.51
CA PHE A 90 2.25 4.29 5.62
C PHE A 90 3.35 3.69 4.75
N PHE A 91 3.20 3.84 3.43
CA PHE A 91 4.18 3.32 2.49
C PHE A 91 4.63 4.40 1.52
N GLY A 92 5.91 4.76 1.59
CA GLY A 92 6.44 5.79 0.71
C GLY A 92 7.02 5.21 -0.56
N VAL A 93 6.40 5.53 -1.70
CA VAL A 93 6.87 5.04 -2.99
C VAL A 93 7.30 6.20 -3.89
N THR A 94 8.48 6.07 -4.49
CA THR A 94 9.00 7.10 -5.38
C THR A 94 9.40 6.51 -6.73
N VAL A 95 8.79 7.03 -7.79
CA VAL A 95 9.08 6.55 -9.14
C VAL A 95 9.96 7.54 -9.90
N GLN A 96 11.26 7.26 -9.94
CA GLN A 96 12.20 8.13 -10.64
C GLN A 96 12.30 7.77 -12.12
N ASP A 97 12.07 8.75 -12.98
CA ASP A 97 12.14 8.55 -14.42
C ASP A 97 13.56 8.25 -14.87
N PRO A 98 13.72 7.20 -15.70
CA PRO A 98 15.04 6.79 -16.21
C PRO A 98 15.60 7.79 -17.20
N SER A 99 16.93 7.93 -17.21
CA SER A 99 17.59 8.86 -18.11
C SER A 99 18.43 8.10 -19.15
N GLY A 100 19.18 7.11 -18.68
CA GLY A 100 20.02 6.33 -19.57
C GLY A 100 19.23 5.68 -20.69
N PRO A 101 19.84 5.62 -21.88
CA PRO A 101 19.21 5.03 -23.06
C PRO A 101 19.05 3.51 -22.94
N SER A 102 19.48 2.97 -21.80
CA SER A 102 19.40 1.53 -21.57
C SER A 102 20.26 0.77 -22.56
N SER A 103 21.45 1.29 -22.84
CA SER A 103 22.37 0.66 -23.77
C SER A 103 23.15 -0.47 -23.10
N GLY A 104 23.34 -1.57 -23.82
CA GLY A 104 24.06 -2.71 -23.27
C GLY A 104 23.38 -4.02 -23.57
N GLY A 1 -6.13 -15.14 35.08
CA GLY A 1 -7.07 -14.33 34.31
C GLY A 1 -6.88 -12.85 34.53
N SER A 2 -5.91 -12.27 33.81
CA SER A 2 -5.62 -10.85 33.92
C SER A 2 -6.12 -10.09 32.70
N SER A 3 -6.53 -8.85 32.90
CA SER A 3 -7.04 -8.02 31.81
C SER A 3 -5.94 -7.76 30.78
N GLY A 4 -6.35 -7.33 29.59
CA GLY A 4 -5.39 -7.04 28.53
C GLY A 4 -5.84 -7.58 27.20
N SER A 5 -4.96 -7.48 26.19
CA SER A 5 -5.27 -7.96 24.85
C SER A 5 -6.43 -7.17 24.25
N SER A 6 -6.41 -5.85 24.43
CA SER A 6 -7.46 -4.99 23.90
C SER A 6 -7.19 -4.64 22.45
N GLY A 7 -8.13 -3.91 21.84
CA GLY A 7 -7.97 -3.51 20.45
C GLY A 7 -8.55 -4.53 19.48
N PRO A 8 -9.40 -4.04 18.57
CA PRO A 8 -10.06 -4.90 17.57
C PRO A 8 -9.08 -5.42 16.53
N VAL A 9 -8.29 -4.53 15.96
CA VAL A 9 -7.31 -4.90 14.95
C VAL A 9 -6.10 -3.97 14.97
N HIS A 10 -4.91 -4.55 15.05
CA HIS A 10 -3.68 -3.77 15.09
C HIS A 10 -2.69 -4.27 14.04
N ILE A 11 -2.09 -3.33 13.30
CA ILE A 11 -1.12 -3.69 12.27
C ILE A 11 0.15 -4.27 12.88
N LEU A 12 0.75 -5.22 12.18
CA LEU A 12 1.97 -5.87 12.65
C LEU A 12 3.16 -5.49 11.77
N SER A 13 2.90 -5.25 10.49
CA SER A 13 3.94 -4.87 9.56
C SER A 13 3.37 -4.07 8.39
N PRO A 14 4.05 -2.98 8.02
CA PRO A 14 5.30 -2.57 8.69
C PRO A 14 5.04 -2.05 10.11
N GLN A 15 6.12 -1.70 10.80
CA GLN A 15 6.02 -1.20 12.17
C GLN A 15 5.94 0.32 12.17
N ASP A 16 6.65 0.95 11.25
CA ASP A 16 6.67 2.41 11.15
C ASP A 16 6.83 2.85 9.71
N LYS A 17 6.80 4.16 9.49
CA LYS A 17 6.94 4.72 8.15
C LYS A 17 8.09 4.04 7.40
N VAL A 18 7.80 3.61 6.17
CA VAL A 18 8.80 2.95 5.34
C VAL A 18 9.20 3.82 4.16
N SER A 19 10.08 3.29 3.32
CA SER A 19 10.55 4.03 2.15
C SER A 19 10.97 3.07 1.03
N LEU A 20 10.53 3.36 -0.18
CA LEU A 20 10.86 2.53 -1.33
C LEU A 20 11.09 3.38 -2.58
N THR A 21 11.80 2.82 -3.55
CA THR A 21 12.09 3.53 -4.80
C THR A 21 11.96 2.60 -5.99
N PHE A 22 11.64 3.18 -7.15
CA PHE A 22 11.49 2.40 -8.38
C PHE A 22 11.71 3.28 -9.61
N THR A 23 11.78 2.64 -10.77
CA THR A 23 12.00 3.35 -12.02
C THR A 23 10.73 3.41 -12.86
N THR A 24 10.58 4.47 -13.64
CA THR A 24 9.41 4.64 -14.49
C THR A 24 9.14 3.38 -15.31
N SER A 25 7.86 3.08 -15.52
CA SER A 25 7.46 1.90 -16.28
C SER A 25 7.94 0.63 -15.59
N GLU A 26 7.69 0.55 -14.28
CA GLU A 26 8.09 -0.62 -13.51
C GLU A 26 6.90 -1.20 -12.73
N ARG A 27 7.12 -2.33 -12.08
CA ARG A 27 6.07 -2.98 -11.31
C ARG A 27 6.27 -2.75 -9.82
N VAL A 28 5.27 -2.16 -9.17
CA VAL A 28 5.34 -1.88 -7.74
C VAL A 28 4.26 -2.64 -6.98
N VAL A 29 4.66 -3.28 -5.88
CA VAL A 29 3.73 -4.05 -5.06
C VAL A 29 4.01 -3.85 -3.58
N LEU A 30 3.12 -3.16 -2.89
CA LEU A 30 3.27 -2.90 -1.46
C LEU A 30 2.89 -4.12 -0.65
N THR A 31 2.90 -3.98 0.67
CA THR A 31 2.54 -5.07 1.57
C THR A 31 2.16 -4.56 2.95
N CYS A 32 1.21 -5.24 3.58
CA CYS A 32 0.74 -4.84 4.91
C CYS A 32 0.16 -6.03 5.66
N GLU A 33 0.24 -5.99 6.99
CA GLU A 33 -0.28 -7.06 7.82
C GLU A 33 -1.22 -6.53 8.88
N LEU A 34 -2.18 -7.35 9.30
CA LEU A 34 -3.15 -6.96 10.31
C LEU A 34 -3.32 -8.06 11.36
N SER A 35 -4.02 -7.74 12.43
CA SER A 35 -4.26 -8.70 13.50
C SER A 35 -5.69 -9.23 13.46
N ARG A 36 -6.22 -9.37 12.24
CA ARG A 36 -7.58 -9.86 12.06
C ARG A 36 -7.78 -10.37 10.63
N VAL A 37 -8.10 -11.66 10.51
CA VAL A 37 -8.33 -12.26 9.20
C VAL A 37 -9.66 -11.83 8.61
N ASP A 38 -9.70 -11.69 7.29
CA ASP A 38 -10.91 -11.28 6.60
C ASP A 38 -11.42 -9.95 7.15
N PHE A 39 -10.53 -8.98 7.25
CA PHE A 39 -10.90 -7.66 7.76
C PHE A 39 -10.91 -6.63 6.64
N PRO A 40 -11.91 -5.72 6.69
CA PRO A 40 -12.06 -4.66 5.69
C PRO A 40 -10.97 -3.61 5.78
N ALA A 41 -10.71 -2.92 4.67
CA ALA A 41 -9.70 -1.89 4.63
C ALA A 41 -9.73 -1.13 3.30
N THR A 42 -9.35 0.14 3.34
CA THR A 42 -9.34 0.98 2.15
C THR A 42 -7.98 1.65 1.95
N TRP A 43 -7.45 1.55 0.74
CA TRP A 43 -6.16 2.15 0.42
C TRP A 43 -6.32 3.62 0.05
N TYR A 44 -5.46 4.46 0.61
CA TYR A 44 -5.51 5.89 0.34
C TYR A 44 -4.15 6.40 -0.14
N LYS A 45 -4.18 7.35 -1.07
CA LYS A 45 -2.96 7.93 -1.62
C LYS A 45 -3.03 9.46 -1.63
N ASP A 46 -2.02 10.09 -1.06
CA ASP A 46 -1.96 11.55 -1.00
C ASP A 46 -3.26 12.11 -0.45
N GLY A 47 -3.84 11.41 0.52
CA GLY A 47 -5.09 11.86 1.13
C GLY A 47 -6.26 11.77 0.18
N GLN A 48 -6.26 10.73 -0.65
CA GLN A 48 -7.34 10.52 -1.62
C GLN A 48 -7.55 9.04 -1.88
N LYS A 49 -8.75 8.55 -1.56
CA LYS A 49 -9.09 7.15 -1.76
C LYS A 49 -8.65 6.68 -3.14
N VAL A 50 -8.12 5.46 -3.21
CA VAL A 50 -7.66 4.90 -4.47
C VAL A 50 -8.77 4.09 -5.15
N GLU A 51 -8.82 4.16 -6.47
CA GLU A 51 -9.83 3.44 -7.24
C GLU A 51 -9.23 2.21 -7.91
N GLU A 52 -9.52 1.03 -7.36
CA GLU A 52 -9.01 -0.21 -7.92
C GLU A 52 -9.30 -0.31 -9.41
N SER A 53 -8.26 -0.25 -10.23
CA SER A 53 -8.40 -0.33 -11.67
C SER A 53 -7.29 -1.16 -12.29
N GLU A 54 -7.27 -1.23 -13.62
CA GLU A 54 -6.26 -1.99 -14.33
C GLU A 54 -4.86 -1.47 -14.03
N LEU A 55 -4.76 -0.16 -13.79
CA LEU A 55 -3.48 0.47 -13.47
C LEU A 55 -3.21 0.42 -11.97
N LEU A 56 -4.23 0.11 -11.20
CA LEU A 56 -4.10 0.02 -9.74
C LEU A 56 -4.73 -1.25 -9.21
N VAL A 57 -3.90 -2.25 -8.94
CA VAL A 57 -4.37 -3.53 -8.41
C VAL A 57 -4.13 -3.63 -6.92
N VAL A 58 -4.97 -4.39 -6.24
CA VAL A 58 -4.84 -4.58 -4.79
C VAL A 58 -5.46 -5.91 -4.36
N LYS A 59 -4.68 -6.72 -3.67
CA LYS A 59 -5.15 -8.01 -3.19
C LYS A 59 -5.42 -7.97 -1.69
N MET A 60 -6.12 -8.99 -1.18
CA MET A 60 -6.45 -9.06 0.23
C MET A 60 -6.44 -10.51 0.72
N ASP A 61 -5.39 -10.88 1.45
CA ASP A 61 -5.25 -12.23 1.97
C ASP A 61 -5.51 -12.25 3.48
N GLY A 62 -6.69 -12.70 3.86
CA GLY A 62 -7.04 -12.77 5.27
C GLY A 62 -6.71 -11.49 6.02
N ARG A 63 -5.52 -11.43 6.60
CA ARG A 63 -5.09 -10.26 7.35
C ARG A 63 -3.85 -9.63 6.71
N LYS A 64 -3.81 -9.65 5.38
CA LYS A 64 -2.68 -9.08 4.65
C LYS A 64 -3.17 -8.32 3.42
N HIS A 65 -2.91 -7.02 3.40
CA HIS A 65 -3.32 -6.17 2.27
C HIS A 65 -2.09 -5.66 1.52
N ARG A 66 -2.20 -5.64 0.19
CA ARG A 66 -1.11 -5.18 -0.66
C ARG A 66 -1.63 -4.62 -1.97
N LEU A 67 -1.01 -3.54 -2.44
CA LEU A 67 -1.42 -2.89 -3.68
C LEU A 67 -0.38 -3.11 -4.77
N ILE A 68 -0.81 -3.71 -5.87
CA ILE A 68 0.08 -3.97 -7.00
C ILE A 68 -0.06 -2.91 -8.07
N LEU A 69 0.97 -2.76 -8.90
CA LEU A 69 0.96 -1.78 -9.97
C LEU A 69 1.69 -2.30 -11.20
N PRO A 70 0.97 -2.42 -12.32
CA PRO A 70 1.52 -2.91 -13.58
C PRO A 70 2.50 -1.92 -14.20
N GLU A 71 2.18 -0.63 -14.13
CA GLU A 71 3.03 0.41 -14.68
C GLU A 71 3.19 1.55 -13.70
N ALA A 72 4.34 1.61 -13.03
CA ALA A 72 4.63 2.67 -12.07
C ALA A 72 5.00 3.97 -12.78
N LYS A 73 4.03 4.85 -12.93
CA LYS A 73 4.26 6.13 -13.59
C LYS A 73 4.73 7.18 -12.58
N VAL A 74 5.47 8.17 -13.07
CA VAL A 74 5.99 9.23 -12.21
C VAL A 74 4.89 9.79 -11.32
N GLN A 75 3.66 9.73 -11.78
CA GLN A 75 2.51 10.24 -11.02
C GLN A 75 2.12 9.26 -9.93
N ASP A 76 2.32 7.97 -10.19
CA ASP A 76 1.98 6.93 -9.23
C ASP A 76 2.81 7.08 -7.95
N SER A 77 3.94 7.77 -8.07
CA SER A 77 4.83 7.99 -6.93
C SER A 77 4.14 8.83 -5.87
N GLY A 78 4.11 8.32 -4.64
CA GLY A 78 3.48 9.04 -3.55
C GLY A 78 3.46 8.25 -2.26
N GLU A 79 2.48 8.53 -1.40
CA GLU A 79 2.36 7.83 -0.13
C GLU A 79 1.06 7.03 -0.07
N PHE A 80 1.17 5.76 0.32
CA PHE A 80 0.01 4.90 0.42
C PHE A 80 -0.37 4.65 1.88
N GLU A 81 -1.65 4.35 2.11
CA GLU A 81 -2.14 4.10 3.46
C GLU A 81 -3.28 3.09 3.45
N CYS A 82 -3.17 2.08 4.31
CA CYS A 82 -4.19 1.04 4.40
C CYS A 82 -5.13 1.28 5.56
N ARG A 83 -6.01 2.27 5.40
CA ARG A 83 -6.97 2.62 6.44
C ARG A 83 -7.83 1.41 6.81
N THR A 84 -8.00 1.19 8.11
CA THR A 84 -8.80 0.07 8.59
C THR A 84 -9.43 0.39 9.94
N GLU A 85 -10.40 -0.43 10.35
CA GLU A 85 -11.09 -0.23 11.62
C GLU A 85 -10.14 -0.45 12.79
N GLY A 86 -9.28 0.53 13.04
CA GLY A 86 -8.33 0.41 14.13
C GLY A 86 -7.12 1.32 13.95
N VAL A 87 -6.26 0.95 13.01
CA VAL A 87 -5.05 1.73 12.73
C VAL A 87 -4.82 1.87 11.23
N SER A 88 -3.79 2.63 10.86
CA SER A 88 -3.46 2.84 9.46
C SER A 88 -1.95 2.76 9.24
N ALA A 89 -1.56 2.28 8.07
CA ALA A 89 -0.14 2.15 7.73
C ALA A 89 0.29 3.26 6.78
N PHE A 90 1.57 3.26 6.41
CA PHE A 90 2.12 4.26 5.51
C PHE A 90 3.28 3.70 4.70
N PHE A 91 3.20 3.84 3.38
CA PHE A 91 4.25 3.35 2.50
C PHE A 91 4.73 4.45 1.56
N GLY A 92 6.01 4.78 1.64
CA GLY A 92 6.57 5.82 0.79
C GLY A 92 7.15 5.25 -0.50
N VAL A 93 6.62 5.70 -1.62
CA VAL A 93 7.09 5.24 -2.93
C VAL A 93 7.60 6.40 -3.77
N THR A 94 8.65 6.15 -4.54
CA THR A 94 9.24 7.17 -5.40
C THR A 94 9.66 6.59 -6.74
N VAL A 95 8.98 7.01 -7.80
CA VAL A 95 9.28 6.54 -9.15
C VAL A 95 10.15 7.53 -9.90
N GLN A 96 11.39 7.14 -10.17
CA GLN A 96 12.33 7.99 -10.89
C GLN A 96 12.54 7.50 -12.32
N ASP A 97 12.33 8.39 -13.28
CA ASP A 97 12.50 8.04 -14.69
C ASP A 97 13.97 7.73 -15.00
N PRO A 98 14.20 6.69 -15.82
CA PRO A 98 15.55 6.28 -16.20
C PRO A 98 16.22 7.29 -17.14
N SER A 99 17.52 7.48 -16.96
CA SER A 99 18.27 8.40 -17.79
C SER A 99 18.65 7.78 -19.13
N GLY A 100 18.08 8.29 -20.21
CA GLY A 100 18.37 7.76 -21.53
C GLY A 100 17.17 7.78 -22.44
N PRO A 101 17.39 8.11 -23.72
CA PRO A 101 16.33 8.17 -24.73
C PRO A 101 15.76 6.79 -25.07
N SER A 102 14.61 6.77 -25.73
CA SER A 102 13.97 5.52 -26.10
C SER A 102 14.87 4.71 -27.03
N SER A 103 15.54 3.72 -26.47
CA SER A 103 16.45 2.87 -27.24
C SER A 103 17.26 3.70 -28.24
N GLY A 104 17.69 4.87 -27.79
CA GLY A 104 18.47 5.75 -28.65
C GLY A 104 17.84 7.11 -28.82
N GLY A 1 -6.80 -11.52 36.44
CA GLY A 1 -6.90 -11.76 35.01
C GLY A 1 -6.87 -10.47 34.21
N SER A 2 -5.76 -10.23 33.53
CA SER A 2 -5.60 -9.02 32.72
C SER A 2 -6.57 -9.03 31.54
N SER A 3 -6.88 -7.83 31.04
CA SER A 3 -7.79 -7.70 29.91
C SER A 3 -7.38 -8.62 28.76
N GLY A 4 -6.09 -8.58 28.41
CA GLY A 4 -5.59 -9.41 27.33
C GLY A 4 -5.79 -8.77 25.97
N SER A 5 -6.97 -8.98 25.39
CA SER A 5 -7.28 -8.42 24.07
C SER A 5 -6.81 -6.98 23.97
N SER A 6 -6.07 -6.67 22.90
CA SER A 6 -5.56 -5.33 22.69
C SER A 6 -6.25 -4.66 21.50
N GLY A 7 -7.28 -3.87 21.81
CA GLY A 7 -8.01 -3.18 20.77
C GLY A 7 -8.65 -4.13 19.78
N PRO A 8 -9.41 -3.59 18.83
CA PRO A 8 -10.09 -4.38 17.80
C PRO A 8 -9.13 -5.01 16.81
N VAL A 9 -8.24 -4.18 16.26
CA VAL A 9 -7.25 -4.65 15.29
C VAL A 9 -6.13 -3.62 15.11
N HIS A 10 -4.89 -4.11 15.11
CA HIS A 10 -3.73 -3.24 14.94
C HIS A 10 -2.73 -3.84 13.96
N ILE A 11 -2.30 -3.04 13.00
CA ILE A 11 -1.34 -3.50 11.99
C ILE A 11 -0.11 -4.12 12.66
N LEU A 12 0.51 -5.07 11.97
CA LEU A 12 1.69 -5.74 12.49
C LEU A 12 2.92 -5.43 11.62
N SER A 13 2.69 -5.31 10.31
CA SER A 13 3.76 -5.02 9.38
C SER A 13 3.25 -4.22 8.18
N PRO A 14 3.97 -3.14 7.84
CA PRO A 14 5.20 -2.74 8.55
C PRO A 14 4.90 -2.22 9.95
N GLN A 15 5.95 -1.86 10.67
CA GLN A 15 5.81 -1.33 12.03
C GLN A 15 5.82 0.19 12.02
N ASP A 16 6.66 0.77 11.17
CA ASP A 16 6.77 2.22 11.07
C ASP A 16 6.93 2.66 9.62
N LYS A 17 6.71 3.94 9.37
CA LYS A 17 6.82 4.48 8.02
C LYS A 17 7.95 3.80 7.26
N VAL A 18 7.64 3.35 6.04
CA VAL A 18 8.62 2.68 5.21
C VAL A 18 9.02 3.55 4.01
N SER A 19 10.21 3.31 3.48
CA SER A 19 10.71 4.07 2.35
C SER A 19 11.11 3.14 1.20
N LEU A 20 10.57 3.40 0.01
CA LEU A 20 10.87 2.59 -1.16
C LEU A 20 11.03 3.46 -2.40
N THR A 21 11.78 2.96 -3.38
CA THR A 21 12.01 3.69 -4.62
C THR A 21 11.97 2.76 -5.82
N PHE A 22 11.27 3.19 -6.88
CA PHE A 22 11.17 2.39 -8.09
C PHE A 22 11.40 3.25 -9.33
N THR A 23 11.62 2.59 -10.46
CA THR A 23 11.86 3.30 -11.72
C THR A 23 10.63 3.28 -12.61
N THR A 24 10.48 4.30 -13.43
CA THR A 24 9.35 4.39 -14.35
C THR A 24 9.19 3.12 -15.17
N SER A 25 7.95 2.75 -15.45
CA SER A 25 7.66 1.55 -16.22
C SER A 25 8.15 0.30 -15.50
N GLU A 26 7.76 0.18 -14.23
CA GLU A 26 8.16 -0.97 -13.42
C GLU A 26 6.98 -1.50 -12.61
N ARG A 27 7.21 -2.56 -11.85
CA ARG A 27 6.17 -3.16 -11.04
C ARG A 27 6.34 -2.79 -9.57
N VAL A 28 5.37 -2.06 -9.03
CA VAL A 28 5.40 -1.64 -7.64
C VAL A 28 4.35 -2.36 -6.81
N VAL A 29 4.81 -3.21 -5.89
CA VAL A 29 3.91 -3.98 -5.03
C VAL A 29 4.28 -3.81 -3.57
N LEU A 30 3.33 -3.32 -2.77
CA LEU A 30 3.55 -3.13 -1.35
C LEU A 30 3.14 -4.35 -0.54
N THR A 31 3.20 -4.25 0.78
CA THR A 31 2.82 -5.34 1.66
C THR A 31 2.36 -4.83 3.01
N CYS A 32 1.26 -5.39 3.51
CA CYS A 32 0.71 -4.99 4.80
C CYS A 32 0.07 -6.18 5.51
N GLU A 33 0.24 -6.24 6.82
CA GLU A 33 -0.32 -7.33 7.61
C GLU A 33 -1.23 -6.79 8.73
N LEU A 34 -2.19 -7.59 9.15
CA LEU A 34 -3.12 -7.20 10.19
C LEU A 34 -3.21 -8.26 11.27
N SER A 35 -3.89 -7.94 12.36
CA SER A 35 -4.07 -8.89 13.47
C SER A 35 -5.32 -9.74 13.27
N ARG A 36 -6.30 -9.18 12.59
CA ARG A 36 -7.55 -9.89 12.33
C ARG A 36 -7.58 -10.44 10.90
N VAL A 37 -8.20 -11.61 10.74
CA VAL A 37 -8.30 -12.25 9.44
C VAL A 37 -9.62 -11.92 8.76
N ASP A 38 -9.58 -11.72 7.45
CA ASP A 38 -10.78 -11.39 6.68
C ASP A 38 -11.37 -10.07 7.14
N PHE A 39 -10.52 -9.13 7.50
CA PHE A 39 -10.96 -7.82 7.97
C PHE A 39 -10.99 -6.82 6.81
N PRO A 40 -12.04 -5.98 6.79
CA PRO A 40 -12.22 -4.97 5.75
C PRO A 40 -11.19 -3.84 5.85
N ALA A 41 -10.84 -3.25 4.72
CA ALA A 41 -9.87 -2.16 4.69
C ALA A 41 -9.99 -1.36 3.39
N THR A 42 -9.23 -0.28 3.30
CA THR A 42 -9.25 0.58 2.12
C THR A 42 -7.89 1.24 1.90
N TRP A 43 -7.52 1.41 0.63
CA TRP A 43 -6.26 2.04 0.29
C TRP A 43 -6.45 3.52 -0.04
N TYR A 44 -5.69 4.37 0.65
CA TYR A 44 -5.79 5.81 0.44
C TYR A 44 -4.42 6.39 0.05
N LYS A 45 -4.42 7.27 -0.93
CA LYS A 45 -3.19 7.91 -1.40
C LYS A 45 -3.29 9.43 -1.31
N ASP A 46 -2.26 10.05 -0.75
CA ASP A 46 -2.23 11.51 -0.61
C ASP A 46 -3.56 12.02 -0.04
N GLY A 47 -4.13 11.27 0.88
CA GLY A 47 -5.40 11.66 1.49
C GLY A 47 -6.53 11.69 0.49
N GLN A 48 -6.56 10.70 -0.40
CA GLN A 48 -7.60 10.61 -1.42
C GLN A 48 -7.87 9.17 -1.81
N LYS A 49 -9.12 8.74 -1.69
CA LYS A 49 -9.51 7.38 -2.02
C LYS A 49 -8.94 6.98 -3.38
N VAL A 50 -8.48 5.73 -3.48
CA VAL A 50 -7.91 5.21 -4.72
C VAL A 50 -9.00 4.62 -5.61
N GLU A 51 -8.77 4.64 -6.92
CA GLU A 51 -9.71 4.09 -7.88
C GLU A 51 -9.21 2.78 -8.47
N GLU A 52 -9.69 1.67 -7.93
CA GLU A 52 -9.28 0.36 -8.40
C GLU A 52 -9.44 0.24 -9.92
N SER A 53 -8.35 -0.10 -10.59
CA SER A 53 -8.36 -0.23 -12.04
C SER A 53 -7.17 -1.04 -12.54
N GLU A 54 -7.14 -1.31 -13.84
CA GLU A 54 -6.04 -2.08 -14.42
C GLU A 54 -4.69 -1.52 -13.99
N LEU A 55 -4.61 -0.20 -13.90
CA LEU A 55 -3.37 0.47 -13.50
C LEU A 55 -3.13 0.32 -12.01
N LEU A 56 -4.20 0.05 -11.26
CA LEU A 56 -4.10 -0.12 -9.82
C LEU A 56 -4.79 -1.41 -9.37
N VAL A 57 -3.98 -2.40 -9.01
CA VAL A 57 -4.51 -3.69 -8.56
C VAL A 57 -4.46 -3.80 -7.04
N VAL A 58 -5.59 -4.20 -6.45
CA VAL A 58 -5.68 -4.35 -5.00
C VAL A 58 -6.07 -5.78 -4.62
N LYS A 59 -5.11 -6.52 -4.07
CA LYS A 59 -5.35 -7.90 -3.65
C LYS A 59 -5.62 -7.97 -2.15
N MET A 60 -6.47 -8.92 -1.76
CA MET A 60 -6.82 -9.10 -0.36
C MET A 60 -6.54 -10.53 0.09
N ASP A 61 -6.16 -10.70 1.35
CA ASP A 61 -5.87 -12.01 1.90
C ASP A 61 -5.93 -11.99 3.43
N GLY A 62 -6.24 -13.13 4.02
CA GLY A 62 -6.32 -13.23 5.47
C GLY A 62 -5.28 -12.35 6.16
N ARG A 63 -5.76 -11.44 6.99
CA ARG A 63 -4.87 -10.54 7.72
C ARG A 63 -3.65 -10.18 6.87
N LYS A 64 -3.87 -9.92 5.60
CA LYS A 64 -2.79 -9.57 4.68
C LYS A 64 -3.32 -8.78 3.49
N HIS A 65 -2.88 -7.53 3.38
CA HIS A 65 -3.31 -6.68 2.28
C HIS A 65 -2.11 -6.03 1.59
N ARG A 66 -2.18 -5.93 0.27
CA ARG A 66 -1.09 -5.33 -0.51
C ARG A 66 -1.63 -4.75 -1.82
N LEU A 67 -0.94 -3.73 -2.32
CA LEU A 67 -1.33 -3.09 -3.57
C LEU A 67 -0.29 -3.33 -4.67
N ILE A 68 -0.75 -3.85 -5.81
CA ILE A 68 0.14 -4.12 -6.93
C ILE A 68 -0.02 -3.07 -8.01
N LEU A 69 1.06 -2.86 -8.78
CA LEU A 69 1.05 -1.88 -9.85
C LEU A 69 1.79 -2.40 -11.08
N PRO A 70 1.07 -2.51 -12.21
CA PRO A 70 1.64 -3.00 -13.47
C PRO A 70 2.63 -2.01 -14.08
N GLU A 71 2.31 -0.73 -13.99
CA GLU A 71 3.16 0.32 -14.53
C GLU A 71 3.38 1.43 -13.52
N ALA A 72 4.64 1.66 -13.16
CA ALA A 72 4.98 2.70 -12.18
C ALA A 72 5.20 4.04 -12.89
N LYS A 73 4.18 4.89 -12.85
CA LYS A 73 4.26 6.21 -13.48
C LYS A 73 4.67 7.27 -12.46
N VAL A 74 5.42 8.27 -12.91
CA VAL A 74 5.88 9.34 -12.04
C VAL A 74 4.76 9.79 -11.10
N GLN A 75 3.53 9.73 -11.59
CA GLN A 75 2.37 10.13 -10.79
C GLN A 75 2.14 9.17 -9.63
N ASP A 76 2.35 7.89 -9.90
CA ASP A 76 2.16 6.86 -8.87
C ASP A 76 2.96 7.20 -7.61
N SER A 77 4.09 7.87 -7.79
CA SER A 77 4.93 8.26 -6.67
C SER A 77 4.14 9.06 -5.64
N GLY A 78 4.07 8.54 -4.41
CA GLY A 78 3.34 9.22 -3.37
C GLY A 78 3.19 8.37 -2.12
N GLU A 79 2.61 8.96 -1.07
CA GLU A 79 2.42 8.25 0.19
C GLU A 79 1.19 7.35 0.12
N PHE A 80 1.37 6.08 0.44
CA PHE A 80 0.28 5.11 0.41
C PHE A 80 -0.16 4.75 1.83
N GLU A 81 -1.46 4.79 2.07
CA GLU A 81 -2.02 4.47 3.37
C GLU A 81 -3.00 3.30 3.28
N CYS A 82 -2.93 2.40 4.25
CA CYS A 82 -3.81 1.24 4.27
C CYS A 82 -4.66 1.23 5.54
N ARG A 83 -5.76 1.99 5.52
CA ARG A 83 -6.65 2.06 6.66
C ARG A 83 -7.48 0.79 6.80
N THR A 84 -7.75 0.40 8.04
CA THR A 84 -8.53 -0.81 8.30
C THR A 84 -9.67 -0.51 9.27
N GLU A 85 -9.33 -0.36 10.55
CA GLU A 85 -10.33 -0.08 11.57
C GLU A 85 -10.09 1.28 12.21
N GLY A 86 -8.98 1.41 12.92
CA GLY A 86 -8.64 2.65 13.57
C GLY A 86 -7.23 3.12 13.25
N VAL A 87 -6.41 2.21 12.76
CA VAL A 87 -5.02 2.53 12.42
C VAL A 87 -4.77 2.33 10.92
N SER A 88 -3.58 2.72 10.47
CA SER A 88 -3.22 2.59 9.07
C SER A 88 -1.70 2.65 8.89
N ALA A 89 -1.20 1.95 7.86
CA ALA A 89 0.23 1.93 7.59
C ALA A 89 0.58 2.85 6.43
N PHE A 90 1.65 3.60 6.57
CA PHE A 90 2.10 4.52 5.54
C PHE A 90 3.28 3.95 4.77
N PHE A 91 3.24 4.07 3.44
CA PHE A 91 4.29 3.56 2.58
C PHE A 91 4.82 4.66 1.66
N GLY A 92 6.07 5.05 1.86
CA GLY A 92 6.67 6.08 1.02
C GLY A 92 7.23 5.53 -0.27
N VAL A 93 6.58 5.85 -1.38
CA VAL A 93 7.02 5.39 -2.69
C VAL A 93 7.53 6.55 -3.55
N THR A 94 8.55 6.27 -4.35
CA THR A 94 9.13 7.29 -5.22
C THR A 94 9.52 6.70 -6.57
N VAL A 95 8.82 7.12 -7.62
CA VAL A 95 9.09 6.64 -8.97
C VAL A 95 10.02 7.59 -9.72
N GLN A 96 11.24 7.14 -9.97
CA GLN A 96 12.22 7.95 -10.68
C GLN A 96 12.39 7.48 -12.12
N ASP A 97 12.29 8.41 -13.06
CA ASP A 97 12.43 8.08 -14.48
C ASP A 97 13.88 7.81 -14.83
N PRO A 98 14.11 6.73 -15.59
CA PRO A 98 15.46 6.34 -16.02
C PRO A 98 16.06 7.30 -17.03
N SER A 99 17.34 7.12 -17.33
CA SER A 99 18.03 7.98 -18.29
C SER A 99 17.90 7.43 -19.71
N GLY A 100 16.88 7.90 -20.42
CA GLY A 100 16.66 7.45 -21.78
C GLY A 100 15.48 8.14 -22.44
N PRO A 101 15.43 8.08 -23.77
CA PRO A 101 14.36 8.70 -24.56
C PRO A 101 13.02 7.99 -24.37
N SER A 102 13.06 6.66 -24.34
CA SER A 102 11.85 5.86 -24.18
C SER A 102 10.74 6.36 -25.11
N SER A 103 11.11 6.67 -26.35
CA SER A 103 10.15 7.17 -27.34
C SER A 103 10.30 6.42 -28.65
N GLY A 104 9.19 5.92 -29.16
CA GLY A 104 9.22 5.18 -30.42
C GLY A 104 8.76 6.03 -31.59
N GLY A 1 -5.77 -19.91 27.14
CA GLY A 1 -5.17 -18.93 28.03
C GLY A 1 -5.74 -17.53 27.83
N SER A 2 -5.05 -16.53 28.34
CA SER A 2 -5.50 -15.15 28.22
C SER A 2 -5.06 -14.56 26.88
N SER A 3 -5.64 -13.40 26.54
CA SER A 3 -5.31 -12.73 25.29
C SER A 3 -5.82 -11.30 25.29
N GLY A 4 -5.11 -10.42 24.59
CA GLY A 4 -5.51 -9.02 24.52
C GLY A 4 -6.78 -8.82 23.73
N SER A 5 -7.79 -8.23 24.36
CA SER A 5 -9.07 -7.98 23.71
C SER A 5 -9.48 -6.52 23.88
N SER A 6 -8.53 -5.62 23.71
CA SER A 6 -8.80 -4.19 23.85
C SER A 6 -9.15 -3.57 22.50
N GLY A 7 -8.32 -3.82 21.50
CA GLY A 7 -8.55 -3.28 20.17
C GLY A 7 -9.11 -4.32 19.22
N PRO A 8 -9.89 -3.86 18.23
CA PRO A 8 -10.49 -4.74 17.23
C PRO A 8 -9.46 -5.35 16.28
N VAL A 9 -8.58 -4.49 15.76
CA VAL A 9 -7.54 -4.93 14.83
C VAL A 9 -6.40 -3.93 14.78
N HIS A 10 -5.17 -4.46 14.76
CA HIS A 10 -3.98 -3.61 14.70
C HIS A 10 -2.97 -4.16 13.71
N ILE A 11 -2.22 -3.26 13.07
CA ILE A 11 -1.22 -3.66 12.09
C ILE A 11 0.01 -4.25 12.78
N LEU A 12 0.63 -5.23 12.13
CA LEU A 12 1.82 -5.89 12.68
C LEU A 12 3.06 -5.50 11.88
N SER A 13 2.88 -5.30 10.58
CA SER A 13 4.00 -4.92 9.71
C SER A 13 3.50 -4.18 8.48
N PRO A 14 4.21 -3.10 8.12
CA PRO A 14 5.39 -2.65 8.85
C PRO A 14 5.05 -2.07 10.23
N GLN A 15 6.06 -1.61 10.94
CA GLN A 15 5.86 -1.03 12.27
C GLN A 15 5.78 0.49 12.21
N ASP A 16 6.54 1.07 11.29
CA ASP A 16 6.56 2.52 11.12
C ASP A 16 6.73 2.90 9.66
N LYS A 17 6.51 4.17 9.35
CA LYS A 17 6.65 4.66 7.98
C LYS A 17 7.86 4.05 7.30
N VAL A 18 7.67 3.55 6.09
CA VAL A 18 8.75 2.93 5.34
C VAL A 18 9.18 3.81 4.16
N SER A 19 10.15 3.34 3.39
CA SER A 19 10.66 4.10 2.25
C SER A 19 11.05 3.15 1.12
N LEU A 20 10.59 3.46 -0.10
CA LEU A 20 10.90 2.65 -1.26
C LEU A 20 11.07 3.51 -2.50
N THR A 21 11.77 2.98 -3.50
CA THR A 21 12.01 3.70 -4.74
C THR A 21 11.97 2.76 -5.95
N PHE A 22 11.39 3.23 -7.04
CA PHE A 22 11.28 2.43 -8.25
C PHE A 22 11.48 3.30 -9.49
N THR A 23 11.51 2.66 -10.65
CA THR A 23 11.69 3.37 -11.91
C THR A 23 10.40 3.40 -12.72
N THR A 24 10.18 4.50 -13.43
CA THR A 24 8.98 4.66 -14.24
C THR A 24 8.78 3.46 -15.16
N SER A 25 7.53 3.05 -15.32
CA SER A 25 7.20 1.90 -16.17
C SER A 25 7.72 0.61 -15.55
N GLU A 26 7.44 0.41 -14.28
CA GLU A 26 7.86 -0.79 -13.56
C GLU A 26 6.72 -1.39 -12.75
N ARG A 27 6.88 -2.65 -12.35
CA ARG A 27 5.86 -3.33 -11.57
C ARG A 27 6.15 -3.22 -10.08
N VAL A 28 5.26 -2.53 -9.36
CA VAL A 28 5.42 -2.35 -7.92
C VAL A 28 4.40 -3.17 -7.14
N VAL A 29 4.82 -3.70 -6.00
CA VAL A 29 3.95 -4.52 -5.17
C VAL A 29 4.25 -4.31 -3.69
N LEU A 30 3.38 -3.57 -3.01
CA LEU A 30 3.56 -3.29 -1.59
C LEU A 30 3.19 -4.52 -0.74
N THR A 31 3.21 -4.35 0.57
CA THR A 31 2.89 -5.43 1.49
C THR A 31 2.54 -4.90 2.87
N CYS A 32 1.48 -5.45 3.47
CA CYS A 32 1.05 -5.03 4.79
C CYS A 32 0.33 -6.17 5.51
N GLU A 33 0.49 -6.21 6.83
CA GLU A 33 -0.14 -7.25 7.64
C GLU A 33 -1.11 -6.64 8.64
N LEU A 34 -2.11 -7.42 9.03
CA LEU A 34 -3.12 -6.96 9.99
C LEU A 34 -3.40 -8.04 11.04
N SER A 35 -4.23 -7.69 12.03
CA SER A 35 -4.57 -8.62 13.09
C SER A 35 -6.01 -9.11 12.93
N ARG A 36 -6.46 -9.22 11.69
CA ARG A 36 -7.81 -9.68 11.40
C ARG A 36 -7.91 -10.21 9.97
N VAL A 37 -8.31 -11.46 9.83
CA VAL A 37 -8.46 -12.08 8.51
C VAL A 37 -9.72 -11.60 7.82
N ASP A 38 -9.64 -11.44 6.50
CA ASP A 38 -10.78 -10.98 5.72
C ASP A 38 -11.39 -9.72 6.32
N PHE A 39 -10.55 -8.73 6.59
CA PHE A 39 -11.01 -7.47 7.16
C PHE A 39 -11.07 -6.37 6.11
N PRO A 40 -12.13 -5.54 6.17
CA PRO A 40 -12.33 -4.45 5.23
C PRO A 40 -11.32 -3.32 5.43
N ALA A 41 -10.88 -2.72 4.32
CA ALA A 41 -9.91 -1.64 4.38
C ALA A 41 -10.01 -0.75 3.15
N THR A 42 -9.31 0.39 3.17
CA THR A 42 -9.32 1.31 2.05
C THR A 42 -7.98 2.02 1.91
N TRP A 43 -7.28 1.73 0.82
CA TRP A 43 -5.98 2.34 0.56
C TRP A 43 -6.13 3.81 0.22
N TYR A 44 -5.26 4.64 0.81
CA TYR A 44 -5.31 6.08 0.57
C TYR A 44 -3.94 6.59 0.12
N LYS A 45 -3.94 7.44 -0.90
CA LYS A 45 -2.70 8.01 -1.42
C LYS A 45 -2.75 9.53 -1.42
N ASP A 46 -1.73 10.15 -0.86
CA ASP A 46 -1.66 11.61 -0.78
C ASP A 46 -2.96 12.19 -0.25
N GLY A 47 -3.53 11.54 0.77
CA GLY A 47 -4.76 12.02 1.35
C GLY A 47 -5.91 11.98 0.37
N GLN A 48 -5.97 10.93 -0.44
CA GLN A 48 -7.02 10.78 -1.44
C GLN A 48 -7.35 9.31 -1.67
N LYS A 49 -8.63 8.97 -1.63
CA LYS A 49 -9.07 7.59 -1.84
C LYS A 49 -8.58 7.07 -3.19
N VAL A 50 -8.19 5.79 -3.21
CA VAL A 50 -7.70 5.17 -4.44
C VAL A 50 -8.84 4.46 -5.18
N GLU A 51 -8.68 4.32 -6.49
CA GLU A 51 -9.68 3.65 -7.31
C GLU A 51 -9.20 2.28 -7.75
N GLU A 52 -10.02 1.26 -7.49
CA GLU A 52 -9.68 -0.11 -7.86
C GLU A 52 -9.87 -0.33 -9.35
N SER A 53 -8.77 -0.53 -10.06
CA SER A 53 -8.82 -0.74 -11.51
C SER A 53 -7.56 -1.46 -11.99
N GLU A 54 -7.52 -1.76 -13.29
CA GLU A 54 -6.38 -2.44 -13.88
C GLU A 54 -5.07 -1.77 -13.46
N LEU A 55 -5.08 -0.44 -13.43
CA LEU A 55 -3.89 0.32 -13.05
C LEU A 55 -3.61 0.16 -11.55
N LEU A 56 -4.64 -0.17 -10.78
CA LEU A 56 -4.48 -0.35 -9.34
C LEU A 56 -5.11 -1.67 -8.89
N VAL A 57 -4.27 -2.65 -8.59
CA VAL A 57 -4.75 -3.95 -8.14
C VAL A 57 -4.59 -4.10 -6.64
N VAL A 58 -5.61 -4.67 -6.00
CA VAL A 58 -5.59 -4.87 -4.56
C VAL A 58 -5.94 -6.32 -4.20
N LYS A 59 -5.03 -6.97 -3.46
CA LYS A 59 -5.24 -8.35 -3.05
C LYS A 59 -5.27 -8.47 -1.53
N MET A 60 -5.81 -9.59 -1.04
CA MET A 60 -5.89 -9.82 0.40
C MET A 60 -5.60 -11.28 0.73
N ASP A 61 -4.49 -11.51 1.43
CA ASP A 61 -4.09 -12.86 1.81
C ASP A 61 -4.18 -13.04 3.32
N GLY A 62 -5.40 -13.22 3.83
CA GLY A 62 -5.59 -13.41 5.25
C GLY A 62 -4.69 -12.52 6.08
N ARG A 63 -5.19 -11.35 6.45
CA ARG A 63 -4.43 -10.40 7.25
C ARG A 63 -3.23 -9.88 6.47
N LYS A 64 -3.33 -9.90 5.14
CA LYS A 64 -2.25 -9.44 4.28
C LYS A 64 -2.80 -8.53 3.17
N HIS A 65 -2.56 -7.23 3.31
CA HIS A 65 -3.02 -6.26 2.32
C HIS A 65 -1.85 -5.69 1.54
N ARG A 66 -1.83 -5.95 0.24
CA ARG A 66 -0.76 -5.46 -0.63
C ARG A 66 -1.33 -4.82 -1.89
N LEU A 67 -0.69 -3.77 -2.37
CA LEU A 67 -1.13 -3.06 -3.57
C LEU A 67 -0.14 -3.28 -4.71
N ILE A 68 -0.65 -3.82 -5.83
CA ILE A 68 0.18 -4.07 -6.99
C ILE A 68 -0.04 -3.00 -8.06
N LEU A 69 0.98 -2.77 -8.88
CA LEU A 69 0.91 -1.77 -9.94
C LEU A 69 1.57 -2.30 -11.22
N PRO A 70 0.77 -2.40 -12.30
CA PRO A 70 1.26 -2.88 -13.59
C PRO A 70 2.19 -1.88 -14.26
N GLU A 71 1.88 -0.60 -14.12
CA GLU A 71 2.70 0.46 -14.71
C GLU A 71 2.95 1.58 -13.71
N ALA A 72 4.14 1.55 -13.10
CA ALA A 72 4.51 2.57 -12.12
C ALA A 72 4.96 3.85 -12.80
N LYS A 73 4.05 4.83 -12.88
CA LYS A 73 4.35 6.11 -13.52
C LYS A 73 4.85 7.12 -12.48
N VAL A 74 5.14 8.33 -12.95
CA VAL A 74 5.62 9.38 -12.05
C VAL A 74 4.52 9.83 -11.10
N GLN A 75 3.27 9.70 -11.52
CA GLN A 75 2.13 10.09 -10.71
C GLN A 75 2.03 9.22 -9.46
N ASP A 76 2.22 7.92 -9.64
CA ASP A 76 2.14 6.97 -8.54
C ASP A 76 3.19 7.29 -7.47
N SER A 77 4.12 8.16 -7.82
CA SER A 77 5.19 8.56 -6.90
C SER A 77 4.64 9.37 -5.74
N GLY A 78 4.25 8.70 -4.67
CA GLY A 78 3.70 9.37 -3.51
C GLY A 78 3.74 8.52 -2.27
N GLU A 79 2.73 8.66 -1.42
CA GLU A 79 2.65 7.88 -0.18
C GLU A 79 1.31 7.16 -0.08
N PHE A 80 1.37 5.89 0.29
CA PHE A 80 0.17 5.07 0.44
C PHE A 80 -0.16 4.83 1.90
N GLU A 81 -1.39 4.39 2.17
CA GLU A 81 -1.83 4.12 3.53
C GLU A 81 -3.00 3.15 3.54
N CYS A 82 -2.89 2.12 4.38
CA CYS A 82 -3.94 1.12 4.48
C CYS A 82 -4.87 1.41 5.66
N ARG A 83 -5.76 2.38 5.46
CA ARG A 83 -6.71 2.77 6.50
C ARG A 83 -7.57 1.59 6.93
N THR A 84 -7.56 1.29 8.23
CA THR A 84 -8.34 0.17 8.76
C THR A 84 -9.01 0.56 10.08
N GLU A 85 -9.96 -0.26 10.51
CA GLU A 85 -10.68 -0.01 11.76
C GLU A 85 -9.74 -0.14 12.95
N GLY A 86 -8.97 0.91 13.21
CA GLY A 86 -8.04 0.89 14.33
C GLY A 86 -6.80 1.72 14.07
N VAL A 87 -5.96 1.25 13.14
CA VAL A 87 -4.74 1.97 12.80
C VAL A 87 -4.54 2.02 11.29
N SER A 88 -3.41 2.59 10.87
CA SER A 88 -3.10 2.71 9.44
C SER A 88 -1.60 2.69 9.22
N ALA A 89 -1.19 2.26 8.03
CA ALA A 89 0.23 2.20 7.68
C ALA A 89 0.60 3.32 6.72
N PHE A 90 1.90 3.47 6.47
CA PHE A 90 2.40 4.50 5.56
C PHE A 90 3.56 3.98 4.73
N PHE A 91 3.40 4.01 3.41
CA PHE A 91 4.44 3.53 2.50
C PHE A 91 4.90 4.66 1.58
N GLY A 92 6.15 5.09 1.76
CA GLY A 92 6.69 6.15 0.95
C GLY A 92 7.23 5.66 -0.38
N VAL A 93 6.40 5.74 -1.42
CA VAL A 93 6.80 5.29 -2.75
C VAL A 93 7.27 6.46 -3.61
N THR A 94 8.28 6.21 -4.43
CA THR A 94 8.83 7.24 -5.31
C THR A 94 9.33 6.64 -6.62
N VAL A 95 8.65 6.98 -7.71
CA VAL A 95 9.02 6.47 -9.02
C VAL A 95 9.90 7.48 -9.76
N GLN A 96 11.18 7.14 -9.90
CA GLN A 96 12.13 8.02 -10.59
C GLN A 96 12.33 7.57 -12.03
N ASP A 97 12.07 8.48 -12.97
CA ASP A 97 12.23 8.17 -14.39
C ASP A 97 13.68 7.82 -14.71
N PRO A 98 13.87 6.81 -15.57
CA PRO A 98 15.20 6.36 -15.98
C PRO A 98 15.91 7.38 -16.87
N SER A 99 17.03 6.97 -17.46
CA SER A 99 17.80 7.85 -18.33
C SER A 99 18.68 7.04 -19.28
N GLY A 100 19.27 7.71 -20.26
CA GLY A 100 20.12 7.04 -21.22
C GLY A 100 19.35 6.07 -22.10
N PRO A 101 19.79 5.93 -23.36
CA PRO A 101 19.15 5.03 -24.32
C PRO A 101 19.38 3.57 -23.98
N SER A 102 20.08 3.32 -22.88
CA SER A 102 20.37 1.96 -22.45
C SER A 102 19.22 1.02 -22.77
N SER A 103 18.05 1.31 -22.19
CA SER A 103 16.86 0.50 -22.42
C SER A 103 16.08 0.99 -23.63
N GLY A 104 16.01 0.16 -24.67
CA GLY A 104 15.29 0.53 -25.87
C GLY A 104 14.05 -0.31 -26.08
N GLY A 1 -15.62 -15.00 22.74
CA GLY A 1 -14.37 -15.56 23.20
C GLY A 1 -13.67 -14.68 24.23
N SER A 2 -12.36 -14.55 24.10
CA SER A 2 -11.58 -13.74 25.02
C SER A 2 -12.29 -12.42 25.30
N SER A 3 -12.03 -11.86 26.49
CA SER A 3 -12.64 -10.60 26.89
C SER A 3 -11.58 -9.56 27.22
N GLY A 4 -11.81 -8.33 26.77
CA GLY A 4 -10.86 -7.26 27.02
C GLY A 4 -9.61 -7.37 26.18
N SER A 5 -9.78 -7.36 24.87
CA SER A 5 -8.66 -7.47 23.94
C SER A 5 -8.10 -6.10 23.60
N SER A 6 -6.85 -6.07 23.16
CA SER A 6 -6.19 -4.82 22.79
C SER A 6 -6.67 -4.33 21.43
N GLY A 7 -7.65 -3.42 21.45
CA GLY A 7 -8.18 -2.88 20.22
C GLY A 7 -8.76 -3.95 19.31
N PRO A 8 -9.59 -3.54 18.35
CA PRO A 8 -10.22 -4.47 17.40
C PRO A 8 -9.21 -5.06 16.41
N VAL A 9 -8.39 -4.19 15.82
CA VAL A 9 -7.38 -4.63 14.86
C VAL A 9 -6.16 -3.73 14.91
N HIS A 10 -4.98 -4.35 15.02
CA HIS A 10 -3.73 -3.61 15.08
C HIS A 10 -2.74 -4.13 14.03
N ILE A 11 -2.12 -3.21 13.31
CA ILE A 11 -1.15 -3.58 12.28
C ILE A 11 0.12 -4.16 12.90
N LEU A 12 0.71 -5.12 12.22
CA LEU A 12 1.93 -5.76 12.71
C LEU A 12 3.13 -5.35 11.86
N SER A 13 2.92 -5.22 10.56
CA SER A 13 3.98 -4.82 9.64
C SER A 13 3.42 -4.05 8.45
N PRO A 14 4.09 -2.95 8.09
CA PRO A 14 5.30 -2.49 8.79
C PRO A 14 4.99 -1.97 10.19
N GLN A 15 6.02 -1.49 10.87
CA GLN A 15 5.87 -0.96 12.23
C GLN A 15 5.73 0.55 12.21
N ASP A 16 6.52 1.20 11.35
CA ASP A 16 6.49 2.65 11.23
C ASP A 16 6.70 3.08 9.78
N LYS A 17 6.57 4.38 9.54
CA LYS A 17 6.75 4.92 8.20
C LYS A 17 7.92 4.25 7.49
N VAL A 18 7.70 3.84 6.25
CA VAL A 18 8.74 3.19 5.46
C VAL A 18 9.16 4.06 4.27
N SER A 19 10.13 3.57 3.51
CA SER A 19 10.62 4.30 2.34
C SER A 19 11.08 3.34 1.25
N LEU A 20 10.48 3.47 0.07
CA LEU A 20 10.83 2.62 -1.06
C LEU A 20 11.02 3.44 -2.33
N THR A 21 11.69 2.85 -3.32
CA THR A 21 11.94 3.53 -4.58
C THR A 21 11.78 2.57 -5.76
N PHE A 22 11.39 3.12 -6.91
CA PHE A 22 11.19 2.32 -8.10
C PHE A 22 11.44 3.15 -9.37
N THR A 23 11.38 2.50 -10.52
CA THR A 23 11.60 3.18 -11.80
C THR A 23 10.31 3.26 -12.60
N THR A 24 10.24 4.24 -13.49
CA THR A 24 9.06 4.42 -14.34
C THR A 24 8.82 3.20 -15.22
N SER A 25 7.55 2.84 -15.40
CA SER A 25 7.19 1.69 -16.22
C SER A 25 7.70 0.40 -15.59
N GLU A 26 7.45 0.24 -14.29
CA GLU A 26 7.87 -0.96 -13.58
C GLU A 26 6.73 -1.55 -12.75
N ARG A 27 6.98 -2.69 -12.13
CA ARG A 27 5.97 -3.36 -11.32
C ARG A 27 6.25 -3.16 -9.83
N VAL A 28 5.38 -2.41 -9.16
CA VAL A 28 5.53 -2.14 -7.74
C VAL A 28 4.47 -2.88 -6.92
N VAL A 29 4.91 -3.54 -5.85
CA VAL A 29 3.99 -4.28 -4.99
C VAL A 29 4.34 -4.07 -3.52
N LEU A 30 3.44 -3.44 -2.79
CA LEU A 30 3.64 -3.17 -1.37
C LEU A 30 3.30 -4.40 -0.53
N THR A 31 3.35 -4.24 0.79
CA THR A 31 3.04 -5.33 1.70
C THR A 31 2.64 -4.82 3.07
N CYS A 32 1.68 -5.48 3.70
CA CYS A 32 1.20 -5.08 5.02
C CYS A 32 0.41 -6.21 5.68
N GLU A 33 0.71 -6.47 6.95
CA GLU A 33 0.03 -7.52 7.69
C GLU A 33 -0.94 -6.93 8.72
N LEU A 34 -2.08 -7.58 8.88
CA LEU A 34 -3.08 -7.13 9.84
C LEU A 34 -3.29 -8.14 10.95
N SER A 35 -4.07 -7.76 11.96
CA SER A 35 -4.35 -8.65 13.08
C SER A 35 -5.80 -9.14 13.05
N ARG A 36 -6.37 -9.17 11.85
CA ARG A 36 -7.75 -9.62 11.68
C ARG A 36 -7.95 -10.24 10.30
N VAL A 37 -8.30 -11.52 10.28
CA VAL A 37 -8.52 -12.24 9.03
C VAL A 37 -9.85 -11.85 8.40
N ASP A 38 -9.84 -11.64 7.09
CA ASP A 38 -11.04 -11.25 6.37
C ASP A 38 -11.57 -9.91 6.86
N PHE A 39 -10.67 -8.97 7.08
CA PHE A 39 -11.05 -7.64 7.56
C PHE A 39 -11.01 -6.62 6.42
N PRO A 40 -12.01 -5.73 6.40
CA PRO A 40 -12.11 -4.69 5.37
C PRO A 40 -11.04 -3.62 5.52
N ALA A 41 -10.64 -3.03 4.39
CA ALA A 41 -9.62 -1.99 4.40
C ALA A 41 -9.74 -1.10 3.16
N THR A 42 -9.16 0.10 3.24
CA THR A 42 -9.20 1.04 2.12
C THR A 42 -7.85 1.74 1.95
N TRP A 43 -7.25 1.57 0.78
CA TRP A 43 -5.97 2.20 0.48
C TRP A 43 -6.14 3.66 0.09
N TYR A 44 -5.26 4.51 0.59
CA TYR A 44 -5.31 5.94 0.29
C TYR A 44 -3.96 6.45 -0.18
N LYS A 45 -3.98 7.26 -1.24
CA LYS A 45 -2.75 7.81 -1.79
C LYS A 45 -2.76 9.34 -1.71
N ASP A 46 -1.66 9.90 -1.23
CA ASP A 46 -1.54 11.35 -1.10
C ASP A 46 -2.79 11.95 -0.45
N GLY A 47 -3.32 11.24 0.53
CA GLY A 47 -4.52 11.71 1.21
C GLY A 47 -5.73 11.74 0.31
N GLN A 48 -5.84 10.73 -0.56
CA GLN A 48 -6.96 10.65 -1.48
C GLN A 48 -7.31 9.19 -1.80
N LYS A 49 -8.58 8.84 -1.65
CA LYS A 49 -9.04 7.49 -1.91
C LYS A 49 -8.52 6.98 -3.24
N VAL A 50 -8.20 5.70 -3.30
CA VAL A 50 -7.70 5.09 -4.53
C VAL A 50 -8.82 4.46 -5.34
N GLU A 51 -8.67 4.48 -6.67
CA GLU A 51 -9.68 3.91 -7.55
C GLU A 51 -9.23 2.55 -8.07
N GLU A 52 -9.98 1.50 -7.71
CA GLU A 52 -9.66 0.15 -8.14
C GLU A 52 -9.84 0.01 -9.65
N SER A 53 -8.73 -0.25 -10.34
CA SER A 53 -8.76 -0.41 -11.79
C SER A 53 -7.57 -1.23 -12.27
N GLU A 54 -7.49 -1.45 -13.58
CA GLU A 54 -6.41 -2.22 -14.17
C GLU A 54 -5.05 -1.62 -13.78
N LEU A 55 -5.02 -0.31 -13.60
CA LEU A 55 -3.79 0.38 -13.23
C LEU A 55 -3.52 0.24 -11.74
N LEU A 56 -4.54 -0.14 -10.99
CA LEU A 56 -4.41 -0.31 -9.54
C LEU A 56 -4.99 -1.65 -9.10
N VAL A 57 -4.11 -2.57 -8.73
CA VAL A 57 -4.54 -3.89 -8.29
C VAL A 57 -4.38 -4.03 -6.78
N VAL A 58 -5.43 -4.54 -6.13
CA VAL A 58 -5.42 -4.73 -4.69
C VAL A 58 -5.72 -6.18 -4.31
N LYS A 59 -4.78 -6.81 -3.62
CA LYS A 59 -4.94 -8.20 -3.20
C LYS A 59 -5.25 -8.29 -1.71
N MET A 60 -6.23 -9.10 -1.37
CA MET A 60 -6.63 -9.27 0.03
C MET A 60 -6.60 -10.75 0.42
N ASP A 61 -5.77 -11.07 1.40
CA ASP A 61 -5.64 -12.44 1.87
C ASP A 61 -5.66 -12.50 3.40
N GLY A 62 -6.80 -12.89 3.95
CA GLY A 62 -6.94 -12.98 5.40
C GLY A 62 -6.35 -11.77 6.10
N ARG A 63 -5.12 -11.92 6.60
CA ARG A 63 -4.44 -10.84 7.30
C ARG A 63 -3.26 -10.32 6.49
N LYS A 64 -3.43 -10.25 5.17
CA LYS A 64 -2.38 -9.77 4.29
C LYS A 64 -2.94 -8.80 3.25
N HIS A 65 -2.53 -7.54 3.35
CA HIS A 65 -3.00 -6.52 2.41
C HIS A 65 -1.82 -5.84 1.72
N ARG A 66 -1.86 -5.84 0.39
CA ARG A 66 -0.79 -5.23 -0.40
C ARG A 66 -1.36 -4.52 -1.64
N LEU A 67 -0.57 -3.63 -2.20
CA LEU A 67 -0.98 -2.87 -3.39
C LEU A 67 -0.03 -3.11 -4.55
N ILE A 68 -0.54 -3.67 -5.64
CA ILE A 68 0.27 -3.95 -6.81
C ILE A 68 0.04 -2.88 -7.89
N LEU A 69 1.05 -2.68 -8.73
CA LEU A 69 0.96 -1.70 -9.81
C LEU A 69 1.65 -2.21 -11.08
N PRO A 70 0.87 -2.35 -12.16
CA PRO A 70 1.39 -2.84 -13.44
C PRO A 70 2.30 -1.81 -14.12
N GLU A 71 1.96 -0.55 -13.98
CA GLU A 71 2.75 0.54 -14.58
C GLU A 71 2.98 1.65 -13.58
N ALA A 72 4.16 1.65 -12.95
CA ALA A 72 4.50 2.68 -11.97
C ALA A 72 4.91 3.98 -12.65
N LYS A 73 3.94 4.87 -12.85
CA LYS A 73 4.20 6.15 -13.49
C LYS A 73 4.70 7.17 -12.49
N VAL A 74 5.45 8.15 -12.96
CA VAL A 74 5.98 9.20 -12.10
C VAL A 74 4.93 9.70 -11.11
N GLN A 75 3.68 9.78 -11.58
CA GLN A 75 2.59 10.24 -10.73
C GLN A 75 2.40 9.31 -9.54
N ASP A 76 2.51 8.02 -9.78
CA ASP A 76 2.35 7.03 -8.71
C ASP A 76 3.19 7.39 -7.50
N SER A 77 4.37 7.98 -7.75
CA SER A 77 5.26 8.38 -6.67
C SER A 77 4.51 9.16 -5.60
N GLY A 78 4.24 8.50 -4.48
CA GLY A 78 3.53 9.13 -3.39
C GLY A 78 3.54 8.32 -2.12
N GLU A 79 2.52 8.48 -1.30
CA GLU A 79 2.41 7.74 -0.04
C GLU A 79 1.10 6.96 0.02
N PHE A 80 1.21 5.66 0.34
CA PHE A 80 0.04 4.81 0.44
C PHE A 80 -0.27 4.48 1.89
N GLU A 81 -1.56 4.38 2.21
CA GLU A 81 -1.99 4.07 3.56
C GLU A 81 -3.15 3.07 3.55
N CYS A 82 -3.02 2.01 4.35
CA CYS A 82 -4.05 0.99 4.42
C CYS A 82 -5.04 1.30 5.54
N ARG A 83 -5.94 2.25 5.29
CA ARG A 83 -6.94 2.66 6.27
C ARG A 83 -7.82 1.47 6.65
N THR A 84 -7.93 1.21 7.95
CA THR A 84 -8.75 0.11 8.45
C THR A 84 -9.44 0.48 9.75
N GLU A 85 -10.40 -0.34 10.16
CA GLU A 85 -11.14 -0.09 11.39
C GLU A 85 -10.23 -0.21 12.61
N GLY A 86 -9.45 0.84 12.87
CA GLY A 86 -8.55 0.83 14.00
C GLY A 86 -7.32 1.70 13.77
N VAL A 87 -6.42 1.24 12.91
CA VAL A 87 -5.21 1.97 12.60
C VAL A 87 -4.91 1.95 11.12
N SER A 88 -3.79 2.56 10.73
CA SER A 88 -3.39 2.60 9.33
C SER A 88 -1.88 2.67 9.19
N ALA A 89 -1.36 2.14 8.09
CA ALA A 89 0.07 2.13 7.84
C ALA A 89 0.45 3.20 6.82
N PHE A 90 1.76 3.39 6.63
CA PHE A 90 2.26 4.38 5.69
C PHE A 90 3.39 3.81 4.84
N PHE A 91 3.27 3.97 3.53
CA PHE A 91 4.29 3.46 2.60
C PHE A 91 4.74 4.56 1.64
N GLY A 92 6.04 4.82 1.62
CA GLY A 92 6.57 5.84 0.74
C GLY A 92 7.10 5.28 -0.56
N VAL A 93 6.54 5.73 -1.67
CA VAL A 93 6.96 5.25 -2.99
C VAL A 93 7.53 6.39 -3.82
N THR A 94 8.65 6.13 -4.50
CA THR A 94 9.29 7.13 -5.33
C THR A 94 9.61 6.57 -6.70
N VAL A 95 8.89 7.04 -7.72
CA VAL A 95 9.10 6.59 -9.10
C VAL A 95 10.03 7.55 -9.85
N GLN A 96 11.26 7.11 -10.06
CA GLN A 96 12.25 7.92 -10.76
C GLN A 96 12.34 7.51 -12.23
N ASP A 97 12.17 8.47 -13.12
CA ASP A 97 12.24 8.20 -14.55
C ASP A 97 13.67 7.92 -14.99
N PRO A 98 13.87 6.82 -15.73
CA PRO A 98 15.19 6.43 -16.22
C PRO A 98 15.71 7.36 -17.30
N SER A 99 16.79 8.09 -16.99
CA SER A 99 17.38 9.03 -17.93
C SER A 99 17.92 8.29 -19.15
N GLY A 100 17.29 8.52 -20.29
CA GLY A 100 17.72 7.88 -21.52
C GLY A 100 16.84 8.22 -22.71
N PRO A 101 17.08 7.57 -23.85
CA PRO A 101 16.31 7.80 -25.08
C PRO A 101 14.88 7.29 -24.97
N SER A 102 13.93 8.23 -24.92
CA SER A 102 12.52 7.88 -24.81
C SER A 102 11.81 8.08 -26.15
N SER A 103 10.77 7.29 -26.39
CA SER A 103 10.00 7.38 -27.62
C SER A 103 8.55 7.76 -27.34
N GLY A 104 7.88 6.96 -26.52
CA GLY A 104 6.49 7.23 -26.19
C GLY A 104 5.89 6.17 -25.29
N GLY A 1 -24.58 -5.96 23.58
CA GLY A 1 -23.41 -6.22 22.75
C GLY A 1 -22.20 -6.62 23.55
N SER A 2 -21.10 -6.91 22.86
CA SER A 2 -19.86 -7.31 23.52
C SER A 2 -18.77 -6.27 23.33
N SER A 3 -18.46 -5.55 24.41
CA SER A 3 -17.44 -4.51 24.36
C SER A 3 -16.45 -4.67 25.50
N GLY A 4 -15.26 -4.11 25.33
CA GLY A 4 -14.24 -4.20 26.37
C GLY A 4 -12.95 -3.50 25.97
N SER A 5 -11.82 -4.16 26.23
CA SER A 5 -10.52 -3.58 25.90
C SER A 5 -10.59 -2.76 24.62
N SER A 6 -9.82 -1.68 24.58
CA SER A 6 -9.80 -0.80 23.40
C SER A 6 -8.71 -1.23 22.43
N GLY A 7 -9.05 -2.19 21.57
CA GLY A 7 -8.09 -2.67 20.59
C GLY A 7 -8.67 -3.75 19.69
N PRO A 8 -9.42 -3.31 18.65
CA PRO A 8 -10.05 -4.22 17.69
C PRO A 8 -9.03 -4.92 16.79
N VAL A 9 -8.13 -4.14 16.20
CA VAL A 9 -7.10 -4.68 15.32
C VAL A 9 -5.93 -3.70 15.18
N HIS A 10 -4.72 -4.23 15.25
CA HIS A 10 -3.51 -3.42 15.13
C HIS A 10 -2.57 -4.00 14.09
N ILE A 11 -2.06 -3.13 13.22
CA ILE A 11 -1.13 -3.56 12.18
C ILE A 11 0.09 -4.27 12.77
N LEU A 12 0.63 -5.22 12.03
CA LEU A 12 1.80 -5.96 12.48
C LEU A 12 2.99 -5.72 11.56
N SER A 13 2.71 -5.57 10.27
CA SER A 13 3.76 -5.33 9.28
C SER A 13 3.22 -4.50 8.11
N PRO A 14 3.96 -3.43 7.78
CA PRO A 14 5.19 -3.06 8.48
C PRO A 14 4.92 -2.55 9.90
N GLN A 15 5.98 -2.09 10.57
CA GLN A 15 5.86 -1.59 11.93
C GLN A 15 5.82 -0.07 11.95
N ASP A 16 6.59 0.55 11.05
CA ASP A 16 6.64 2.01 10.96
C ASP A 16 6.82 2.46 9.52
N LYS A 17 6.80 3.77 9.30
CA LYS A 17 6.94 4.33 7.97
C LYS A 17 8.14 3.71 7.25
N VAL A 18 7.93 3.26 6.01
CA VAL A 18 8.98 2.65 5.22
C VAL A 18 9.39 3.55 4.06
N SER A 19 10.48 3.19 3.39
CA SER A 19 10.98 3.97 2.26
C SER A 19 11.35 3.05 1.10
N LEU A 20 10.89 3.40 -0.10
CA LEU A 20 11.18 2.61 -1.29
C LEU A 20 11.29 3.51 -2.52
N THR A 21 12.12 3.10 -3.48
CA THR A 21 12.31 3.86 -4.70
C THR A 21 12.21 2.96 -5.93
N PHE A 22 11.43 3.40 -6.91
CA PHE A 22 11.24 2.64 -8.14
C PHE A 22 11.40 3.53 -9.36
N THR A 23 11.47 2.91 -10.54
CA THR A 23 11.63 3.64 -11.78
C THR A 23 10.36 3.56 -12.63
N THR A 24 10.13 4.60 -13.44
CA THR A 24 8.96 4.64 -14.30
C THR A 24 8.83 3.36 -15.13
N SER A 25 7.60 2.99 -15.45
CA SER A 25 7.34 1.79 -16.23
C SER A 25 7.87 0.55 -15.51
N GLU A 26 7.58 0.46 -14.21
CA GLU A 26 8.03 -0.67 -13.41
C GLU A 26 6.87 -1.26 -12.62
N ARG A 27 7.14 -2.36 -11.91
CA ARG A 27 6.13 -3.02 -11.11
C ARG A 27 6.31 -2.72 -9.63
N VAL A 28 5.32 -2.07 -9.03
CA VAL A 28 5.38 -1.72 -7.62
C VAL A 28 4.30 -2.46 -6.82
N VAL A 29 4.73 -3.34 -5.94
CA VAL A 29 3.81 -4.11 -5.12
C VAL A 29 4.17 -4.01 -3.64
N LEU A 30 3.27 -3.43 -2.86
CA LEU A 30 3.48 -3.25 -1.43
C LEU A 30 3.01 -4.49 -0.65
N THR A 31 3.07 -4.41 0.67
CA THR A 31 2.65 -5.50 1.52
C THR A 31 2.28 -5.02 2.92
N CYS A 32 1.17 -5.50 3.44
CA CYS A 32 0.70 -5.11 4.77
C CYS A 32 0.10 -6.31 5.51
N GLU A 33 0.13 -6.26 6.83
CA GLU A 33 -0.40 -7.33 7.66
C GLU A 33 -1.25 -6.78 8.79
N LEU A 34 -2.23 -7.56 9.23
CA LEU A 34 -3.12 -7.15 10.31
C LEU A 34 -3.17 -8.21 11.41
N SER A 35 -3.85 -7.88 12.51
CA SER A 35 -3.97 -8.80 13.63
C SER A 35 -5.16 -9.74 13.44
N ARG A 36 -6.12 -9.31 12.63
CA ARG A 36 -7.31 -10.10 12.36
C ARG A 36 -7.38 -10.49 10.89
N VAL A 37 -7.90 -11.68 10.62
CA VAL A 37 -8.04 -12.18 9.25
C VAL A 37 -9.40 -11.81 8.67
N ASP A 38 -9.51 -11.88 7.35
CA ASP A 38 -10.76 -11.56 6.66
C ASP A 38 -11.34 -10.25 7.18
N PHE A 39 -10.47 -9.27 7.37
CA PHE A 39 -10.90 -7.95 7.86
C PHE A 39 -10.93 -6.93 6.72
N PRO A 40 -11.97 -6.09 6.73
CA PRO A 40 -12.15 -5.05 5.71
C PRO A 40 -11.12 -3.94 5.83
N ALA A 41 -10.78 -3.34 4.69
CA ALA A 41 -9.80 -2.25 4.67
C ALA A 41 -9.91 -1.44 3.38
N THR A 42 -9.09 -0.40 3.27
CA THR A 42 -9.11 0.46 2.10
C THR A 42 -7.76 1.15 1.90
N TRP A 43 -7.34 1.27 0.64
CA TRP A 43 -6.07 1.90 0.33
C TRP A 43 -6.26 3.39 0.02
N TYR A 44 -5.30 4.20 0.43
CA TYR A 44 -5.37 5.65 0.19
C TYR A 44 -4.00 6.20 -0.18
N LYS A 45 -3.99 7.27 -0.97
CA LYS A 45 -2.75 7.90 -1.40
C LYS A 45 -2.80 9.41 -1.18
N ASP A 46 -1.81 9.94 -0.49
CA ASP A 46 -1.74 11.38 -0.22
C ASP A 46 -3.05 11.87 0.39
N GLY A 47 -3.66 11.06 1.24
CA GLY A 47 -4.91 11.44 1.88
C GLY A 47 -6.07 11.40 0.91
N GLN A 48 -6.00 10.52 -0.09
CA GLN A 48 -7.05 10.40 -1.09
C GLN A 48 -7.40 8.94 -1.32
N LYS A 49 -8.63 8.70 -1.79
CA LYS A 49 -9.09 7.35 -2.06
C LYS A 49 -8.64 6.88 -3.43
N VAL A 50 -7.99 5.72 -3.49
CA VAL A 50 -7.50 5.16 -4.74
C VAL A 50 -8.66 4.58 -5.55
N GLU A 51 -8.45 4.48 -6.87
CA GLU A 51 -9.46 3.93 -7.76
C GLU A 51 -9.01 2.59 -8.34
N GLU A 52 -9.62 1.51 -7.87
CA GLU A 52 -9.29 0.17 -8.34
C GLU A 52 -9.52 0.05 -9.84
N SER A 53 -8.45 -0.22 -10.59
CA SER A 53 -8.53 -0.36 -12.03
C SER A 53 -7.41 -1.24 -12.57
N GLU A 54 -7.37 -1.41 -13.88
CA GLU A 54 -6.34 -2.23 -14.52
C GLU A 54 -4.95 -1.76 -14.12
N LEU A 55 -4.79 -0.44 -14.02
CA LEU A 55 -3.50 0.14 -13.64
C LEU A 55 -3.28 0.07 -12.13
N LEU A 56 -4.34 -0.28 -11.41
CA LEU A 56 -4.28 -0.38 -9.95
C LEU A 56 -4.86 -1.70 -9.47
N VAL A 57 -4.00 -2.62 -9.09
CA VAL A 57 -4.43 -3.93 -8.59
C VAL A 57 -4.36 -4.00 -7.08
N VAL A 58 -5.40 -4.56 -6.47
CA VAL A 58 -5.47 -4.69 -5.01
C VAL A 58 -5.79 -6.11 -4.61
N LYS A 59 -4.78 -6.83 -4.13
CA LYS A 59 -4.95 -8.22 -3.70
C LYS A 59 -5.09 -8.30 -2.19
N MET A 60 -6.07 -9.07 -1.73
CA MET A 60 -6.31 -9.25 -0.30
C MET A 60 -6.20 -10.71 0.10
N ASP A 61 -5.51 -10.97 1.20
CA ASP A 61 -5.34 -12.33 1.68
C ASP A 61 -5.56 -12.41 3.20
N GLY A 62 -6.82 -12.62 3.58
CA GLY A 62 -7.15 -12.70 5.00
C GLY A 62 -6.63 -11.52 5.79
N ARG A 63 -5.47 -11.69 6.40
CA ARG A 63 -4.87 -10.62 7.19
C ARG A 63 -3.63 -10.05 6.49
N LYS A 64 -3.65 -10.06 5.17
CA LYS A 64 -2.55 -9.54 4.37
C LYS A 64 -3.05 -8.80 3.14
N HIS A 65 -2.93 -7.48 3.16
CA HIS A 65 -3.37 -6.66 2.03
C HIS A 65 -2.18 -6.03 1.32
N ARG A 66 -2.15 -6.17 0.00
CA ARG A 66 -1.06 -5.61 -0.80
C ARG A 66 -1.59 -5.03 -2.11
N LEU A 67 -1.01 -3.91 -2.53
CA LEU A 67 -1.42 -3.25 -3.77
C LEU A 67 -0.38 -3.45 -4.86
N ILE A 68 -0.80 -3.98 -5.99
CA ILE A 68 0.09 -4.22 -7.12
C ILE A 68 -0.12 -3.17 -8.21
N LEU A 69 0.96 -2.84 -8.91
CA LEU A 69 0.91 -1.86 -9.99
C LEU A 69 1.70 -2.32 -11.20
N PRO A 70 1.01 -2.47 -12.34
CA PRO A 70 1.62 -2.91 -13.60
C PRO A 70 2.55 -1.86 -14.18
N GLU A 71 2.18 -0.59 -14.03
CA GLU A 71 2.99 0.51 -14.55
C GLU A 71 3.16 1.60 -13.49
N ALA A 72 4.40 1.79 -13.05
CA ALA A 72 4.70 2.80 -12.04
C ALA A 72 4.87 4.18 -12.69
N LYS A 73 3.79 4.96 -12.69
CA LYS A 73 3.82 6.29 -13.27
C LYS A 73 4.27 7.32 -12.24
N VAL A 74 4.96 8.37 -12.71
CA VAL A 74 5.44 9.42 -11.83
C VAL A 74 4.41 9.80 -10.79
N GLN A 75 3.14 9.79 -11.20
CA GLN A 75 2.04 10.13 -10.30
C GLN A 75 1.93 9.11 -9.17
N ASP A 76 2.10 7.84 -9.51
CA ASP A 76 2.03 6.77 -8.52
C ASP A 76 2.89 7.09 -7.30
N SER A 77 3.98 7.81 -7.53
CA SER A 77 4.89 8.17 -6.45
C SER A 77 4.15 8.90 -5.34
N GLY A 78 4.26 8.39 -4.12
CA GLY A 78 3.60 9.01 -2.98
C GLY A 78 3.44 8.06 -1.81
N GLU A 79 2.91 8.57 -0.71
CA GLU A 79 2.70 7.76 0.49
C GLU A 79 1.43 6.92 0.36
N PHE A 80 1.55 5.63 0.67
CA PHE A 80 0.42 4.71 0.60
C PHE A 80 -0.08 4.34 1.99
N GLU A 81 -1.38 4.50 2.22
CA GLU A 81 -1.97 4.18 3.51
C GLU A 81 -2.98 3.04 3.38
N CYS A 82 -2.94 2.10 4.31
CA CYS A 82 -3.85 0.97 4.30
C CYS A 82 -4.77 1.00 5.51
N ARG A 83 -5.81 1.84 5.43
CA ARG A 83 -6.76 1.98 6.51
C ARG A 83 -7.57 0.69 6.69
N THR A 84 -7.62 0.20 7.92
CA THR A 84 -8.35 -1.03 8.23
C THR A 84 -9.52 -0.75 9.17
N GLU A 85 -9.20 -0.53 10.44
CA GLU A 85 -10.21 -0.25 11.46
C GLU A 85 -10.00 1.12 12.08
N GLY A 86 -8.88 1.28 12.78
CA GLY A 86 -8.58 2.54 13.43
C GLY A 86 -7.18 3.04 13.11
N VAL A 87 -6.30 2.11 12.75
CA VAL A 87 -4.92 2.44 12.42
C VAL A 87 -4.64 2.22 10.94
N SER A 88 -3.45 2.64 10.50
CA SER A 88 -3.05 2.49 9.11
C SER A 88 -1.53 2.49 8.98
N ALA A 89 -1.04 2.00 7.84
CA ALA A 89 0.40 1.94 7.58
C ALA A 89 0.83 3.07 6.65
N PHE A 90 2.14 3.24 6.51
CA PHE A 90 2.69 4.28 5.64
C PHE A 90 3.84 3.73 4.80
N PHE A 91 3.64 3.71 3.49
CA PHE A 91 4.65 3.21 2.57
C PHE A 91 5.16 4.32 1.65
N GLY A 92 6.42 4.69 1.81
CA GLY A 92 6.99 5.74 0.98
C GLY A 92 7.48 5.23 -0.36
N VAL A 93 6.87 5.73 -1.43
CA VAL A 93 7.25 5.33 -2.78
C VAL A 93 7.73 6.51 -3.60
N THR A 94 8.68 6.27 -4.49
CA THR A 94 9.23 7.32 -5.34
C THR A 94 9.53 6.79 -6.73
N VAL A 95 8.73 7.23 -7.71
CA VAL A 95 8.92 6.80 -9.09
C VAL A 95 9.73 7.82 -9.88
N GLN A 96 11.03 7.57 -9.99
CA GLN A 96 11.92 8.47 -10.71
C GLN A 96 12.12 8.00 -12.15
N ASP A 97 11.79 8.87 -13.11
CA ASP A 97 11.93 8.54 -14.52
C ASP A 97 13.38 8.30 -14.89
N PRO A 98 13.64 7.23 -15.64
CA PRO A 98 15.00 6.87 -16.07
C PRO A 98 15.56 7.85 -17.09
N SER A 99 16.88 7.91 -17.19
CA SER A 99 17.54 8.81 -18.12
C SER A 99 16.93 8.70 -19.51
N GLY A 100 16.78 7.47 -19.99
CA GLY A 100 16.21 7.25 -21.30
C GLY A 100 15.00 6.33 -21.26
N PRO A 101 14.02 6.60 -22.13
CA PRO A 101 12.79 5.81 -22.21
C PRO A 101 13.03 4.41 -22.77
N SER A 102 12.58 3.40 -22.03
CA SER A 102 12.76 2.01 -22.45
C SER A 102 11.41 1.35 -22.71
N SER A 103 11.29 0.69 -23.87
CA SER A 103 10.06 0.02 -24.23
C SER A 103 10.34 -1.39 -24.73
N GLY A 104 11.29 -1.52 -25.66
CA GLY A 104 11.64 -2.82 -26.20
C GLY A 104 13.01 -3.29 -25.75
N GLY A 1 -9.67 -20.69 24.25
CA GLY A 1 -10.15 -20.70 22.88
C GLY A 1 -11.05 -19.52 22.57
N SER A 2 -12.19 -19.45 23.26
CA SER A 2 -13.14 -18.36 23.06
C SER A 2 -12.85 -17.20 24.00
N SER A 3 -12.32 -16.11 23.43
CA SER A 3 -12.00 -14.93 24.22
C SER A 3 -11.94 -13.69 23.34
N GLY A 4 -12.30 -12.55 23.91
CA GLY A 4 -12.30 -11.31 23.16
C GLY A 4 -11.09 -10.45 23.48
N SER A 5 -10.28 -10.15 22.47
CA SER A 5 -9.09 -9.34 22.65
C SER A 5 -9.45 -7.88 22.90
N SER A 6 -8.91 -7.30 23.96
CA SER A 6 -9.18 -5.91 24.31
C SER A 6 -9.33 -5.06 23.06
N GLY A 7 -8.26 -4.97 22.27
CA GLY A 7 -8.29 -4.18 21.06
C GLY A 7 -8.92 -4.92 19.91
N PRO A 8 -9.59 -4.18 19.01
CA PRO A 8 -10.26 -4.76 17.83
C PRO A 8 -9.26 -5.28 16.80
N VAL A 9 -8.30 -4.45 16.43
CA VAL A 9 -7.28 -4.82 15.46
C VAL A 9 -6.11 -3.86 15.49
N HIS A 10 -4.94 -4.35 15.09
CA HIS A 10 -3.73 -3.52 15.06
C HIS A 10 -2.72 -4.06 14.04
N ILE A 11 -2.15 -3.15 13.26
CA ILE A 11 -1.17 -3.53 12.25
C ILE A 11 0.04 -4.21 12.88
N LEU A 12 0.60 -5.17 12.15
CA LEU A 12 1.77 -5.91 12.65
C LEU A 12 3.02 -5.54 11.84
N SER A 13 2.83 -5.32 10.54
CA SER A 13 3.93 -4.97 9.66
C SER A 13 3.44 -4.15 8.47
N PRO A 14 4.20 -3.09 8.13
CA PRO A 14 5.43 -2.74 8.84
C PRO A 14 5.16 -2.22 10.24
N GLN A 15 6.23 -1.80 10.93
CA GLN A 15 6.09 -1.27 12.28
C GLN A 15 6.12 0.26 12.28
N ASP A 16 6.94 0.83 11.40
CA ASP A 16 7.06 2.27 11.30
C ASP A 16 7.15 2.71 9.83
N LYS A 17 7.06 4.01 9.60
CA LYS A 17 7.13 4.55 8.26
C LYS A 17 8.27 3.91 7.47
N VAL A 18 7.98 3.52 6.23
CA VAL A 18 8.99 2.89 5.38
C VAL A 18 9.33 3.78 4.18
N SER A 19 10.36 3.40 3.45
CA SER A 19 10.79 4.16 2.28
C SER A 19 11.24 3.23 1.16
N LEU A 20 10.75 3.48 -0.04
CA LEU A 20 11.10 2.66 -1.20
C LEU A 20 11.28 3.54 -2.45
N THR A 21 11.88 2.96 -3.48
CA THR A 21 12.11 3.68 -4.73
C THR A 21 11.92 2.76 -5.94
N PHE A 22 11.38 3.33 -7.01
CA PHE A 22 11.14 2.56 -8.23
C PHE A 22 11.35 3.44 -9.47
N THR A 23 11.36 2.80 -10.64
CA THR A 23 11.55 3.52 -11.89
C THR A 23 10.29 3.48 -12.75
N THR A 24 10.12 4.49 -13.60
CA THR A 24 8.96 4.57 -14.47
C THR A 24 8.76 3.28 -15.26
N SER A 25 7.51 2.90 -15.47
CA SER A 25 7.19 1.68 -16.21
C SER A 25 7.74 0.46 -15.49
N GLU A 26 7.45 0.37 -14.19
CA GLU A 26 7.91 -0.76 -13.38
C GLU A 26 6.76 -1.35 -12.57
N ARG A 27 7.06 -2.41 -11.83
CA ARG A 27 6.04 -3.07 -11.01
C ARG A 27 6.22 -2.72 -9.53
N VAL A 28 5.25 -2.00 -8.98
CA VAL A 28 5.29 -1.60 -7.58
C VAL A 28 4.29 -2.39 -6.75
N VAL A 29 4.80 -3.23 -5.86
CA VAL A 29 3.94 -4.05 -5.00
C VAL A 29 4.30 -3.85 -3.53
N LEU A 30 3.42 -3.20 -2.79
CA LEU A 30 3.64 -2.94 -1.37
C LEU A 30 3.33 -4.18 -0.54
N THR A 31 3.37 -4.04 0.77
CA THR A 31 3.09 -5.15 1.68
C THR A 31 2.63 -4.64 3.04
N CYS A 32 1.60 -5.28 3.60
CA CYS A 32 1.06 -4.89 4.89
C CYS A 32 0.43 -6.09 5.59
N GLU A 33 0.49 -6.08 6.93
CA GLU A 33 -0.06 -7.18 7.71
C GLU A 33 -1.06 -6.64 8.74
N LEU A 34 -1.99 -7.50 9.16
CA LEU A 34 -3.00 -7.12 10.15
C LEU A 34 -3.16 -8.20 11.20
N SER A 35 -4.11 -7.98 12.12
CA SER A 35 -4.37 -8.95 13.19
C SER A 35 -5.77 -9.53 13.05
N ARG A 36 -6.43 -9.23 11.93
CA ARG A 36 -7.78 -9.72 11.68
C ARG A 36 -7.91 -10.22 10.25
N VAL A 37 -8.64 -11.33 10.08
CA VAL A 37 -8.84 -11.92 8.77
C VAL A 37 -10.16 -11.45 8.16
N ASP A 38 -10.22 -11.44 6.82
CA ASP A 38 -11.42 -11.02 6.12
C ASP A 38 -11.90 -9.66 6.62
N PHE A 39 -10.96 -8.82 7.03
CA PHE A 39 -11.29 -7.49 7.53
C PHE A 39 -11.27 -6.46 6.40
N PRO A 40 -12.24 -5.54 6.43
CA PRO A 40 -12.35 -4.48 5.42
C PRO A 40 -11.23 -3.46 5.52
N ALA A 41 -10.84 -2.90 4.38
CA ALA A 41 -9.78 -1.90 4.33
C ALA A 41 -9.81 -1.12 3.03
N THR A 42 -9.02 -0.05 2.96
CA THR A 42 -8.96 0.78 1.76
C THR A 42 -7.62 1.51 1.67
N TRP A 43 -7.06 1.53 0.47
CA TRP A 43 -5.78 2.20 0.24
C TRP A 43 -5.98 3.67 -0.10
N TYR A 44 -5.14 4.52 0.47
CA TYR A 44 -5.22 5.96 0.24
C TYR A 44 -3.85 6.54 -0.08
N LYS A 45 -3.79 7.36 -1.13
CA LYS A 45 -2.54 7.99 -1.54
C LYS A 45 -2.63 9.51 -1.44
N ASP A 46 -1.67 10.11 -0.76
CA ASP A 46 -1.64 11.56 -0.59
C ASP A 46 -2.99 12.07 -0.10
N GLY A 47 -3.57 11.36 0.87
CA GLY A 47 -4.86 11.76 1.41
C GLY A 47 -5.96 11.73 0.37
N GLN A 48 -5.92 10.75 -0.51
CA GLN A 48 -6.93 10.62 -1.57
C GLN A 48 -7.19 9.15 -1.88
N LYS A 49 -8.46 8.76 -1.80
CA LYS A 49 -8.85 7.37 -2.08
C LYS A 49 -8.28 6.91 -3.42
N VAL A 50 -7.91 5.64 -3.49
CA VAL A 50 -7.36 5.07 -4.71
C VAL A 50 -8.45 4.49 -5.60
N GLU A 51 -8.21 4.49 -6.91
CA GLU A 51 -9.18 3.97 -7.87
C GLU A 51 -8.82 2.54 -8.27
N GLU A 52 -9.74 1.61 -7.99
CA GLU A 52 -9.52 0.21 -8.33
C GLU A 52 -9.75 -0.04 -9.81
N SER A 53 -8.69 -0.42 -10.52
CA SER A 53 -8.77 -0.68 -11.95
C SER A 53 -7.62 -1.58 -12.41
N GLU A 54 -7.59 -1.87 -13.70
CA GLU A 54 -6.55 -2.71 -14.26
C GLU A 54 -5.17 -2.18 -13.92
N LEU A 55 -5.04 -0.86 -13.85
CA LEU A 55 -3.77 -0.21 -13.52
C LEU A 55 -3.52 -0.25 -12.02
N LEU A 56 -4.54 -0.62 -11.26
CA LEU A 56 -4.43 -0.69 -9.81
C LEU A 56 -5.02 -2.00 -9.28
N VAL A 57 -4.14 -2.91 -8.89
CA VAL A 57 -4.57 -4.21 -8.37
C VAL A 57 -4.46 -4.25 -6.86
N VAL A 58 -5.57 -4.58 -6.19
CA VAL A 58 -5.60 -4.67 -4.74
C VAL A 58 -5.79 -6.11 -4.27
N LYS A 59 -4.76 -6.64 -3.63
CA LYS A 59 -4.81 -8.01 -3.12
C LYS A 59 -5.04 -8.03 -1.62
N MET A 60 -5.96 -8.88 -1.18
CA MET A 60 -6.28 -9.00 0.24
C MET A 60 -6.10 -10.44 0.72
N ASP A 61 -4.98 -10.69 1.40
CA ASP A 61 -4.70 -12.02 1.92
C ASP A 61 -5.04 -12.12 3.40
N GLY A 62 -6.33 -12.21 3.71
CA GLY A 62 -6.76 -12.29 5.09
C GLY A 62 -6.30 -11.11 5.92
N ARG A 63 -5.18 -11.28 6.62
CA ARG A 63 -4.64 -10.22 7.46
C ARG A 63 -3.57 -9.43 6.71
N LYS A 64 -3.04 -10.02 5.65
CA LYS A 64 -2.01 -9.36 4.83
C LYS A 64 -2.64 -8.61 3.67
N HIS A 65 -2.36 -7.32 3.58
CA HIS A 65 -2.89 -6.49 2.51
C HIS A 65 -1.77 -5.80 1.74
N ARG A 66 -1.80 -5.92 0.42
CA ARG A 66 -0.79 -5.33 -0.43
C ARG A 66 -1.40 -4.78 -1.72
N LEU A 67 -0.74 -3.81 -2.31
CA LEU A 67 -1.22 -3.20 -3.55
C LEU A 67 -0.21 -3.38 -4.69
N ILE A 68 -0.65 -3.98 -5.78
CA ILE A 68 0.21 -4.22 -6.92
C ILE A 68 -0.03 -3.17 -8.01
N LEU A 69 1.02 -2.90 -8.79
CA LEU A 69 0.92 -1.92 -9.87
C LEU A 69 1.68 -2.39 -11.10
N PRO A 70 0.95 -2.56 -12.22
CA PRO A 70 1.55 -3.01 -13.49
C PRO A 70 2.45 -1.95 -14.12
N GLU A 71 2.03 -0.69 -14.01
CA GLU A 71 2.81 0.41 -14.57
C GLU A 71 3.01 1.51 -13.54
N ALA A 72 4.25 1.66 -13.08
CA ALA A 72 4.58 2.68 -12.08
C ALA A 72 4.75 4.04 -12.73
N LYS A 73 3.67 4.81 -12.76
CA LYS A 73 3.70 6.15 -13.36
C LYS A 73 4.21 7.17 -12.35
N VAL A 74 4.92 8.19 -12.84
CA VAL A 74 5.46 9.24 -11.99
C VAL A 74 4.42 9.70 -10.99
N GLN A 75 3.15 9.65 -11.37
CA GLN A 75 2.06 10.07 -10.50
C GLN A 75 1.90 9.10 -9.33
N ASP A 76 2.06 7.80 -9.61
CA ASP A 76 1.94 6.79 -8.58
C ASP A 76 2.82 7.10 -7.37
N SER A 77 3.97 7.71 -7.65
CA SER A 77 4.91 8.08 -6.59
C SER A 77 4.21 8.88 -5.49
N GLY A 78 4.57 8.57 -4.25
CA GLY A 78 3.96 9.27 -3.13
C GLY A 78 3.86 8.40 -1.89
N GLU A 79 2.97 8.78 -0.97
CA GLU A 79 2.79 8.03 0.27
C GLU A 79 1.51 7.20 0.21
N PHE A 80 1.63 5.92 0.53
CA PHE A 80 0.49 5.01 0.51
C PHE A 80 0.05 4.65 1.93
N GLU A 81 -1.24 4.78 2.19
CA GLU A 81 -1.78 4.48 3.52
C GLU A 81 -2.82 3.36 3.43
N CYS A 82 -2.70 2.37 4.31
CA CYS A 82 -3.63 1.25 4.33
C CYS A 82 -4.51 1.30 5.58
N ARG A 83 -5.70 1.87 5.43
CA ARG A 83 -6.64 1.98 6.54
C ARG A 83 -7.50 0.72 6.65
N THR A 84 -7.92 0.41 7.88
CA THR A 84 -8.74 -0.75 8.13
C THR A 84 -9.92 -0.43 9.05
N GLU A 85 -9.62 -0.25 10.34
CA GLU A 85 -10.66 0.06 11.32
C GLU A 85 -10.38 1.42 11.97
N GLY A 86 -9.28 1.49 12.72
CA GLY A 86 -8.94 2.74 13.38
C GLY A 86 -7.50 3.15 13.11
N VAL A 87 -6.66 2.19 12.75
CA VAL A 87 -5.26 2.46 12.46
C VAL A 87 -4.94 2.19 11.00
N SER A 88 -3.85 2.80 10.52
CA SER A 88 -3.43 2.62 9.13
C SER A 88 -1.92 2.56 9.02
N ALA A 89 -1.43 2.17 7.85
CA ALA A 89 0.01 2.08 7.62
C ALA A 89 0.50 3.19 6.69
N PHE A 90 1.79 3.21 6.42
CA PHE A 90 2.38 4.22 5.56
C PHE A 90 3.55 3.64 4.77
N PHE A 91 3.50 3.77 3.45
CA PHE A 91 4.56 3.26 2.58
C PHE A 91 5.03 4.35 1.62
N GLY A 92 6.30 4.71 1.73
CA GLY A 92 6.86 5.74 0.85
C GLY A 92 7.29 5.18 -0.48
N VAL A 93 6.86 5.83 -1.56
CA VAL A 93 7.20 5.39 -2.91
C VAL A 93 7.71 6.56 -3.75
N THR A 94 8.70 6.29 -4.59
CA THR A 94 9.27 7.32 -5.46
C THR A 94 9.59 6.76 -6.84
N VAL A 95 8.82 7.17 -7.84
CA VAL A 95 9.02 6.72 -9.21
C VAL A 95 9.90 7.69 -9.98
N GLN A 96 11.18 7.34 -10.13
CA GLN A 96 12.13 8.18 -10.85
C GLN A 96 12.24 7.74 -12.31
N ASP A 97 11.95 8.67 -13.21
CA ASP A 97 12.02 8.38 -14.65
C ASP A 97 13.46 8.11 -15.07
N PRO A 98 13.65 7.03 -15.85
CA PRO A 98 14.97 6.64 -16.34
C PRO A 98 15.51 7.61 -17.39
N SER A 99 16.71 7.33 -17.89
CA SER A 99 17.34 8.18 -18.89
C SER A 99 17.13 7.60 -20.29
N GLY A 100 15.95 7.82 -20.85
CA GLY A 100 15.65 7.31 -22.18
C GLY A 100 14.73 8.24 -22.96
N PRO A 101 15.11 8.53 -24.21
CA PRO A 101 14.34 9.41 -25.09
C PRO A 101 13.02 8.77 -25.53
N SER A 102 11.92 9.48 -25.30
CA SER A 102 10.61 8.97 -25.68
C SER A 102 9.60 10.12 -25.81
N SER A 103 8.86 10.12 -26.90
CA SER A 103 7.87 11.16 -27.15
C SER A 103 6.74 11.09 -26.13
N GLY A 104 6.60 9.94 -25.49
CA GLY A 104 5.56 9.77 -24.49
C GLY A 104 4.17 10.06 -25.05
N GLY A 1 -13.26 -8.91 21.00
CA GLY A 1 -14.47 -9.07 21.79
C GLY A 1 -14.18 -9.62 23.18
N SER A 2 -15.19 -10.22 23.80
CA SER A 2 -15.04 -10.78 25.14
C SER A 2 -13.82 -11.69 25.21
N SER A 3 -13.22 -11.76 26.39
CA SER A 3 -12.04 -12.60 26.60
C SER A 3 -10.96 -12.26 25.58
N GLY A 4 -10.93 -11.00 25.15
CA GLY A 4 -9.93 -10.58 24.17
C GLY A 4 -9.17 -9.35 24.62
N SER A 5 -7.97 -9.18 24.11
CA SER A 5 -7.12 -8.04 24.46
C SER A 5 -7.74 -6.74 23.94
N SER A 6 -7.15 -5.62 24.36
CA SER A 6 -7.64 -4.30 23.93
C SER A 6 -7.22 -4.00 22.50
N GLY A 7 -8.21 -3.76 21.64
CA GLY A 7 -7.91 -3.46 20.25
C GLY A 7 -8.47 -4.51 19.31
N PRO A 8 -9.35 -4.08 18.39
CA PRO A 8 -9.97 -4.97 17.41
C PRO A 8 -8.98 -5.47 16.36
N VAL A 9 -8.25 -4.53 15.76
CA VAL A 9 -7.27 -4.88 14.74
C VAL A 9 -6.02 -3.99 14.86
N HIS A 10 -4.86 -4.62 14.84
CA HIS A 10 -3.59 -3.90 14.94
C HIS A 10 -2.60 -4.40 13.90
N ILE A 11 -1.98 -3.46 13.19
CA ILE A 11 -1.00 -3.80 12.16
C ILE A 11 0.25 -4.43 12.78
N LEU A 12 0.77 -5.46 12.13
CA LEU A 12 1.98 -6.13 12.61
C LEU A 12 3.19 -5.76 11.77
N SER A 13 2.96 -5.51 10.49
CA SER A 13 4.05 -5.15 9.59
C SER A 13 3.50 -4.43 8.35
N PRO A 14 4.11 -3.28 8.03
CA PRO A 14 5.24 -2.73 8.78
C PRO A 14 4.81 -2.22 10.16
N GLN A 15 5.72 -1.52 10.83
CA GLN A 15 5.44 -0.98 12.15
C GLN A 15 5.70 0.52 12.20
N ASP A 16 6.65 0.97 11.37
CA ASP A 16 6.99 2.38 11.32
C ASP A 16 7.12 2.85 9.88
N LYS A 17 7.00 4.16 9.68
CA LYS A 17 7.10 4.74 8.34
C LYS A 17 8.22 4.07 7.54
N VAL A 18 7.90 3.65 6.32
CA VAL A 18 8.87 2.99 5.45
C VAL A 18 9.27 3.90 4.30
N SER A 19 10.19 3.41 3.46
CA SER A 19 10.67 4.18 2.32
C SER A 19 11.08 3.25 1.18
N LEU A 20 10.40 3.38 0.04
CA LEU A 20 10.71 2.56 -1.12
C LEU A 20 10.86 3.42 -2.37
N THR A 21 11.63 2.92 -3.33
CA THR A 21 11.86 3.65 -4.58
C THR A 21 11.84 2.70 -5.77
N PHE A 22 11.18 3.11 -6.84
CA PHE A 22 11.09 2.30 -8.05
C PHE A 22 11.32 3.16 -9.30
N THR A 23 11.52 2.49 -10.43
CA THR A 23 11.76 3.18 -11.69
C THR A 23 10.52 3.17 -12.56
N THR A 24 10.30 4.25 -13.30
CA THR A 24 9.15 4.37 -14.18
C THR A 24 8.96 3.10 -15.00
N SER A 25 7.72 2.87 -15.46
CA SER A 25 7.41 1.69 -16.26
C SER A 25 7.90 0.42 -15.56
N GLU A 26 7.53 0.27 -14.29
CA GLU A 26 7.94 -0.89 -13.52
C GLU A 26 6.77 -1.42 -12.67
N ARG A 27 6.98 -2.54 -12.02
CA ARG A 27 5.96 -3.15 -11.18
C ARG A 27 6.19 -2.82 -9.70
N VAL A 28 5.25 -2.08 -9.11
CA VAL A 28 5.36 -1.70 -7.72
C VAL A 28 4.31 -2.42 -6.87
N VAL A 29 4.78 -3.25 -5.94
CA VAL A 29 3.88 -3.99 -5.07
C VAL A 29 4.26 -3.81 -3.60
N LEU A 30 3.34 -3.26 -2.82
CA LEU A 30 3.58 -3.03 -1.40
C LEU A 30 3.17 -4.24 -0.58
N THR A 31 3.28 -4.13 0.74
CA THR A 31 2.92 -5.21 1.64
C THR A 31 2.43 -4.67 2.99
N CYS A 32 1.45 -5.34 3.56
CA CYS A 32 0.89 -4.93 4.85
C CYS A 32 0.27 -6.12 5.58
N GLU A 33 0.38 -6.12 6.91
CA GLU A 33 -0.16 -7.19 7.72
C GLU A 33 -1.14 -6.65 8.76
N LEU A 34 -2.12 -7.47 9.13
CA LEU A 34 -3.12 -7.07 10.11
C LEU A 34 -3.28 -8.15 11.18
N SER A 35 -4.08 -7.84 12.20
CA SER A 35 -4.32 -8.78 13.29
C SER A 35 -5.71 -9.39 13.19
N ARG A 36 -6.41 -9.08 12.10
CA ARG A 36 -7.76 -9.59 11.88
C ARG A 36 -7.90 -10.18 10.48
N VAL A 37 -8.17 -11.48 10.42
CA VAL A 37 -8.32 -12.17 9.14
C VAL A 37 -9.63 -11.81 8.48
N ASP A 38 -9.60 -11.57 7.17
CA ASP A 38 -10.79 -11.21 6.42
C ASP A 38 -11.36 -9.88 6.90
N PHE A 39 -10.52 -8.86 6.94
CA PHE A 39 -10.95 -7.54 7.38
C PHE A 39 -10.90 -6.53 6.23
N PRO A 40 -11.90 -5.65 6.18
CA PRO A 40 -12.01 -4.63 5.13
C PRO A 40 -10.94 -3.55 5.26
N ALA A 41 -10.73 -2.79 4.19
CA ALA A 41 -9.74 -1.73 4.20
C ALA A 41 -9.78 -0.94 2.89
N THR A 42 -9.19 0.25 2.90
CA THR A 42 -9.16 1.11 1.72
C THR A 42 -7.82 1.82 1.59
N TRP A 43 -7.17 1.62 0.44
CA TRP A 43 -5.87 2.25 0.19
C TRP A 43 -6.04 3.72 -0.18
N TYR A 44 -5.25 4.57 0.45
CA TYR A 44 -5.30 6.01 0.18
C TYR A 44 -3.94 6.54 -0.24
N LYS A 45 -3.92 7.33 -1.30
CA LYS A 45 -2.68 7.92 -1.80
C LYS A 45 -2.68 9.43 -1.63
N ASP A 46 -1.61 9.96 -1.05
CA ASP A 46 -1.49 11.39 -0.84
C ASP A 46 -2.73 11.96 -0.17
N GLY A 47 -3.28 11.20 0.79
CA GLY A 47 -4.47 11.63 1.50
C GLY A 47 -5.70 11.61 0.62
N GLN A 48 -5.66 10.80 -0.43
CA GLN A 48 -6.79 10.68 -1.35
C GLN A 48 -7.18 9.23 -1.55
N LYS A 49 -8.43 9.00 -1.93
CA LYS A 49 -8.94 7.65 -2.16
C LYS A 49 -8.51 7.13 -3.52
N VAL A 50 -7.90 5.95 -3.54
CA VAL A 50 -7.45 5.34 -4.78
C VAL A 50 -8.58 4.59 -5.47
N GLU A 51 -8.46 4.43 -6.79
CA GLU A 51 -9.47 3.73 -7.56
C GLU A 51 -8.97 2.37 -8.03
N GLU A 52 -9.84 1.37 -7.99
CA GLU A 52 -9.47 0.02 -8.40
C GLU A 52 -9.68 -0.17 -9.91
N SER A 53 -8.59 -0.36 -10.63
CA SER A 53 -8.66 -0.55 -12.07
C SER A 53 -7.48 -1.40 -12.56
N GLU A 54 -7.39 -1.58 -13.88
CA GLU A 54 -6.33 -2.37 -14.47
C GLU A 54 -4.95 -1.81 -14.10
N LEU A 55 -4.91 -0.51 -13.81
CA LEU A 55 -3.67 0.15 -13.44
C LEU A 55 -3.44 0.07 -11.94
N LEU A 56 -4.48 -0.30 -11.20
CA LEU A 56 -4.39 -0.42 -9.75
C LEU A 56 -5.00 -1.74 -9.26
N VAL A 57 -4.15 -2.69 -8.89
CA VAL A 57 -4.61 -3.98 -8.41
C VAL A 57 -4.52 -4.06 -6.90
N VAL A 58 -5.56 -4.59 -6.27
CA VAL A 58 -5.61 -4.73 -4.82
C VAL A 58 -5.90 -6.17 -4.42
N LYS A 59 -4.89 -6.85 -3.88
CA LYS A 59 -5.04 -8.24 -3.46
C LYS A 59 -5.24 -8.31 -1.94
N MET A 60 -6.20 -9.14 -1.53
CA MET A 60 -6.50 -9.31 -0.11
C MET A 60 -6.22 -10.74 0.34
N ASP A 61 -5.90 -10.90 1.62
CA ASP A 61 -5.61 -12.22 2.17
C ASP A 61 -5.68 -12.18 3.70
N GLY A 62 -5.90 -13.35 4.29
CA GLY A 62 -5.99 -13.44 5.74
C GLY A 62 -4.96 -12.57 6.44
N ARG A 63 -5.41 -11.46 7.01
CA ARG A 63 -4.52 -10.54 7.70
C ARG A 63 -3.36 -10.11 6.80
N LYS A 64 -3.67 -9.83 5.53
CA LYS A 64 -2.66 -9.41 4.57
C LYS A 64 -3.29 -8.58 3.47
N HIS A 65 -2.78 -7.36 3.30
CA HIS A 65 -3.28 -6.45 2.27
C HIS A 65 -2.13 -5.74 1.55
N ARG A 66 -1.99 -6.03 0.27
CA ARG A 66 -0.93 -5.42 -0.53
C ARG A 66 -1.49 -4.83 -1.83
N LEU A 67 -0.86 -3.76 -2.30
CA LEU A 67 -1.29 -3.09 -3.52
C LEU A 67 -0.28 -3.29 -4.64
N ILE A 68 -0.73 -3.86 -5.75
CA ILE A 68 0.14 -4.11 -6.89
C ILE A 68 -0.06 -3.05 -7.97
N LEU A 69 0.98 -2.80 -8.75
CA LEU A 69 0.91 -1.82 -9.83
C LEU A 69 1.65 -2.31 -11.07
N PRO A 70 0.92 -2.43 -12.18
CA PRO A 70 1.48 -2.89 -13.45
C PRO A 70 2.42 -1.87 -14.08
N GLU A 71 2.07 -0.59 -13.93
CA GLU A 71 2.89 0.49 -14.49
C GLU A 71 3.07 1.60 -13.46
N ALA A 72 4.30 1.78 -13.00
CA ALA A 72 4.61 2.81 -12.02
C ALA A 72 4.90 4.14 -12.70
N LYS A 73 3.87 4.98 -12.83
CA LYS A 73 4.02 6.29 -13.46
C LYS A 73 4.43 7.34 -12.45
N VAL A 74 5.12 8.37 -12.91
CA VAL A 74 5.58 9.45 -12.04
C VAL A 74 4.45 9.97 -11.17
N GLN A 75 3.23 9.87 -11.67
CA GLN A 75 2.05 10.33 -10.94
C GLN A 75 1.78 9.43 -9.74
N ASP A 76 2.05 8.14 -9.90
CA ASP A 76 1.84 7.17 -8.83
C ASP A 76 2.82 7.40 -7.69
N SER A 77 3.81 8.25 -7.93
CA SER A 77 4.83 8.55 -6.92
C SER A 77 4.21 9.35 -5.76
N GLY A 78 4.01 8.67 -4.63
CA GLY A 78 3.44 9.33 -3.48
C GLY A 78 3.44 8.43 -2.25
N GLU A 79 2.59 8.77 -1.28
CA GLU A 79 2.50 7.98 -0.05
C GLU A 79 1.20 7.19 0.00
N PHE A 80 1.31 5.92 0.37
CA PHE A 80 0.15 5.04 0.45
C PHE A 80 -0.25 4.79 1.91
N GLU A 81 -1.52 4.50 2.12
CA GLU A 81 -2.02 4.22 3.47
C GLU A 81 -3.20 3.25 3.43
N CYS A 82 -3.14 2.24 4.27
CA CYS A 82 -4.20 1.23 4.33
C CYS A 82 -5.15 1.51 5.50
N ARG A 83 -6.02 2.50 5.33
CA ARG A 83 -6.97 2.87 6.37
C ARG A 83 -7.85 1.68 6.74
N THR A 84 -8.01 1.46 8.05
CA THR A 84 -8.84 0.36 8.53
C THR A 84 -9.43 0.68 9.90
N GLU A 85 -10.40 -0.12 10.32
CA GLU A 85 -11.05 0.08 11.61
C GLU A 85 -10.09 -0.24 12.76
N GLY A 86 -9.19 0.69 13.04
CA GLY A 86 -8.23 0.50 14.11
C GLY A 86 -6.98 1.33 13.92
N VAL A 87 -6.18 0.99 12.92
CA VAL A 87 -4.95 1.72 12.64
C VAL A 87 -4.74 1.88 11.14
N SER A 88 -3.61 2.49 10.77
CA SER A 88 -3.30 2.71 9.36
C SER A 88 -1.79 2.69 9.14
N ALA A 89 -1.36 2.20 7.97
CA ALA A 89 0.05 2.13 7.64
C ALA A 89 0.44 3.23 6.68
N PHE A 90 1.75 3.45 6.52
CA PHE A 90 2.26 4.49 5.64
C PHE A 90 3.43 3.97 4.81
N PHE A 91 3.29 4.03 3.50
CA PHE A 91 4.34 3.57 2.60
C PHE A 91 4.77 4.68 1.63
N GLY A 92 6.04 5.08 1.74
CA GLY A 92 6.55 6.13 0.88
C GLY A 92 7.11 5.60 -0.42
N VAL A 93 6.36 5.77 -1.50
CA VAL A 93 6.81 5.29 -2.81
C VAL A 93 7.32 6.44 -3.67
N THR A 94 8.36 6.18 -4.45
CA THR A 94 8.94 7.20 -5.31
C THR A 94 9.33 6.61 -6.67
N VAL A 95 8.74 7.14 -7.73
CA VAL A 95 9.03 6.67 -9.09
C VAL A 95 9.91 7.65 -9.83
N GLN A 96 11.20 7.33 -9.92
CA GLN A 96 12.15 8.19 -10.62
C GLN A 96 12.38 7.71 -12.05
N ASP A 97 12.05 8.56 -13.01
CA ASP A 97 12.21 8.22 -14.42
C ASP A 97 13.66 7.84 -14.72
N PRO A 98 13.85 6.72 -15.45
CA PRO A 98 15.18 6.23 -15.81
C PRO A 98 15.87 7.13 -16.83
N SER A 99 17.18 6.91 -17.02
CA SER A 99 17.95 7.71 -17.97
C SER A 99 18.00 7.02 -19.34
N GLY A 100 16.96 7.25 -20.14
CA GLY A 100 16.90 6.66 -21.46
C GLY A 100 18.20 6.85 -22.23
N PRO A 101 18.56 5.84 -23.05
CA PRO A 101 19.77 5.88 -23.86
C PRO A 101 19.68 6.88 -25.00
N SER A 102 20.70 7.74 -25.10
CA SER A 102 20.73 8.76 -26.15
C SER A 102 21.72 8.38 -27.24
N SER A 103 21.22 7.68 -28.26
CA SER A 103 22.05 7.24 -29.38
C SER A 103 22.10 8.31 -30.47
N GLY A 104 23.30 8.59 -30.96
CA GLY A 104 23.47 9.59 -32.00
C GLY A 104 24.38 9.13 -33.12
N GLY A 1 -23.99 -7.93 26.44
CA GLY A 1 -23.30 -7.11 25.45
C GLY A 1 -21.91 -6.72 25.89
N SER A 2 -20.90 -7.23 25.18
CA SER A 2 -19.51 -6.92 25.51
C SER A 2 -18.98 -5.79 24.63
N SER A 3 -18.09 -4.99 25.20
CA SER A 3 -17.50 -3.86 24.47
C SER A 3 -16.40 -4.34 23.54
N GLY A 4 -15.55 -5.24 24.03
CA GLY A 4 -14.47 -5.76 23.23
C GLY A 4 -13.11 -5.28 23.70
N SER A 5 -12.10 -6.14 23.59
CA SER A 5 -10.75 -5.79 24.02
C SER A 5 -10.27 -4.53 23.31
N SER A 6 -9.40 -3.77 23.99
CA SER A 6 -8.86 -2.54 23.44
C SER A 6 -8.14 -2.81 22.13
N GLY A 7 -8.71 -2.33 21.02
CA GLY A 7 -8.10 -2.52 19.73
C GLY A 7 -8.59 -3.79 19.04
N PRO A 8 -9.59 -3.65 18.17
CA PRO A 8 -10.17 -4.78 17.44
C PRO A 8 -9.20 -5.33 16.39
N VAL A 9 -8.60 -4.44 15.61
CA VAL A 9 -7.67 -4.84 14.57
C VAL A 9 -6.41 -3.98 14.60
N HIS A 10 -5.29 -4.60 14.95
CA HIS A 10 -4.01 -3.89 15.02
C HIS A 10 -3.05 -4.39 13.94
N ILE A 11 -2.28 -3.47 13.37
CA ILE A 11 -1.32 -3.83 12.33
C ILE A 11 -0.05 -4.40 12.93
N LEU A 12 0.47 -5.45 12.30
CA LEU A 12 1.69 -6.11 12.78
C LEU A 12 2.90 -5.62 11.98
N SER A 13 2.69 -5.30 10.72
CA SER A 13 3.76 -4.82 9.86
C SER A 13 3.20 -4.07 8.65
N PRO A 14 3.92 -3.01 8.23
CA PRO A 14 5.18 -2.60 8.87
C PRO A 14 4.96 -2.01 10.26
N GLN A 15 6.05 -1.77 10.98
CA GLN A 15 5.96 -1.21 12.32
C GLN A 15 5.99 0.32 12.27
N ASP A 16 6.65 0.86 11.25
CA ASP A 16 6.75 2.31 11.09
C ASP A 16 6.83 2.69 9.61
N LYS A 17 6.62 3.97 9.32
CA LYS A 17 6.67 4.46 7.95
C LYS A 17 7.85 3.86 7.21
N VAL A 18 7.58 3.30 6.02
CA VAL A 18 8.63 2.70 5.21
C VAL A 18 8.89 3.53 3.95
N SER A 19 10.10 3.42 3.42
CA SER A 19 10.47 4.17 2.22
C SER A 19 10.86 3.21 1.09
N LEU A 20 10.38 3.51 -0.10
CA LEU A 20 10.66 2.68 -1.28
C LEU A 20 10.96 3.54 -2.49
N THR A 21 11.68 2.97 -3.46
CA THR A 21 12.03 3.68 -4.68
C THR A 21 12.00 2.75 -5.89
N PHE A 22 11.45 3.24 -6.99
CA PHE A 22 11.36 2.46 -8.22
C PHE A 22 11.56 3.34 -9.45
N THR A 23 11.51 2.72 -10.62
CA THR A 23 11.70 3.45 -11.87
C THR A 23 10.43 3.41 -12.72
N THR A 24 10.13 4.52 -13.38
CA THR A 24 8.95 4.62 -14.23
C THR A 24 8.84 3.41 -15.15
N SER A 25 7.61 2.91 -15.32
CA SER A 25 7.37 1.76 -16.17
C SER A 25 7.88 0.48 -15.50
N GLU A 26 7.58 0.33 -14.21
CA GLU A 26 8.00 -0.84 -13.46
C GLU A 26 6.86 -1.38 -12.61
N ARG A 27 7.09 -2.53 -11.98
CA ARG A 27 6.08 -3.16 -11.14
C ARG A 27 6.32 -2.83 -9.66
N VAL A 28 5.32 -2.22 -9.03
CA VAL A 28 5.43 -1.85 -7.62
C VAL A 28 4.36 -2.55 -6.79
N VAL A 29 4.81 -3.41 -5.88
CA VAL A 29 3.89 -4.15 -5.01
C VAL A 29 4.23 -3.95 -3.54
N LEU A 30 3.30 -3.35 -2.80
CA LEU A 30 3.51 -3.10 -1.38
C LEU A 30 3.16 -4.34 -0.55
N THR A 31 3.20 -4.19 0.77
CA THR A 31 2.88 -5.28 1.67
C THR A 31 2.40 -4.76 3.02
N CYS A 32 1.47 -5.49 3.64
CA CYS A 32 0.94 -5.10 4.94
C CYS A 32 0.34 -6.30 5.65
N GLU A 33 0.36 -6.26 6.99
CA GLU A 33 -0.19 -7.35 7.80
C GLU A 33 -1.17 -6.81 8.83
N LEU A 34 -2.20 -7.61 9.12
CA LEU A 34 -3.21 -7.22 10.09
C LEU A 34 -3.34 -8.27 11.19
N SER A 35 -4.30 -8.06 12.10
CA SER A 35 -4.52 -8.98 13.21
C SER A 35 -5.88 -9.67 13.07
N ARG A 36 -6.58 -9.37 11.99
CA ARG A 36 -7.89 -9.96 11.74
C ARG A 36 -8.01 -10.45 10.30
N VAL A 37 -8.45 -11.69 10.14
CA VAL A 37 -8.60 -12.28 8.81
C VAL A 37 -9.86 -11.77 8.13
N ASP A 38 -9.78 -11.57 6.82
CA ASP A 38 -10.93 -11.08 6.04
C ASP A 38 -11.45 -9.77 6.61
N PHE A 39 -10.52 -8.85 6.92
CA PHE A 39 -10.89 -7.55 7.47
C PHE A 39 -10.90 -6.49 6.38
N PRO A 40 -11.90 -5.59 6.44
CA PRO A 40 -12.05 -4.52 5.47
C PRO A 40 -10.96 -3.45 5.60
N ALA A 41 -10.54 -2.91 4.46
CA ALA A 41 -9.50 -1.89 4.45
C ALA A 41 -9.51 -1.10 3.15
N THR A 42 -9.02 0.14 3.20
CA THR A 42 -8.98 0.99 2.02
C THR A 42 -7.62 1.67 1.88
N TRP A 43 -7.08 1.65 0.66
CA TRP A 43 -5.79 2.27 0.40
C TRP A 43 -5.96 3.74 0.01
N TYR A 44 -5.01 4.56 0.46
CA TYR A 44 -5.06 5.99 0.17
C TYR A 44 -3.68 6.51 -0.24
N LYS A 45 -3.66 7.47 -1.14
CA LYS A 45 -2.41 8.05 -1.62
C LYS A 45 -2.43 9.57 -1.49
N ASP A 46 -1.40 10.13 -0.86
CA ASP A 46 -1.31 11.57 -0.69
C ASP A 46 -2.54 12.12 0.01
N GLY A 47 -3.16 11.30 0.86
CA GLY A 47 -4.35 11.71 1.58
C GLY A 47 -5.59 11.67 0.71
N GLN A 48 -5.53 10.87 -0.36
CA GLN A 48 -6.66 10.75 -1.28
C GLN A 48 -7.05 9.29 -1.45
N LYS A 49 -8.33 9.06 -1.76
CA LYS A 49 -8.84 7.70 -1.95
C LYS A 49 -8.40 7.15 -3.30
N VAL A 50 -7.81 5.96 -3.28
CA VAL A 50 -7.34 5.30 -4.50
C VAL A 50 -8.49 4.66 -5.25
N GLU A 51 -8.23 4.26 -6.50
CA GLU A 51 -9.25 3.62 -7.32
C GLU A 51 -8.76 2.27 -7.82
N GLU A 52 -9.67 1.29 -7.84
CA GLU A 52 -9.34 -0.05 -8.30
C GLU A 52 -9.54 -0.18 -9.79
N SER A 53 -8.45 -0.46 -10.51
CA SER A 53 -8.51 -0.60 -11.96
C SER A 53 -7.34 -1.44 -12.46
N GLU A 54 -7.23 -1.56 -13.78
CA GLU A 54 -6.16 -2.34 -14.40
C GLU A 54 -4.79 -1.79 -14.00
N LEU A 55 -4.71 -0.48 -13.80
CA LEU A 55 -3.47 0.17 -13.41
C LEU A 55 -3.25 0.07 -11.91
N LEU A 56 -4.30 -0.29 -11.18
CA LEU A 56 -4.22 -0.43 -9.73
C LEU A 56 -4.89 -1.73 -9.28
N VAL A 57 -4.07 -2.70 -8.89
CA VAL A 57 -4.57 -3.98 -8.42
C VAL A 57 -4.46 -4.11 -6.91
N VAL A 58 -5.55 -4.47 -6.26
CA VAL A 58 -5.58 -4.63 -4.81
C VAL A 58 -5.86 -6.07 -4.42
N LYS A 59 -4.81 -6.76 -3.95
CA LYS A 59 -4.94 -8.15 -3.54
C LYS A 59 -5.07 -8.26 -2.02
N MET A 60 -6.05 -9.03 -1.57
CA MET A 60 -6.29 -9.22 -0.15
C MET A 60 -6.00 -10.66 0.27
N ASP A 61 -5.91 -10.88 1.57
CA ASP A 61 -5.64 -12.21 2.10
C ASP A 61 -5.71 -12.23 3.63
N GLY A 62 -5.75 -13.42 4.20
CA GLY A 62 -5.82 -13.55 5.65
C GLY A 62 -4.86 -12.62 6.36
N ARG A 63 -5.40 -11.59 7.01
CA ARG A 63 -4.57 -10.63 7.73
C ARG A 63 -3.37 -10.21 6.90
N LYS A 64 -3.55 -10.16 5.58
CA LYS A 64 -2.49 -9.77 4.67
C LYS A 64 -3.04 -9.05 3.45
N HIS A 65 -2.63 -7.81 3.25
CA HIS A 65 -3.09 -7.02 2.11
C HIS A 65 -1.92 -6.30 1.45
N ARG A 66 -1.95 -6.24 0.12
CA ARG A 66 -0.89 -5.59 -0.64
C ARG A 66 -1.45 -4.98 -1.93
N LEU A 67 -0.83 -3.89 -2.37
CA LEU A 67 -1.26 -3.21 -3.59
C LEU A 67 -0.24 -3.41 -4.70
N ILE A 68 -0.69 -4.01 -5.80
CA ILE A 68 0.19 -4.25 -6.95
C ILE A 68 -0.01 -3.18 -8.01
N LEU A 69 1.04 -2.94 -8.79
CA LEU A 69 0.99 -1.94 -9.86
C LEU A 69 1.75 -2.42 -11.09
N PRO A 70 1.02 -2.55 -12.22
CA PRO A 70 1.61 -3.00 -13.48
C PRO A 70 2.55 -1.96 -14.09
N GLU A 71 2.18 -0.69 -13.96
CA GLU A 71 3.00 0.40 -14.49
C GLU A 71 3.14 1.53 -13.47
N ALA A 72 4.30 1.60 -12.84
CA ALA A 72 4.56 2.63 -11.84
C ALA A 72 4.80 3.99 -12.50
N LYS A 73 3.73 4.75 -12.69
CA LYS A 73 3.82 6.07 -13.31
C LYS A 73 4.29 7.12 -12.31
N VAL A 74 4.86 8.20 -12.82
CA VAL A 74 5.34 9.28 -11.96
C VAL A 74 4.21 9.85 -11.11
N GLN A 75 2.98 9.63 -11.54
CA GLN A 75 1.81 10.11 -10.82
C GLN A 75 1.48 9.21 -9.64
N ASP A 76 1.85 7.94 -9.76
CA ASP A 76 1.58 6.96 -8.71
C ASP A 76 2.60 7.10 -7.57
N SER A 77 3.66 7.87 -7.82
CA SER A 77 4.70 8.08 -6.82
C SER A 77 4.18 8.93 -5.67
N GLY A 78 4.39 8.45 -4.45
CA GLY A 78 3.93 9.17 -3.27
C GLY A 78 3.87 8.31 -2.03
N GLU A 79 2.99 8.66 -1.10
CA GLU A 79 2.84 7.91 0.14
C GLU A 79 1.49 7.17 0.16
N PHE A 80 1.54 5.89 0.50
CA PHE A 80 0.34 5.07 0.56
C PHE A 80 -0.03 4.76 2.01
N GLU A 81 -1.33 4.63 2.27
CA GLU A 81 -1.82 4.33 3.61
C GLU A 81 -3.01 3.38 3.55
N CYS A 82 -2.99 2.38 4.43
CA CYS A 82 -4.06 1.39 4.48
C CYS A 82 -5.03 1.71 5.61
N ARG A 83 -6.07 2.48 5.30
CA ARG A 83 -7.07 2.86 6.29
C ARG A 83 -7.84 1.63 6.78
N THR A 84 -7.77 1.37 8.08
CA THR A 84 -8.46 0.23 8.67
C THR A 84 -9.14 0.62 9.98
N GLU A 85 -10.06 -0.22 10.44
CA GLU A 85 -10.78 0.03 11.68
C GLU A 85 -9.89 -0.25 12.89
N GLY A 86 -8.79 0.47 12.99
CA GLY A 86 -7.87 0.28 14.10
C GLY A 86 -6.64 1.16 14.00
N VAL A 87 -5.82 0.92 12.97
CA VAL A 87 -4.60 1.70 12.76
C VAL A 87 -4.40 1.99 11.28
N SER A 88 -3.32 2.71 10.97
CA SER A 88 -3.01 3.08 9.59
C SER A 88 -1.53 2.87 9.30
N ALA A 89 -1.23 2.39 8.10
CA ALA A 89 0.16 2.16 7.70
C ALA A 89 0.64 3.23 6.72
N PHE A 90 1.93 3.23 6.43
CA PHE A 90 2.52 4.21 5.52
C PHE A 90 3.59 3.55 4.65
N PHE A 91 3.47 3.74 3.35
CA PHE A 91 4.44 3.18 2.40
C PHE A 91 4.95 4.24 1.44
N GLY A 92 6.25 4.51 1.50
CA GLY A 92 6.84 5.51 0.63
C GLY A 92 7.20 4.95 -0.73
N VAL A 93 6.70 5.59 -1.78
CA VAL A 93 6.97 5.16 -3.15
C VAL A 93 7.47 6.31 -4.01
N THR A 94 8.64 6.13 -4.61
CA THR A 94 9.23 7.17 -5.46
C THR A 94 9.58 6.61 -6.84
N VAL A 95 8.71 6.87 -7.81
CA VAL A 95 8.93 6.40 -9.18
C VAL A 95 9.75 7.40 -9.98
N GLN A 96 11.04 7.14 -10.10
CA GLN A 96 11.94 8.02 -10.84
C GLN A 96 12.03 7.59 -12.30
N ASP A 97 11.82 8.54 -13.21
CA ASP A 97 11.89 8.25 -14.63
C ASP A 97 13.34 8.11 -15.09
N PRO A 98 13.61 7.06 -15.88
CA PRO A 98 14.96 6.79 -16.40
C PRO A 98 15.38 7.81 -17.45
N SER A 99 16.04 8.88 -17.00
CA SER A 99 16.49 9.93 -17.92
C SER A 99 17.18 9.33 -19.13
N GLY A 100 17.06 10.01 -20.27
CA GLY A 100 17.68 9.53 -21.49
C GLY A 100 17.39 10.42 -22.69
N PRO A 101 18.09 10.18 -23.80
CA PRO A 101 17.92 10.96 -25.03
C PRO A 101 16.57 10.72 -25.69
N SER A 102 15.69 11.71 -25.61
CA SER A 102 14.36 11.59 -26.20
C SER A 102 14.45 11.49 -27.73
N SER A 103 13.68 10.57 -28.29
CA SER A 103 13.68 10.35 -29.73
C SER A 103 12.45 11.01 -30.37
N GLY A 104 12.38 10.93 -31.70
CA GLY A 104 11.26 11.52 -32.41
C GLY A 104 11.66 12.71 -33.25
N GLY A 1 -10.60 -21.59 20.83
CA GLY A 1 -10.51 -20.76 22.01
C GLY A 1 -10.23 -19.30 21.68
N SER A 2 -11.29 -18.55 21.39
CA SER A 2 -11.15 -17.14 21.04
C SER A 2 -11.51 -16.25 22.23
N SER A 3 -10.52 -15.53 22.74
CA SER A 3 -10.73 -14.63 23.87
C SER A 3 -10.58 -13.17 23.46
N GLY A 4 -11.34 -12.30 24.11
CA GLY A 4 -11.27 -10.89 23.80
C GLY A 4 -9.85 -10.36 23.78
N SER A 5 -9.67 -9.12 23.31
CA SER A 5 -8.35 -8.51 23.23
C SER A 5 -8.46 -7.01 23.00
N SER A 6 -7.64 -6.25 23.71
CA SER A 6 -7.65 -4.79 23.59
C SER A 6 -7.43 -4.37 22.14
N GLY A 7 -8.31 -3.51 21.64
CA GLY A 7 -8.19 -3.04 20.27
C GLY A 7 -8.83 -3.98 19.28
N PRO A 8 -9.54 -3.41 18.28
CA PRO A 8 -10.21 -4.19 17.25
C PRO A 8 -9.23 -4.88 16.30
N VAL A 9 -8.29 -4.10 15.77
CA VAL A 9 -7.29 -4.63 14.84
C VAL A 9 -6.12 -3.67 14.70
N HIS A 10 -4.93 -4.14 15.08
CA HIS A 10 -3.73 -3.33 14.99
C HIS A 10 -2.83 -3.80 13.84
N ILE A 11 -1.90 -2.95 13.44
CA ILE A 11 -0.98 -3.27 12.35
C ILE A 11 0.25 -4.01 12.87
N LEU A 12 0.78 -4.92 12.06
CA LEU A 12 1.96 -5.69 12.43
C LEU A 12 3.13 -5.37 11.52
N SER A 13 2.83 -5.06 10.25
CA SER A 13 3.86 -4.73 9.27
C SER A 13 3.28 -3.91 8.13
N PRO A 14 3.91 -2.77 7.85
CA PRO A 14 5.08 -2.31 8.59
C PRO A 14 4.75 -1.89 10.02
N GLN A 15 5.74 -1.34 10.71
CA GLN A 15 5.54 -0.89 12.09
C GLN A 15 5.32 0.62 12.15
N ASP A 16 6.04 1.34 11.30
CA ASP A 16 5.92 2.80 11.26
C ASP A 16 5.81 3.29 9.82
N LYS A 17 6.92 3.20 9.08
CA LYS A 17 6.94 3.63 7.69
C LYS A 17 8.06 2.91 6.92
N VAL A 18 7.77 2.58 5.66
CA VAL A 18 8.74 1.89 4.82
C VAL A 18 9.19 2.78 3.67
N SER A 19 10.37 2.49 3.14
CA SER A 19 10.93 3.27 2.04
C SER A 19 11.24 2.37 0.84
N LEU A 20 10.76 2.76 -0.33
CA LEU A 20 10.99 1.99 -1.55
C LEU A 20 11.19 2.91 -2.74
N THR A 21 12.06 2.50 -3.66
CA THR A 21 12.33 3.29 -4.86
C THR A 21 12.17 2.46 -6.12
N PHE A 22 11.54 3.05 -7.14
CA PHE A 22 11.32 2.35 -8.40
C PHE A 22 11.53 3.29 -9.58
N THR A 23 11.54 2.72 -10.78
CA THR A 23 11.73 3.51 -12.00
C THR A 23 10.46 3.56 -12.84
N THR A 24 10.20 4.72 -13.44
CA THR A 24 9.01 4.89 -14.27
C THR A 24 8.78 3.67 -15.16
N SER A 25 7.51 3.30 -15.31
CA SER A 25 7.15 2.14 -16.13
C SER A 25 7.67 0.85 -15.51
N GLU A 26 7.42 0.68 -14.22
CA GLU A 26 7.87 -0.51 -13.50
C GLU A 26 6.74 -1.10 -12.67
N ARG A 27 7.03 -2.21 -11.98
CA ARG A 27 6.04 -2.87 -11.15
C ARG A 27 6.25 -2.52 -9.67
N VAL A 28 5.22 -1.97 -9.05
CA VAL A 28 5.29 -1.57 -7.65
C VAL A 28 4.24 -2.32 -6.82
N VAL A 29 4.71 -3.20 -5.95
CA VAL A 29 3.82 -3.98 -5.09
C VAL A 29 4.19 -3.83 -3.62
N LEU A 30 3.27 -3.31 -2.83
CA LEU A 30 3.50 -3.11 -1.39
C LEU A 30 3.02 -4.32 -0.60
N THR A 31 3.08 -4.21 0.72
CA THR A 31 2.67 -5.30 1.61
C THR A 31 2.27 -4.77 2.98
N CYS A 32 1.08 -5.17 3.43
CA CYS A 32 0.58 -4.73 4.73
C CYS A 32 -0.03 -5.90 5.49
N GLU A 33 0.24 -5.97 6.79
CA GLU A 33 -0.28 -7.03 7.64
C GLU A 33 -1.18 -6.47 8.74
N LEU A 34 -2.21 -7.22 9.10
CA LEU A 34 -3.14 -6.79 10.14
C LEU A 34 -3.29 -7.88 11.21
N SER A 35 -4.02 -7.56 12.27
CA SER A 35 -4.25 -8.50 13.36
C SER A 35 -5.67 -9.04 13.33
N ARG A 36 -6.24 -9.11 12.12
CA ARG A 36 -7.60 -9.62 11.95
C ARG A 36 -7.80 -10.15 10.54
N VAL A 37 -7.99 -11.46 10.43
CA VAL A 37 -8.21 -12.10 9.13
C VAL A 37 -9.58 -11.76 8.57
N ASP A 38 -9.69 -11.73 7.25
CA ASP A 38 -10.95 -11.42 6.58
C ASP A 38 -11.52 -10.10 7.10
N PHE A 39 -10.71 -9.05 7.05
CA PHE A 39 -11.13 -7.73 7.50
C PHE A 39 -11.11 -6.73 6.36
N PRO A 40 -12.16 -5.90 6.28
CA PRO A 40 -12.29 -4.88 5.24
C PRO A 40 -11.30 -3.74 5.42
N ALA A 41 -11.02 -3.03 4.33
CA ALA A 41 -10.08 -1.91 4.37
C ALA A 41 -10.05 -1.17 3.04
N THR A 42 -9.22 -0.13 2.96
CA THR A 42 -9.10 0.66 1.74
C THR A 42 -7.73 1.31 1.65
N TRP A 43 -7.31 1.65 0.43
CA TRP A 43 -6.03 2.29 0.21
C TRP A 43 -6.20 3.77 -0.14
N TYR A 44 -5.20 4.57 0.21
CA TYR A 44 -5.23 6.00 -0.06
C TYR A 44 -3.85 6.53 -0.42
N LYS A 45 -3.83 7.62 -1.19
CA LYS A 45 -2.57 8.22 -1.60
C LYS A 45 -2.61 9.74 -1.42
N ASP A 46 -1.57 10.28 -0.80
CA ASP A 46 -1.48 11.71 -0.57
C ASP A 46 -2.83 12.28 -0.14
N GLY A 47 -3.55 11.51 0.67
CA GLY A 47 -4.86 11.94 1.15
C GLY A 47 -5.92 11.88 0.06
N GLN A 48 -5.80 10.92 -0.84
CA GLN A 48 -6.76 10.77 -1.93
C GLN A 48 -7.16 9.30 -2.10
N LYS A 49 -8.46 9.04 -1.99
CA LYS A 49 -8.98 7.69 -2.13
C LYS A 49 -8.64 7.12 -3.51
N VAL A 50 -8.22 5.85 -3.53
CA VAL A 50 -7.88 5.19 -4.78
C VAL A 50 -9.05 4.39 -5.32
N GLU A 51 -9.00 4.09 -6.62
CA GLU A 51 -10.07 3.34 -7.26
C GLU A 51 -9.52 2.05 -7.88
N GLU A 52 -9.93 0.92 -7.32
CA GLU A 52 -9.47 -0.38 -7.82
C GLU A 52 -9.71 -0.50 -9.32
N SER A 53 -8.64 -0.77 -10.06
CA SER A 53 -8.74 -0.90 -11.51
C SER A 53 -7.51 -1.62 -12.07
N GLU A 54 -7.43 -1.71 -13.39
CA GLU A 54 -6.31 -2.37 -14.05
C GLU A 54 -5.00 -1.70 -13.67
N LEU A 55 -5.07 -0.43 -13.29
CA LEU A 55 -3.89 0.33 -12.89
C LEU A 55 -3.62 0.19 -11.40
N LEU A 56 -4.63 -0.25 -10.66
CA LEU A 56 -4.50 -0.42 -9.22
C LEU A 56 -5.14 -1.74 -8.77
N VAL A 57 -4.30 -2.72 -8.46
CA VAL A 57 -4.77 -4.02 -8.02
C VAL A 57 -4.65 -4.17 -6.50
N VAL A 58 -5.65 -4.79 -5.89
CA VAL A 58 -5.66 -4.99 -4.45
C VAL A 58 -5.97 -6.45 -4.10
N LYS A 59 -5.02 -7.10 -3.44
CA LYS A 59 -5.19 -8.49 -3.04
C LYS A 59 -5.43 -8.61 -1.54
N MET A 60 -5.80 -9.80 -1.09
CA MET A 60 -6.05 -10.05 0.32
C MET A 60 -5.73 -11.49 0.69
N ASP A 61 -4.63 -11.70 1.39
CA ASP A 61 -4.22 -13.03 1.81
C ASP A 61 -4.26 -13.16 3.33
N GLY A 62 -5.46 -13.30 3.88
CA GLY A 62 -5.61 -13.43 5.32
C GLY A 62 -4.69 -12.50 6.09
N ARG A 63 -5.20 -11.34 6.45
CA ARG A 63 -4.42 -10.35 7.19
C ARG A 63 -3.24 -9.86 6.36
N LYS A 64 -3.38 -9.94 5.04
CA LYS A 64 -2.33 -9.50 4.13
C LYS A 64 -2.90 -8.63 3.02
N HIS A 65 -2.73 -7.32 3.16
CA HIS A 65 -3.24 -6.37 2.17
C HIS A 65 -2.09 -5.72 1.41
N ARG A 66 -1.90 -6.11 0.16
CA ARG A 66 -0.84 -5.57 -0.67
C ARG A 66 -1.40 -4.94 -1.94
N LEU A 67 -0.83 -3.81 -2.34
CA LEU A 67 -1.28 -3.11 -3.53
C LEU A 67 -0.27 -3.26 -4.66
N ILE A 68 -0.70 -3.88 -5.75
CA ILE A 68 0.16 -4.09 -6.91
C ILE A 68 -0.07 -3.01 -7.97
N LEU A 69 0.98 -2.73 -8.74
CA LEU A 69 0.89 -1.72 -9.80
C LEU A 69 1.65 -2.17 -11.05
N PRO A 70 0.92 -2.29 -12.16
CA PRO A 70 1.50 -2.71 -13.44
C PRO A 70 2.42 -1.65 -14.04
N GLU A 71 2.02 -0.39 -13.89
CA GLU A 71 2.81 0.72 -14.41
C GLU A 71 3.12 1.74 -13.32
N ALA A 72 4.41 1.92 -13.04
CA ALA A 72 4.83 2.86 -12.02
C ALA A 72 4.99 4.26 -12.59
N LYS A 73 3.92 5.05 -12.54
CA LYS A 73 3.93 6.41 -13.06
C LYS A 73 4.48 7.38 -12.01
N VAL A 74 5.19 8.40 -12.48
CA VAL A 74 5.77 9.40 -11.58
C VAL A 74 4.76 9.83 -10.52
N GLN A 75 3.49 9.90 -10.90
CA GLN A 75 2.43 10.30 -9.98
C GLN A 75 2.30 9.30 -8.84
N ASP A 76 2.48 8.02 -9.15
CA ASP A 76 2.39 6.97 -8.15
C ASP A 76 3.33 7.24 -6.98
N SER A 77 4.40 7.98 -7.25
CA SER A 77 5.38 8.30 -6.23
C SER A 77 4.75 9.15 -5.12
N GLY A 78 4.49 8.51 -3.98
CA GLY A 78 3.90 9.23 -2.87
C GLY A 78 3.63 8.32 -1.68
N GLU A 79 3.10 8.89 -0.60
CA GLU A 79 2.80 8.12 0.60
C GLU A 79 1.48 7.37 0.45
N PHE A 80 1.50 6.08 0.74
CA PHE A 80 0.31 5.25 0.63
C PHE A 80 -0.21 4.86 2.01
N GLU A 81 -1.52 4.98 2.22
CA GLU A 81 -2.12 4.64 3.50
C GLU A 81 -3.23 3.60 3.32
N CYS A 82 -3.38 2.74 4.31
CA CYS A 82 -4.40 1.69 4.26
C CYS A 82 -5.32 1.75 5.48
N ARG A 83 -6.48 2.38 5.31
CA ARG A 83 -7.43 2.51 6.40
C ARG A 83 -8.29 1.26 6.53
N THR A 84 -8.25 0.63 7.71
CA THR A 84 -9.01 -0.58 7.96
C THR A 84 -10.11 -0.33 8.99
N GLU A 85 -9.73 -0.23 10.26
CA GLU A 85 -10.68 0.01 11.33
C GLU A 85 -10.31 1.26 12.11
N GLY A 86 -9.25 1.16 12.90
CA GLY A 86 -8.80 2.30 13.69
C GLY A 86 -7.35 2.63 13.47
N VAL A 87 -6.65 1.77 12.73
CA VAL A 87 -5.24 1.98 12.43
C VAL A 87 -4.99 2.06 10.94
N SER A 88 -3.75 2.38 10.56
CA SER A 88 -3.39 2.49 9.15
C SER A 88 -1.88 2.41 8.97
N ALA A 89 -1.45 1.87 7.84
CA ALA A 89 -0.03 1.75 7.54
C ALA A 89 0.44 2.83 6.58
N PHE A 90 1.75 2.98 6.45
CA PHE A 90 2.33 3.98 5.56
C PHE A 90 3.46 3.39 4.74
N PHE A 91 3.54 3.81 3.47
CA PHE A 91 4.59 3.32 2.57
C PHE A 91 5.10 4.46 1.67
N GLY A 92 6.41 4.68 1.71
CA GLY A 92 7.00 5.73 0.90
C GLY A 92 7.49 5.21 -0.44
N VAL A 93 6.82 5.61 -1.51
CA VAL A 93 7.18 5.18 -2.86
C VAL A 93 7.80 6.33 -3.65
N THR A 94 8.88 6.04 -4.37
CA THR A 94 9.55 7.06 -5.17
C THR A 94 9.83 6.54 -6.58
N VAL A 95 9.13 7.10 -7.56
CA VAL A 95 9.30 6.71 -8.95
C VAL A 95 10.16 7.71 -9.71
N GLN A 96 11.38 7.31 -10.03
CA GLN A 96 12.30 8.18 -10.76
C GLN A 96 12.41 7.76 -12.23
N ASP A 97 12.13 8.69 -13.12
CA ASP A 97 12.20 8.42 -14.55
C ASP A 97 13.62 8.06 -14.97
N PRO A 98 13.75 7.00 -15.78
CA PRO A 98 15.05 6.53 -16.27
C PRO A 98 15.68 7.49 -17.27
N SER A 99 16.77 7.06 -17.90
CA SER A 99 17.46 7.89 -18.89
C SER A 99 17.67 7.12 -20.18
N GLY A 100 16.73 7.26 -21.11
CA GLY A 100 16.83 6.57 -22.38
C GLY A 100 15.79 7.04 -23.38
N PRO A 101 16.00 6.73 -24.67
CA PRO A 101 15.08 7.10 -25.74
C PRO A 101 13.77 6.33 -25.67
N SER A 102 12.68 7.05 -25.43
CA SER A 102 11.36 6.43 -25.34
C SER A 102 10.34 7.22 -26.16
N SER A 103 9.75 6.56 -27.15
CA SER A 103 8.76 7.19 -28.01
C SER A 103 7.38 7.18 -27.34
N GLY A 104 7.13 8.18 -26.50
CA GLY A 104 5.86 8.26 -25.81
C GLY A 104 4.76 8.81 -26.70
N GLY A 1 -18.17 -13.34 15.94
CA GLY A 1 -17.15 -13.21 16.96
C GLY A 1 -17.56 -12.24 18.06
N SER A 2 -18.61 -12.59 18.79
CA SER A 2 -19.10 -11.74 19.87
C SER A 2 -18.01 -11.50 20.92
N SER A 3 -17.12 -10.55 20.62
CA SER A 3 -16.03 -10.23 21.53
C SER A 3 -15.97 -8.73 21.78
N GLY A 4 -15.16 -8.33 22.76
CA GLY A 4 -15.02 -6.92 23.08
C GLY A 4 -13.78 -6.64 23.92
N SER A 5 -12.64 -7.12 23.46
CA SER A 5 -11.39 -6.93 24.16
C SER A 5 -10.67 -5.67 23.66
N SER A 6 -9.83 -5.09 24.51
CA SER A 6 -9.10 -3.89 24.17
C SER A 6 -8.17 -4.14 22.97
N GLY A 7 -8.55 -3.61 21.82
CA GLY A 7 -7.74 -3.79 20.62
C GLY A 7 -8.48 -4.57 19.55
N PRO A 8 -9.26 -3.85 18.72
CA PRO A 8 -10.03 -4.47 17.63
C PRO A 8 -9.14 -4.98 16.50
N VAL A 9 -8.19 -4.14 16.08
CA VAL A 9 -7.28 -4.51 15.01
C VAL A 9 -6.01 -3.66 15.05
N HIS A 10 -4.85 -4.32 14.99
CA HIS A 10 -3.58 -3.62 15.02
C HIS A 10 -2.66 -4.13 13.92
N ILE A 11 -1.87 -3.22 13.36
CA ILE A 11 -0.94 -3.58 12.29
C ILE A 11 0.31 -4.26 12.84
N LEU A 12 0.71 -5.36 12.21
CA LEU A 12 1.88 -6.11 12.64
C LEU A 12 3.09 -5.74 11.78
N SER A 13 2.86 -5.47 10.51
CA SER A 13 3.93 -5.13 9.59
C SER A 13 3.41 -4.23 8.47
N PRO A 14 4.20 -3.19 8.13
CA PRO A 14 5.48 -2.92 8.78
C PRO A 14 5.30 -2.44 10.21
N GLN A 15 6.40 -1.95 10.80
CA GLN A 15 6.36 -1.45 12.17
C GLN A 15 6.33 0.06 12.20
N ASP A 16 6.80 0.68 11.11
CA ASP A 16 6.82 2.14 11.02
C ASP A 16 6.98 2.58 9.56
N LYS A 17 6.60 3.83 9.28
CA LYS A 17 6.69 4.37 7.94
C LYS A 17 7.91 3.81 7.21
N VAL A 18 7.69 3.30 6.00
CA VAL A 18 8.77 2.74 5.20
C VAL A 18 9.11 3.64 4.03
N SER A 19 10.22 3.34 3.36
CA SER A 19 10.66 4.13 2.21
C SER A 19 11.21 3.24 1.11
N LEU A 20 10.71 3.42 -0.11
CA LEU A 20 11.14 2.63 -1.25
C LEU A 20 11.36 3.51 -2.47
N THR A 21 11.99 2.95 -3.50
CA THR A 21 12.27 3.69 -4.72
C THR A 21 12.15 2.78 -5.94
N PHE A 22 11.49 3.27 -6.99
CA PHE A 22 11.31 2.51 -8.21
C PHE A 22 11.50 3.40 -9.44
N THR A 23 11.48 2.79 -10.61
CA THR A 23 11.64 3.51 -11.86
C THR A 23 10.33 3.58 -12.64
N THR A 24 10.24 4.54 -13.56
CA THR A 24 9.03 4.70 -14.37
C THR A 24 8.80 3.47 -15.26
N SER A 25 7.56 3.02 -15.31
CA SER A 25 7.21 1.85 -16.11
C SER A 25 7.72 0.57 -15.47
N GLU A 26 7.50 0.44 -14.17
CA GLU A 26 7.95 -0.75 -13.43
C GLU A 26 6.80 -1.38 -12.68
N ARG A 27 7.06 -2.52 -12.04
CA ARG A 27 6.04 -3.23 -11.27
C ARG A 27 6.24 -3.01 -9.78
N VAL A 28 5.41 -2.14 -9.20
CA VAL A 28 5.50 -1.84 -7.78
C VAL A 28 4.48 -2.66 -6.99
N VAL A 29 4.94 -3.27 -5.90
CA VAL A 29 4.08 -4.08 -5.05
C VAL A 29 4.40 -3.86 -3.58
N LEU A 30 3.41 -3.41 -2.82
CA LEU A 30 3.59 -3.17 -1.39
C LEU A 30 3.18 -4.39 -0.58
N THR A 31 3.20 -4.25 0.74
CA THR A 31 2.83 -5.34 1.64
C THR A 31 2.46 -4.82 3.02
N CYS A 32 1.40 -5.38 3.59
CA CYS A 32 0.93 -4.97 4.91
C CYS A 32 0.23 -6.12 5.61
N GLU A 33 0.52 -6.30 6.90
CA GLU A 33 -0.07 -7.36 7.70
C GLU A 33 -0.94 -6.78 8.81
N LEU A 34 -2.02 -7.49 9.13
CA LEU A 34 -2.94 -7.05 10.18
C LEU A 34 -3.13 -8.14 11.22
N SER A 35 -4.01 -7.89 12.18
CA SER A 35 -4.29 -8.84 13.25
C SER A 35 -5.65 -9.51 13.04
N ARG A 36 -6.42 -8.97 12.09
CA ARG A 36 -7.74 -9.50 11.80
C ARG A 36 -7.83 -9.97 10.36
N VAL A 37 -8.42 -11.14 10.15
CA VAL A 37 -8.56 -11.71 8.81
C VAL A 37 -9.84 -11.20 8.13
N ASP A 38 -9.82 -11.15 6.81
CA ASP A 38 -10.97 -10.69 6.05
C ASP A 38 -11.49 -9.36 6.59
N PHE A 39 -10.60 -8.60 7.22
CA PHE A 39 -10.96 -7.31 7.80
C PHE A 39 -11.06 -6.24 6.71
N PRO A 40 -12.06 -5.36 6.83
CA PRO A 40 -12.29 -4.28 5.87
C PRO A 40 -11.21 -3.21 5.93
N ALA A 41 -10.97 -2.55 4.81
CA ALA A 41 -9.96 -1.50 4.73
C ALA A 41 -10.00 -0.79 3.38
N THR A 42 -9.23 0.30 3.27
CA THR A 42 -9.18 1.06 2.04
C THR A 42 -7.80 1.68 1.83
N TRP A 43 -7.32 1.64 0.59
CA TRP A 43 -6.01 2.20 0.27
C TRP A 43 -6.13 3.67 -0.14
N TYR A 44 -5.31 4.51 0.48
CA TYR A 44 -5.33 5.94 0.18
C TYR A 44 -3.94 6.43 -0.24
N LYS A 45 -3.92 7.41 -1.13
CA LYS A 45 -2.67 7.97 -1.62
C LYS A 45 -2.65 9.49 -1.48
N ASP A 46 -1.54 10.03 -1.00
CA ASP A 46 -1.39 11.47 -0.83
C ASP A 46 -2.69 12.08 -0.29
N GLY A 47 -3.49 11.26 0.39
CA GLY A 47 -4.75 11.74 0.93
C GLY A 47 -5.88 11.66 -0.08
N GLN A 48 -5.86 10.63 -0.91
CA GLN A 48 -6.89 10.43 -1.93
C GLN A 48 -7.27 8.96 -2.06
N LYS A 49 -8.56 8.68 -2.08
CA LYS A 49 -9.05 7.31 -2.20
C LYS A 49 -8.71 6.74 -3.57
N VAL A 50 -8.06 5.59 -3.58
CA VAL A 50 -7.68 4.93 -4.82
C VAL A 50 -8.88 4.30 -5.51
N GLU A 51 -8.70 3.85 -6.75
CA GLU A 51 -9.77 3.23 -7.50
C GLU A 51 -9.31 1.92 -8.14
N GLU A 52 -9.71 0.80 -7.54
CA GLU A 52 -9.34 -0.50 -8.05
C GLU A 52 -9.60 -0.61 -9.55
N SER A 53 -8.53 -0.72 -10.33
CA SER A 53 -8.65 -0.82 -11.78
C SER A 53 -7.47 -1.59 -12.36
N GLU A 54 -7.43 -1.68 -13.69
CA GLU A 54 -6.35 -2.40 -14.38
C GLU A 54 -4.99 -1.81 -14.00
N LEU A 55 -4.96 -0.51 -13.74
CA LEU A 55 -3.72 0.16 -13.37
C LEU A 55 -3.51 0.11 -11.87
N LEU A 56 -4.45 -0.49 -11.15
CA LEU A 56 -4.36 -0.62 -9.70
C LEU A 56 -4.94 -1.94 -9.23
N VAL A 57 -4.06 -2.85 -8.84
CA VAL A 57 -4.49 -4.16 -8.36
C VAL A 57 -4.38 -4.25 -6.84
N VAL A 58 -5.42 -4.79 -6.21
CA VAL A 58 -5.44 -4.93 -4.75
C VAL A 58 -5.69 -6.38 -4.35
N LYS A 59 -4.70 -6.99 -3.71
CA LYS A 59 -4.81 -8.37 -3.26
C LYS A 59 -5.17 -8.44 -1.78
N MET A 60 -5.95 -9.45 -1.41
CA MET A 60 -6.37 -9.64 -0.02
C MET A 60 -6.21 -11.10 0.40
N ASP A 61 -5.14 -11.38 1.14
CA ASP A 61 -4.88 -12.73 1.62
C ASP A 61 -5.21 -12.85 3.10
N GLY A 62 -6.48 -12.64 3.44
CA GLY A 62 -6.90 -12.74 4.82
C GLY A 62 -6.64 -11.47 5.60
N ARG A 63 -5.50 -11.41 6.29
CA ARG A 63 -5.14 -10.24 7.08
C ARG A 63 -3.98 -9.49 6.42
N LYS A 64 -3.58 -9.93 5.24
CA LYS A 64 -2.50 -9.30 4.50
C LYS A 64 -3.02 -8.52 3.31
N HIS A 65 -2.70 -7.24 3.25
CA HIS A 65 -3.14 -6.38 2.15
C HIS A 65 -1.94 -5.76 1.44
N ARG A 66 -1.88 -5.96 0.12
CA ARG A 66 -0.78 -5.41 -0.68
C ARG A 66 -1.32 -4.71 -1.93
N LEU A 67 -0.65 -3.65 -2.33
CA LEU A 67 -1.06 -2.89 -3.51
C LEU A 67 -0.07 -3.09 -4.65
N ILE A 68 -0.52 -3.75 -5.71
CA ILE A 68 0.32 -4.01 -6.87
C ILE A 68 0.07 -2.99 -7.97
N LEU A 69 1.10 -2.72 -8.77
CA LEU A 69 0.98 -1.76 -9.87
C LEU A 69 1.72 -2.26 -11.11
N PRO A 70 0.97 -2.45 -12.20
CA PRO A 70 1.53 -2.92 -13.47
C PRO A 70 2.42 -1.88 -14.14
N GLU A 71 2.01 -0.61 -14.04
CA GLU A 71 2.78 0.48 -14.63
C GLU A 71 2.95 1.62 -13.64
N ALA A 72 4.13 1.70 -13.04
CA ALA A 72 4.43 2.75 -12.08
C ALA A 72 4.93 4.01 -12.77
N LYS A 73 4.09 5.03 -12.81
CA LYS A 73 4.43 6.30 -13.45
C LYS A 73 4.80 7.35 -12.40
N VAL A 74 5.33 8.48 -12.86
CA VAL A 74 5.72 9.56 -11.97
C VAL A 74 4.54 10.03 -11.13
N GLN A 75 3.33 9.81 -11.64
CA GLN A 75 2.12 10.22 -10.94
C GLN A 75 1.83 9.29 -9.77
N ASP A 76 2.22 8.02 -9.92
CA ASP A 76 2.00 7.03 -8.87
C ASP A 76 2.93 7.28 -7.69
N SER A 77 4.02 7.99 -7.93
CA SER A 77 4.99 8.30 -6.89
C SER A 77 4.33 9.06 -5.74
N GLY A 78 4.29 8.43 -4.57
CA GLY A 78 3.69 9.07 -3.41
C GLY A 78 3.67 8.17 -2.20
N GLU A 79 2.80 8.47 -1.24
CA GLU A 79 2.69 7.68 -0.02
C GLU A 79 1.36 6.95 0.03
N PHE A 80 1.41 5.67 0.43
CA PHE A 80 0.20 4.85 0.52
C PHE A 80 -0.17 4.60 1.98
N GLU A 81 -1.47 4.44 2.23
CA GLU A 81 -1.95 4.19 3.58
C GLU A 81 -3.13 3.22 3.57
N CYS A 82 -3.06 2.19 4.40
CA CYS A 82 -4.12 1.20 4.48
C CYS A 82 -5.02 1.46 5.68
N ARG A 83 -5.86 2.48 5.57
CA ARG A 83 -6.78 2.84 6.64
C ARG A 83 -7.69 1.67 6.98
N THR A 84 -7.93 1.46 8.28
CA THR A 84 -8.79 0.38 8.74
C THR A 84 -9.42 0.71 10.09
N GLU A 85 -10.40 -0.10 10.50
CA GLU A 85 -11.08 0.12 11.76
C GLU A 85 -10.13 -0.10 12.94
N GLY A 86 -9.22 0.85 13.15
CA GLY A 86 -8.26 0.74 14.23
C GLY A 86 -7.03 1.59 14.00
N VAL A 87 -6.17 1.14 13.09
CA VAL A 87 -4.94 1.85 12.78
C VAL A 87 -4.68 1.88 11.28
N SER A 88 -3.58 2.51 10.88
CA SER A 88 -3.23 2.60 9.47
C SER A 88 -1.71 2.53 9.28
N ALA A 89 -1.28 2.18 8.08
CA ALA A 89 0.14 2.08 7.77
C ALA A 89 0.57 3.16 6.79
N PHE A 90 1.87 3.32 6.61
CA PHE A 90 2.41 4.32 5.70
C PHE A 90 3.58 3.75 4.90
N PHE A 91 3.45 3.78 3.58
CA PHE A 91 4.50 3.28 2.70
C PHE A 91 4.98 4.35 1.73
N GLY A 92 6.23 4.76 1.88
CA GLY A 92 6.78 5.79 1.02
C GLY A 92 7.27 5.22 -0.31
N VAL A 93 6.54 5.54 -1.37
CA VAL A 93 6.90 5.07 -2.71
C VAL A 93 7.38 6.22 -3.59
N THR A 94 8.33 5.91 -4.47
CA THR A 94 8.88 6.92 -5.37
C THR A 94 9.09 6.35 -6.77
N VAL A 95 8.75 7.15 -7.79
CA VAL A 95 8.90 6.72 -9.17
C VAL A 95 9.78 7.68 -9.96
N GLN A 96 11.04 7.33 -10.11
CA GLN A 96 12.00 8.17 -10.85
C GLN A 96 12.10 7.73 -12.30
N ASP A 97 12.03 8.70 -13.21
CA ASP A 97 12.12 8.41 -14.63
C ASP A 97 13.55 8.10 -15.04
N PRO A 98 13.73 7.00 -15.79
CA PRO A 98 15.05 6.56 -16.25
C PRO A 98 15.63 7.50 -17.31
N SER A 99 16.56 8.36 -16.90
CA SER A 99 17.18 9.30 -17.81
C SER A 99 18.57 8.82 -18.23
N GLY A 100 18.80 8.78 -19.54
CA GLY A 100 20.09 8.34 -20.05
C GLY A 100 19.96 7.19 -21.04
N PRO A 101 21.02 6.95 -21.82
CA PRO A 101 21.03 5.88 -22.83
C PRO A 101 21.06 4.50 -22.18
N SER A 102 21.00 4.45 -20.86
CA SER A 102 21.03 3.19 -20.14
C SER A 102 20.26 2.12 -20.89
N SER A 103 19.09 2.48 -21.39
CA SER A 103 18.25 1.55 -22.14
C SER A 103 18.15 1.94 -23.60
N GLY A 104 17.82 0.98 -24.45
CA GLY A 104 17.70 1.25 -25.87
C GLY A 104 17.56 -0.02 -26.70
N GLY A 1 -15.78 -11.29 19.79
CA GLY A 1 -15.88 -11.33 21.23
C GLY A 1 -15.91 -9.95 21.85
N SER A 2 -15.28 -9.80 23.01
CA SER A 2 -15.26 -8.51 23.70
C SER A 2 -15.03 -7.37 22.72
N SER A 3 -15.92 -6.38 22.75
CA SER A 3 -15.83 -5.24 21.86
C SER A 3 -14.48 -4.53 22.03
N GLY A 4 -13.95 -4.02 20.93
CA GLY A 4 -12.67 -3.33 20.98
C GLY A 4 -12.73 -2.05 21.77
N SER A 5 -11.75 -1.85 22.65
CA SER A 5 -11.70 -0.65 23.49
C SER A 5 -11.21 0.55 22.70
N SER A 6 -10.04 0.40 22.07
CA SER A 6 -9.45 1.48 21.28
C SER A 6 -9.17 1.01 19.86
N GLY A 7 -8.53 -0.15 19.75
CA GLY A 7 -8.19 -0.69 18.45
C GLY A 7 -8.27 -2.20 18.41
N PRO A 8 -9.29 -2.73 17.71
CA PRO A 8 -9.50 -4.18 17.58
C PRO A 8 -8.43 -4.85 16.72
N VAL A 9 -8.19 -4.28 15.54
CA VAL A 9 -7.19 -4.82 14.63
C VAL A 9 -5.93 -3.96 14.61
N HIS A 10 -4.79 -4.60 14.87
CA HIS A 10 -3.52 -3.88 14.89
C HIS A 10 -2.56 -4.45 13.84
N ILE A 11 -1.93 -3.55 13.08
CA ILE A 11 -1.00 -3.97 12.04
C ILE A 11 0.30 -4.49 12.64
N LEU A 12 0.76 -5.63 12.13
CA LEU A 12 2.00 -6.24 12.62
C LEU A 12 3.19 -5.79 11.78
N SER A 13 2.97 -5.63 10.49
CA SER A 13 4.03 -5.20 9.58
C SER A 13 3.46 -4.50 8.35
N PRO A 14 4.14 -3.44 7.91
CA PRO A 14 5.37 -2.96 8.54
C PRO A 14 5.12 -2.34 9.91
N GLN A 15 6.12 -2.43 10.79
CA GLN A 15 6.00 -1.87 12.13
C GLN A 15 5.96 -0.35 12.08
N ASP A 16 6.68 0.24 11.13
CA ASP A 16 6.72 1.69 10.98
C ASP A 16 6.84 2.08 9.52
N LYS A 17 6.82 3.38 9.25
CA LYS A 17 6.92 3.89 7.88
C LYS A 17 8.11 3.27 7.16
N VAL A 18 7.95 3.01 5.87
CA VAL A 18 9.01 2.42 5.06
C VAL A 18 9.38 3.33 3.90
N SER A 19 10.42 2.95 3.17
CA SER A 19 10.89 3.73 2.03
C SER A 19 11.28 2.82 0.87
N LEU A 20 10.80 3.14 -0.32
CA LEU A 20 11.10 2.35 -1.51
C LEU A 20 11.19 3.24 -2.75
N THR A 21 12.09 2.91 -3.65
CA THR A 21 12.27 3.68 -4.88
C THR A 21 12.15 2.79 -6.12
N PHE A 22 11.73 3.37 -7.22
CA PHE A 22 11.57 2.63 -8.47
C PHE A 22 11.68 3.56 -9.68
N THR A 23 11.64 2.98 -10.87
CA THR A 23 11.73 3.75 -12.10
C THR A 23 10.42 3.70 -12.89
N THR A 24 10.04 4.82 -13.47
CA THR A 24 8.81 4.91 -14.25
C THR A 24 8.66 3.70 -15.17
N SER A 25 7.44 3.19 -15.29
CA SER A 25 7.17 2.04 -16.15
C SER A 25 7.69 0.76 -15.50
N GLU A 26 7.59 0.68 -14.17
CA GLU A 26 8.06 -0.49 -13.45
C GLU A 26 6.91 -1.14 -12.67
N ARG A 27 7.22 -2.23 -11.98
CA ARG A 27 6.22 -2.95 -11.20
C ARG A 27 6.41 -2.71 -9.71
N VAL A 28 5.38 -2.19 -9.06
CA VAL A 28 5.43 -1.91 -7.63
C VAL A 28 4.40 -2.72 -6.87
N VAL A 29 4.85 -3.45 -5.86
CA VAL A 29 3.97 -4.28 -5.04
C VAL A 29 4.26 -4.10 -3.55
N LEU A 30 3.31 -3.52 -2.83
CA LEU A 30 3.48 -3.31 -1.40
C LEU A 30 3.06 -4.54 -0.61
N THR A 31 3.06 -4.42 0.72
CA THR A 31 2.68 -5.52 1.59
C THR A 31 2.31 -5.03 2.98
N CYS A 32 1.24 -5.57 3.53
CA CYS A 32 0.77 -5.19 4.86
C CYS A 32 0.14 -6.37 5.58
N GLU A 33 0.32 -6.41 6.90
CA GLU A 33 -0.23 -7.49 7.70
C GLU A 33 -1.18 -6.94 8.78
N LEU A 34 -2.10 -7.79 9.24
CA LEU A 34 -3.05 -7.40 10.26
C LEU A 34 -3.08 -8.40 11.41
N SER A 35 -3.76 -8.04 12.49
CA SER A 35 -3.85 -8.92 13.65
C SER A 35 -4.92 -9.98 13.46
N ARG A 36 -5.98 -9.61 12.75
CA ARG A 36 -7.08 -10.54 12.49
C ARG A 36 -7.27 -10.73 10.98
N VAL A 37 -7.73 -11.92 10.60
CA VAL A 37 -7.95 -12.24 9.19
C VAL A 37 -9.35 -11.81 8.75
N ASP A 38 -9.61 -11.91 7.45
CA ASP A 38 -10.90 -11.52 6.90
C ASP A 38 -11.35 -10.17 7.44
N PHE A 39 -10.45 -9.19 7.40
CA PHE A 39 -10.75 -7.85 7.89
C PHE A 39 -10.75 -6.84 6.74
N PRO A 40 -11.72 -5.92 6.78
CA PRO A 40 -11.85 -4.89 5.75
C PRO A 40 -10.74 -3.84 5.81
N ALA A 41 -10.46 -3.21 4.68
CA ALA A 41 -9.42 -2.19 4.61
C ALA A 41 -9.40 -1.52 3.24
N THR A 42 -9.00 -0.25 3.22
CA THR A 42 -8.93 0.51 1.98
C THR A 42 -7.60 1.23 1.84
N TRP A 43 -7.11 1.31 0.61
CA TRP A 43 -5.84 1.99 0.35
C TRP A 43 -6.05 3.47 0.04
N TYR A 44 -5.17 4.31 0.57
CA TYR A 44 -5.26 5.74 0.37
C TYR A 44 -3.91 6.33 -0.03
N LYS A 45 -3.93 7.27 -0.96
CA LYS A 45 -2.71 7.92 -1.43
C LYS A 45 -2.79 9.43 -1.25
N ASP A 46 -1.80 9.99 -0.58
CA ASP A 46 -1.75 11.43 -0.34
C ASP A 46 -3.01 11.91 0.36
N GLY A 47 -3.60 11.03 1.17
CA GLY A 47 -4.82 11.38 1.88
C GLY A 47 -6.05 11.33 0.99
N GLN A 48 -5.96 10.57 -0.08
CA GLN A 48 -7.08 10.44 -1.02
C GLN A 48 -7.39 8.97 -1.30
N LYS A 49 -8.67 8.68 -1.54
CA LYS A 49 -9.10 7.33 -1.83
C LYS A 49 -8.61 6.86 -3.20
N VAL A 50 -8.01 5.69 -3.24
CA VAL A 50 -7.49 5.14 -4.49
C VAL A 50 -8.60 4.46 -5.29
N GLU A 51 -8.39 4.34 -6.60
CA GLU A 51 -9.37 3.72 -7.48
C GLU A 51 -8.87 2.36 -7.97
N GLU A 52 -9.69 1.33 -7.75
CA GLU A 52 -9.34 -0.02 -8.18
C GLU A 52 -9.54 -0.19 -9.67
N SER A 53 -8.44 -0.41 -10.40
CA SER A 53 -8.49 -0.59 -11.84
C SER A 53 -7.31 -1.43 -12.33
N GLU A 54 -7.22 -1.59 -13.65
CA GLU A 54 -6.14 -2.37 -14.24
C GLU A 54 -4.77 -1.79 -13.85
N LEU A 55 -4.71 -0.47 -13.76
CA LEU A 55 -3.46 0.20 -13.39
C LEU A 55 -3.24 0.17 -11.88
N LEU A 56 -4.26 -0.30 -11.15
CA LEU A 56 -4.17 -0.38 -9.69
C LEU A 56 -4.83 -1.66 -9.19
N VAL A 57 -4.01 -2.62 -8.78
CA VAL A 57 -4.52 -3.89 -8.27
C VAL A 57 -4.45 -3.93 -6.75
N VAL A 58 -5.46 -4.53 -6.14
CA VAL A 58 -5.52 -4.65 -4.68
C VAL A 58 -5.83 -6.08 -4.25
N LYS A 59 -4.81 -6.78 -3.77
CA LYS A 59 -4.98 -8.16 -3.33
C LYS A 59 -5.10 -8.23 -1.81
N MET A 60 -6.03 -9.06 -1.34
CA MET A 60 -6.25 -9.21 0.10
C MET A 60 -6.41 -10.69 0.46
N ASP A 61 -5.41 -11.23 1.14
CA ASP A 61 -5.43 -12.63 1.56
C ASP A 61 -5.74 -12.76 3.04
N GLY A 62 -6.90 -12.24 3.45
CA GLY A 62 -7.29 -12.31 4.85
C GLY A 62 -6.75 -11.14 5.65
N ARG A 63 -5.57 -11.31 6.23
CA ARG A 63 -4.96 -10.26 7.03
C ARG A 63 -3.75 -9.67 6.31
N LYS A 64 -3.49 -10.14 5.10
CA LYS A 64 -2.37 -9.66 4.30
C LYS A 64 -2.85 -8.82 3.13
N HIS A 65 -2.69 -7.50 3.24
CA HIS A 65 -3.10 -6.58 2.19
C HIS A 65 -1.90 -6.04 1.44
N ARG A 66 -1.93 -6.12 0.12
CA ARG A 66 -0.85 -5.63 -0.72
C ARG A 66 -1.38 -4.99 -2.00
N LEU A 67 -0.76 -3.88 -2.39
CA LEU A 67 -1.18 -3.17 -3.59
C LEU A 67 -0.15 -3.35 -4.72
N ILE A 68 -0.60 -3.94 -5.83
CA ILE A 68 0.29 -4.17 -6.97
C ILE A 68 0.06 -3.12 -8.05
N LEU A 69 1.11 -2.82 -8.80
CA LEU A 69 1.04 -1.84 -9.88
C LEU A 69 1.79 -2.32 -11.12
N PRO A 70 1.05 -2.47 -12.23
CA PRO A 70 1.63 -2.91 -13.51
C PRO A 70 2.55 -1.87 -14.13
N GLU A 71 2.17 -0.60 -13.99
CA GLU A 71 2.96 0.49 -14.55
C GLU A 71 3.10 1.62 -13.54
N ALA A 72 4.18 1.58 -12.76
CA ALA A 72 4.43 2.60 -11.75
C ALA A 72 4.81 3.93 -12.41
N LYS A 73 3.85 4.85 -12.46
CA LYS A 73 4.07 6.16 -13.05
C LYS A 73 4.49 7.18 -12.00
N VAL A 74 5.04 8.30 -12.45
CA VAL A 74 5.48 9.35 -11.53
C VAL A 74 4.34 9.80 -10.62
N GLN A 75 3.12 9.75 -11.14
CA GLN A 75 1.94 10.16 -10.38
C GLN A 75 1.67 9.18 -9.25
N ASP A 76 1.92 7.89 -9.51
CA ASP A 76 1.69 6.86 -8.51
C ASP A 76 2.60 7.06 -7.30
N SER A 77 3.71 7.78 -7.51
CA SER A 77 4.66 8.04 -6.44
C SER A 77 4.01 8.87 -5.32
N GLY A 78 4.13 8.39 -4.09
CA GLY A 78 3.55 9.09 -2.96
C GLY A 78 3.40 8.21 -1.74
N GLU A 79 2.80 8.74 -0.69
CA GLU A 79 2.60 7.99 0.54
C GLU A 79 1.33 7.14 0.46
N PHE A 80 1.46 5.85 0.77
CA PHE A 80 0.33 4.93 0.73
C PHE A 80 -0.08 4.51 2.14
N GLU A 81 -1.35 4.68 2.46
CA GLU A 81 -1.88 4.32 3.77
C GLU A 81 -2.99 3.29 3.65
N CYS A 82 -2.89 2.22 4.43
CA CYS A 82 -3.89 1.16 4.41
C CYS A 82 -4.74 1.20 5.67
N ARG A 83 -5.76 2.05 5.67
CA ARG A 83 -6.65 2.18 6.82
C ARG A 83 -7.76 1.14 6.77
N THR A 84 -8.19 0.67 7.94
CA THR A 84 -9.23 -0.33 8.04
C THR A 84 -10.31 0.09 9.04
N GLU A 85 -10.02 -0.06 10.32
CA GLU A 85 -10.96 0.30 11.37
C GLU A 85 -10.40 1.45 12.22
N GLY A 86 -9.35 1.17 12.97
CA GLY A 86 -8.74 2.18 13.82
C GLY A 86 -7.25 2.30 13.60
N VAL A 87 -6.69 1.43 12.76
CA VAL A 87 -5.27 1.44 12.47
C VAL A 87 -5.01 1.42 10.96
N SER A 88 -3.78 1.72 10.58
CA SER A 88 -3.41 1.74 9.17
C SER A 88 -1.90 1.63 9.01
N ALA A 89 -1.45 1.34 7.79
CA ALA A 89 -0.03 1.21 7.49
C ALA A 89 0.48 2.41 6.71
N PHE A 90 1.78 2.39 6.38
CA PHE A 90 2.38 3.48 5.63
C PHE A 90 3.54 2.96 4.78
N PHE A 91 3.58 3.39 3.53
CA PHE A 91 4.62 2.96 2.60
C PHE A 91 5.04 4.11 1.69
N GLY A 92 6.33 4.46 1.73
CA GLY A 92 6.83 5.54 0.90
C GLY A 92 7.39 5.05 -0.41
N VAL A 93 6.74 5.41 -1.51
CA VAL A 93 7.17 5.01 -2.83
C VAL A 93 7.64 6.21 -3.65
N THR A 94 8.80 6.07 -4.30
CA THR A 94 9.35 7.13 -5.12
C THR A 94 9.65 6.65 -6.54
N VAL A 95 8.85 7.11 -7.49
CA VAL A 95 9.02 6.73 -8.89
C VAL A 95 9.77 7.81 -9.67
N GLN A 96 11.07 7.61 -9.84
CA GLN A 96 11.89 8.57 -10.57
C GLN A 96 11.99 8.19 -12.04
N ASP A 97 11.62 9.14 -12.91
CA ASP A 97 11.66 8.91 -14.36
C ASP A 97 13.10 8.66 -14.82
N PRO A 98 13.27 7.67 -15.71
CA PRO A 98 14.59 7.32 -16.26
C PRO A 98 15.14 8.39 -17.19
N SER A 99 16.46 8.49 -17.26
CA SER A 99 17.11 9.47 -18.12
C SER A 99 16.78 9.23 -19.59
N GLY A 100 16.17 10.22 -20.22
CA GLY A 100 15.80 10.10 -21.62
C GLY A 100 14.32 9.86 -21.81
N PRO A 101 13.80 10.24 -22.99
CA PRO A 101 12.38 10.07 -23.31
C PRO A 101 12.00 8.61 -23.52
N SER A 102 12.98 7.72 -23.32
CA SER A 102 12.75 6.29 -23.49
C SER A 102 11.35 5.90 -23.01
N SER A 103 10.57 5.32 -23.93
CA SER A 103 9.21 4.90 -23.60
C SER A 103 8.74 3.81 -24.56
N GLY A 104 7.49 3.37 -24.37
CA GLY A 104 6.95 2.33 -25.23
C GLY A 104 6.05 1.37 -24.46
N GLY A 1 -19.58 -7.67 31.60
CA GLY A 1 -20.29 -6.53 31.03
C GLY A 1 -19.38 -5.34 30.81
N SER A 2 -18.76 -4.86 31.89
CA SER A 2 -17.88 -3.70 31.81
C SER A 2 -16.47 -4.15 31.42
N SER A 3 -16.21 -4.18 30.12
CA SER A 3 -14.91 -4.58 29.61
C SER A 3 -14.20 -3.40 28.93
N GLY A 4 -14.90 -2.75 28.01
CA GLY A 4 -14.34 -1.62 27.30
C GLY A 4 -13.31 -2.04 26.26
N SER A 5 -13.79 -2.40 25.07
CA SER A 5 -12.90 -2.82 23.99
C SER A 5 -12.05 -1.66 23.51
N SER A 6 -10.74 -1.89 23.44
CA SER A 6 -9.80 -0.87 22.99
C SER A 6 -8.79 -1.44 22.00
N GLY A 7 -9.00 -1.16 20.72
CA GLY A 7 -8.10 -1.66 19.70
C GLY A 7 -8.53 -3.01 19.16
N PRO A 8 -9.42 -3.00 18.16
CA PRO A 8 -9.91 -4.23 17.54
C PRO A 8 -8.85 -4.95 16.71
N VAL A 9 -8.16 -4.20 15.86
CA VAL A 9 -7.11 -4.76 15.02
C VAL A 9 -5.85 -3.92 15.07
N HIS A 10 -4.70 -4.58 15.04
CA HIS A 10 -3.42 -3.88 15.08
C HIS A 10 -2.45 -4.45 14.04
N ILE A 11 -1.82 -3.56 13.29
CA ILE A 11 -0.88 -3.97 12.25
C ILE A 11 0.37 -4.61 12.86
N LEU A 12 0.96 -5.55 12.13
CA LEU A 12 2.16 -6.24 12.59
C LEU A 12 3.36 -5.89 11.72
N SER A 13 3.11 -5.71 10.43
CA SER A 13 4.18 -5.39 9.49
C SER A 13 3.63 -4.61 8.30
N PRO A 14 4.31 -3.50 7.94
CA PRO A 14 5.51 -3.05 8.66
C PRO A 14 5.20 -2.54 10.06
N GLN A 15 6.23 -2.09 10.76
CA GLN A 15 6.07 -1.57 12.11
C GLN A 15 5.96 -0.05 12.11
N ASP A 16 6.72 0.58 11.23
CA ASP A 16 6.71 2.04 11.11
C ASP A 16 6.87 2.48 9.67
N LYS A 17 6.78 3.78 9.43
CA LYS A 17 6.92 4.32 8.09
C LYS A 17 8.09 3.68 7.35
N VAL A 18 7.85 3.27 6.10
CA VAL A 18 8.88 2.64 5.30
C VAL A 18 9.31 3.54 4.14
N SER A 19 10.31 3.10 3.40
CA SER A 19 10.82 3.87 2.25
C SER A 19 11.16 2.95 1.10
N LEU A 20 10.62 3.26 -0.08
CA LEU A 20 10.88 2.46 -1.28
C LEU A 20 11.04 3.35 -2.50
N THR A 21 11.81 2.88 -3.48
CA THR A 21 12.04 3.63 -4.70
C THR A 21 11.99 2.71 -5.93
N PHE A 22 11.35 3.19 -6.99
CA PHE A 22 11.24 2.42 -8.23
C PHE A 22 11.39 3.32 -9.45
N THR A 23 11.50 2.70 -10.61
CA THR A 23 11.65 3.44 -11.86
C THR A 23 10.37 3.43 -12.67
N THR A 24 10.19 4.47 -13.49
CA THR A 24 8.99 4.57 -14.32
C THR A 24 8.77 3.31 -15.14
N SER A 25 7.51 3.00 -15.43
CA SER A 25 7.15 1.82 -16.20
C SER A 25 7.71 0.57 -15.54
N GLU A 26 7.42 0.41 -14.25
CA GLU A 26 7.89 -0.75 -13.50
C GLU A 26 6.75 -1.40 -12.72
N ARG A 27 7.06 -2.50 -12.04
CA ARG A 27 6.05 -3.22 -11.26
C ARG A 27 6.28 -3.01 -9.76
N VAL A 28 5.42 -2.22 -9.14
CA VAL A 28 5.52 -1.95 -7.72
C VAL A 28 4.51 -2.77 -6.92
N VAL A 29 4.98 -3.42 -5.86
CA VAL A 29 4.12 -4.24 -5.02
C VAL A 29 4.42 -4.01 -3.55
N LEU A 30 3.42 -3.51 -2.82
CA LEU A 30 3.57 -3.25 -1.40
C LEU A 30 3.25 -4.48 -0.57
N THR A 31 3.27 -4.33 0.74
CA THR A 31 2.98 -5.44 1.65
C THR A 31 2.54 -4.95 3.01
N CYS A 32 1.48 -5.54 3.55
CA CYS A 32 0.95 -5.16 4.85
C CYS A 32 0.29 -6.34 5.55
N GLU A 33 0.46 -6.41 6.86
CA GLU A 33 -0.11 -7.50 7.65
C GLU A 33 -1.09 -6.96 8.70
N LEU A 34 -1.98 -7.82 9.16
CA LEU A 34 -2.97 -7.44 10.16
C LEU A 34 -3.13 -8.53 11.21
N SER A 35 -3.88 -8.22 12.27
CA SER A 35 -4.12 -9.17 13.35
C SER A 35 -5.56 -9.66 13.33
N ARG A 36 -6.20 -9.58 12.17
CA ARG A 36 -7.59 -10.00 12.03
C ARG A 36 -7.85 -10.53 10.63
N VAL A 37 -8.08 -11.84 10.53
CA VAL A 37 -8.34 -12.48 9.25
C VAL A 37 -9.71 -12.07 8.70
N ASP A 38 -9.81 -11.97 7.38
CA ASP A 38 -11.06 -11.59 6.73
C ASP A 38 -11.50 -10.20 7.18
N PHE A 39 -10.53 -9.29 7.32
CA PHE A 39 -10.82 -7.93 7.74
C PHE A 39 -10.70 -6.96 6.56
N PRO A 40 -11.78 -6.21 6.30
CA PRO A 40 -11.81 -5.23 5.21
C PRO A 40 -10.92 -4.02 5.47
N ALA A 41 -10.70 -3.21 4.45
CA ALA A 41 -9.87 -2.02 4.58
C ALA A 41 -9.95 -1.16 3.32
N THR A 42 -9.20 -0.06 3.32
CA THR A 42 -9.18 0.86 2.18
C THR A 42 -7.82 1.49 2.00
N TRP A 43 -7.40 1.64 0.74
CA TRP A 43 -6.11 2.22 0.43
C TRP A 43 -6.25 3.70 0.07
N TYR A 44 -5.53 4.55 0.80
CA TYR A 44 -5.58 5.99 0.56
C TYR A 44 -4.23 6.51 0.08
N LYS A 45 -4.26 7.48 -0.83
CA LYS A 45 -3.04 8.07 -1.37
C LYS A 45 -3.10 9.59 -1.33
N ASP A 46 -2.06 10.20 -0.77
CA ASP A 46 -2.00 11.66 -0.67
C ASP A 46 -3.31 12.21 -0.11
N GLY A 47 -3.87 11.53 0.88
CA GLY A 47 -5.11 11.98 1.48
C GLY A 47 -6.28 11.89 0.52
N GLN A 48 -6.27 10.85 -0.31
CA GLN A 48 -7.34 10.66 -1.28
C GLN A 48 -7.55 9.16 -1.57
N LYS A 49 -8.72 8.65 -1.22
CA LYS A 49 -9.05 7.25 -1.45
C LYS A 49 -8.78 6.86 -2.89
N VAL A 50 -8.07 5.74 -3.08
CA VAL A 50 -7.75 5.25 -4.42
C VAL A 50 -8.94 4.53 -5.04
N GLU A 51 -8.84 4.24 -6.33
CA GLU A 51 -9.91 3.57 -7.06
C GLU A 51 -9.36 2.40 -7.87
N GLU A 52 -9.51 1.19 -7.35
CA GLU A 52 -9.03 0.00 -8.04
C GLU A 52 -9.29 0.09 -9.54
N SER A 53 -8.28 -0.25 -10.33
CA SER A 53 -8.40 -0.20 -11.78
C SER A 53 -7.30 -1.03 -12.45
N GLU A 54 -7.26 -0.99 -13.77
CA GLU A 54 -6.26 -1.74 -14.53
C GLU A 54 -4.85 -1.37 -14.08
N LEU A 55 -4.65 -0.09 -13.78
CA LEU A 55 -3.34 0.39 -13.34
C LEU A 55 -3.22 0.32 -11.83
N LEU A 56 -4.32 -0.03 -11.17
CA LEU A 56 -4.32 -0.14 -9.71
C LEU A 56 -4.93 -1.47 -9.27
N VAL A 57 -4.06 -2.41 -8.90
CA VAL A 57 -4.50 -3.72 -8.45
C VAL A 57 -4.43 -3.85 -6.94
N VAL A 58 -5.48 -4.39 -6.33
CA VAL A 58 -5.52 -4.57 -4.89
C VAL A 58 -5.88 -6.01 -4.52
N LYS A 59 -4.93 -6.71 -3.91
CA LYS A 59 -5.14 -8.09 -3.51
C LYS A 59 -5.41 -8.19 -2.01
N MET A 60 -6.12 -9.23 -1.61
CA MET A 60 -6.46 -9.44 -0.20
C MET A 60 -6.15 -10.87 0.22
N ASP A 61 -5.79 -11.04 1.49
CA ASP A 61 -5.46 -12.37 2.03
C ASP A 61 -5.57 -12.37 3.54
N GLY A 62 -5.83 -13.55 4.11
CA GLY A 62 -5.96 -13.68 5.54
C GLY A 62 -4.92 -12.84 6.29
N ARG A 63 -5.38 -11.75 6.89
CA ARG A 63 -4.49 -10.87 7.65
C ARG A 63 -3.31 -10.43 6.78
N LYS A 64 -3.59 -10.10 5.52
CA LYS A 64 -2.56 -9.66 4.60
C LYS A 64 -3.16 -8.81 3.48
N HIS A 65 -2.67 -7.57 3.36
CA HIS A 65 -3.15 -6.65 2.34
C HIS A 65 -1.98 -5.97 1.63
N ARG A 66 -1.90 -6.17 0.32
CA ARG A 66 -0.83 -5.57 -0.47
C ARG A 66 -1.39 -4.95 -1.75
N LEU A 67 -0.69 -3.94 -2.27
CA LEU A 67 -1.11 -3.27 -3.49
C LEU A 67 -0.09 -3.46 -4.60
N ILE A 68 -0.58 -3.68 -5.82
CA ILE A 68 0.29 -3.88 -6.97
C ILE A 68 0.03 -2.85 -8.04
N LEU A 69 1.05 -2.56 -8.85
CA LEU A 69 0.93 -1.58 -9.92
C LEU A 69 1.68 -2.05 -11.17
N PRO A 70 0.93 -2.23 -12.26
CA PRO A 70 1.48 -2.68 -13.54
C PRO A 70 2.35 -1.61 -14.20
N GLU A 71 1.92 -0.35 -14.10
CA GLU A 71 2.66 0.77 -14.68
C GLU A 71 2.87 1.86 -13.65
N ALA A 72 4.02 1.81 -12.97
CA ALA A 72 4.36 2.80 -11.96
C ALA A 72 4.88 4.08 -12.60
N LYS A 73 3.97 5.01 -12.88
CA LYS A 73 4.33 6.28 -13.50
C LYS A 73 4.79 7.28 -12.44
N VAL A 74 5.30 8.42 -12.90
CA VAL A 74 5.77 9.46 -11.99
C VAL A 74 4.70 9.84 -10.99
N GLN A 75 3.46 9.89 -11.45
CA GLN A 75 2.33 10.25 -10.59
C GLN A 75 2.15 9.21 -9.49
N ASP A 76 2.26 7.94 -9.85
CA ASP A 76 2.11 6.86 -8.89
C ASP A 76 2.87 7.17 -7.59
N SER A 77 3.94 7.91 -7.71
CA SER A 77 4.76 8.27 -6.56
C SER A 77 3.92 9.02 -5.52
N GLY A 78 4.09 8.65 -4.26
CA GLY A 78 3.35 9.29 -3.19
C GLY A 78 3.21 8.40 -1.97
N GLU A 79 2.67 8.96 -0.89
CA GLU A 79 2.48 8.22 0.35
C GLU A 79 1.26 7.31 0.26
N PHE A 80 1.45 6.03 0.57
CA PHE A 80 0.37 5.06 0.53
C PHE A 80 -0.08 4.66 1.93
N GLU A 81 -1.37 4.79 2.20
CA GLU A 81 -1.92 4.45 3.50
C GLU A 81 -2.94 3.32 3.38
N CYS A 82 -3.04 2.50 4.42
CA CYS A 82 -3.97 1.38 4.44
C CYS A 82 -4.91 1.47 5.64
N ARG A 83 -5.94 2.31 5.52
CA ARG A 83 -6.92 2.49 6.58
C ARG A 83 -7.88 1.31 6.66
N THR A 84 -7.73 0.48 7.68
CA THR A 84 -8.59 -0.69 7.86
C THR A 84 -9.78 -0.36 8.75
N GLU A 85 -9.54 -0.26 10.05
CA GLU A 85 -10.59 0.05 11.01
C GLU A 85 -10.19 1.22 11.90
N GLY A 86 -9.00 1.13 12.47
CA GLY A 86 -8.51 2.19 13.34
C GLY A 86 -7.08 2.57 13.05
N VAL A 87 -6.30 1.61 12.56
CA VAL A 87 -4.89 1.86 12.23
C VAL A 87 -4.65 1.75 10.73
N SER A 88 -3.43 2.04 10.32
CA SER A 88 -3.06 2.00 8.91
C SER A 88 -1.55 1.92 8.74
N ALA A 89 -1.11 1.53 7.55
CA ALA A 89 0.31 1.41 7.25
C ALA A 89 0.75 2.45 6.22
N PHE A 90 1.83 3.16 6.53
CA PHE A 90 2.35 4.18 5.62
C PHE A 90 3.53 3.64 4.82
N PHE A 91 3.43 3.76 3.50
CA PHE A 91 4.48 3.28 2.61
C PHE A 91 4.94 4.40 1.67
N GLY A 92 6.19 4.83 1.87
CA GLY A 92 6.73 5.90 1.04
C GLY A 92 7.28 5.38 -0.28
N VAL A 93 6.58 5.70 -1.37
CA VAL A 93 7.00 5.26 -2.69
C VAL A 93 7.51 6.43 -3.52
N THR A 94 8.45 6.15 -4.42
CA THR A 94 9.02 7.18 -5.27
C THR A 94 9.36 6.63 -6.66
N VAL A 95 8.69 7.15 -7.67
CA VAL A 95 8.92 6.70 -9.05
C VAL A 95 9.80 7.70 -9.80
N GLN A 96 11.04 7.30 -10.07
CA GLN A 96 11.97 8.17 -10.78
C GLN A 96 12.10 7.73 -12.24
N ASP A 97 12.04 8.71 -13.14
CA ASP A 97 12.14 8.43 -14.57
C ASP A 97 13.58 8.12 -14.96
N PRO A 98 13.77 7.02 -15.71
CA PRO A 98 15.10 6.59 -16.17
C PRO A 98 15.69 7.53 -17.22
N SER A 99 17.01 7.65 -17.22
CA SER A 99 17.70 8.51 -18.17
C SER A 99 17.24 8.22 -19.61
N GLY A 100 17.07 9.28 -20.39
CA GLY A 100 16.64 9.11 -21.77
C GLY A 100 15.16 8.80 -21.88
N PRO A 101 14.64 8.85 -23.11
CA PRO A 101 13.22 8.57 -23.39
C PRO A 101 12.87 7.10 -23.19
N SER A 102 11.74 6.85 -22.54
CA SER A 102 11.30 5.48 -22.28
C SER A 102 9.77 5.38 -22.36
N SER A 103 9.29 4.44 -23.17
CA SER A 103 7.86 4.24 -23.34
C SER A 103 7.14 5.58 -23.52
N GLY A 104 7.75 6.46 -24.32
CA GLY A 104 7.15 7.77 -24.56
C GLY A 104 6.55 7.88 -25.95
N GLY A 1 -12.55 -18.50 19.37
CA GLY A 1 -13.08 -17.79 20.52
C GLY A 1 -13.11 -16.29 20.31
N SER A 2 -13.01 -15.54 21.40
CA SER A 2 -13.03 -14.08 21.34
C SER A 2 -11.96 -13.47 22.24
N SER A 3 -11.02 -12.76 21.63
CA SER A 3 -9.94 -12.14 22.38
C SER A 3 -10.49 -11.34 23.57
N GLY A 4 -9.62 -11.04 24.52
CA GLY A 4 -10.03 -10.29 25.70
C GLY A 4 -10.12 -8.80 25.44
N SER A 5 -9.87 -8.00 26.46
CA SER A 5 -9.94 -6.55 26.34
C SER A 5 -8.71 -6.02 25.60
N SER A 6 -8.85 -5.83 24.29
CA SER A 6 -7.76 -5.32 23.48
C SER A 6 -8.27 -4.77 22.16
N GLY A 7 -7.45 -3.97 21.48
CA GLY A 7 -7.83 -3.38 20.22
C GLY A 7 -8.42 -4.40 19.27
N PRO A 8 -9.29 -3.94 18.36
CA PRO A 8 -9.93 -4.81 17.36
C PRO A 8 -8.96 -5.33 16.31
N VAL A 9 -8.18 -4.41 15.74
CA VAL A 9 -7.20 -4.78 14.72
C VAL A 9 -5.96 -3.89 14.81
N HIS A 10 -4.78 -4.51 14.80
CA HIS A 10 -3.53 -3.77 14.87
C HIS A 10 -2.56 -4.23 13.79
N ILE A 11 -1.99 -3.28 13.07
CA ILE A 11 -1.04 -3.58 12.01
C ILE A 11 0.30 -4.05 12.57
N LEU A 12 0.78 -5.19 12.08
CA LEU A 12 2.05 -5.74 12.53
C LEU A 12 3.21 -5.20 11.69
N SER A 13 2.92 -4.84 10.45
CA SER A 13 3.94 -4.31 9.56
C SER A 13 3.30 -3.58 8.37
N PRO A 14 3.79 -2.37 8.09
CA PRO A 14 4.89 -1.76 8.85
C PRO A 14 4.46 -1.36 10.25
N GLN A 15 5.32 -0.60 10.94
CA GLN A 15 5.03 -0.15 12.29
C GLN A 15 4.88 1.36 12.34
N ASP A 16 5.65 2.06 11.51
CA ASP A 16 5.61 3.52 11.46
C ASP A 16 5.57 4.01 10.01
N LYS A 17 6.68 3.86 9.31
CA LYS A 17 6.77 4.29 7.92
C LYS A 17 7.93 3.59 7.20
N VAL A 18 7.71 3.24 5.94
CA VAL A 18 8.73 2.56 5.15
C VAL A 18 9.16 3.43 3.97
N SER A 19 10.15 2.94 3.21
CA SER A 19 10.65 3.66 2.06
C SER A 19 11.01 2.71 0.93
N LEU A 20 10.60 3.05 -0.29
CA LEU A 20 10.87 2.22 -1.46
C LEU A 20 11.13 3.08 -2.69
N THR A 21 11.87 2.53 -3.64
CA THR A 21 12.20 3.24 -4.87
C THR A 21 12.04 2.34 -6.09
N PHE A 22 11.49 2.90 -7.16
CA PHE A 22 11.28 2.14 -8.40
C PHE A 22 11.45 3.04 -9.61
N THR A 23 11.61 2.42 -10.78
CA THR A 23 11.79 3.16 -12.02
C THR A 23 10.50 3.17 -12.84
N THR A 24 10.31 4.23 -13.62
CA THR A 24 9.12 4.37 -14.45
C THR A 24 8.94 3.16 -15.36
N SER A 25 7.70 2.73 -15.55
CA SER A 25 7.40 1.58 -16.39
C SER A 25 7.89 0.29 -15.74
N GLU A 26 7.56 0.12 -14.47
CA GLU A 26 7.96 -1.07 -13.73
C GLU A 26 6.85 -1.56 -12.81
N ARG A 27 7.06 -2.70 -12.17
CA ARG A 27 6.07 -3.27 -11.27
C ARG A 27 6.38 -2.91 -9.82
N VAL A 28 5.42 -2.29 -9.15
CA VAL A 28 5.58 -1.89 -7.75
C VAL A 28 4.47 -2.45 -6.89
N VAL A 29 4.85 -3.28 -5.91
CA VAL A 29 3.88 -3.90 -5.01
C VAL A 29 4.31 -3.72 -3.56
N LEU A 30 3.42 -3.16 -2.74
CA LEU A 30 3.71 -2.94 -1.33
C LEU A 30 3.36 -4.18 -0.51
N THR A 31 3.39 -4.03 0.81
CA THR A 31 3.07 -5.13 1.71
C THR A 31 2.63 -4.62 3.07
N CYS A 32 1.50 -5.14 3.56
CA CYS A 32 0.97 -4.73 4.85
C CYS A 32 0.33 -5.91 5.57
N GLU A 33 0.65 -6.06 6.86
CA GLU A 33 0.12 -7.16 7.65
C GLU A 33 -0.87 -6.64 8.70
N LEU A 34 -1.79 -7.50 9.12
CA LEU A 34 -2.78 -7.13 10.12
C LEU A 34 -2.94 -8.23 11.17
N SER A 35 -3.69 -7.92 12.23
CA SER A 35 -3.90 -8.87 13.31
C SER A 35 -5.27 -9.54 13.17
N ARG A 36 -6.03 -9.11 12.17
CA ARG A 36 -7.37 -9.66 11.93
C ARG A 36 -7.46 -10.26 10.53
N VAL A 37 -8.04 -11.45 10.44
CA VAL A 37 -8.19 -12.13 9.15
C VAL A 37 -9.51 -11.76 8.49
N ASP A 38 -9.51 -11.69 7.16
CA ASP A 38 -10.71 -11.34 6.41
C ASP A 38 -11.32 -10.03 6.92
N PHE A 39 -10.49 -9.00 7.02
CA PHE A 39 -10.94 -7.70 7.49
C PHE A 39 -10.94 -6.68 6.36
N PRO A 40 -11.96 -5.82 6.34
CA PRO A 40 -12.10 -4.77 5.31
C PRO A 40 -11.06 -3.67 5.47
N ALA A 41 -10.81 -2.93 4.40
CA ALA A 41 -9.84 -1.84 4.42
C ALA A 41 -9.90 -1.03 3.13
N THR A 42 -9.39 0.19 3.19
CA THR A 42 -9.39 1.09 2.03
C THR A 42 -8.05 1.80 1.89
N TRP A 43 -7.43 1.65 0.72
CA TRP A 43 -6.15 2.28 0.45
C TRP A 43 -6.32 3.76 0.13
N TYR A 44 -5.31 4.56 0.44
CA TYR A 44 -5.36 5.99 0.18
C TYR A 44 -4.00 6.51 -0.27
N LYS A 45 -4.01 7.65 -0.96
CA LYS A 45 -2.77 8.26 -1.46
C LYS A 45 -2.74 9.74 -1.15
N ASP A 46 -1.60 10.21 -0.64
CA ASP A 46 -1.43 11.62 -0.30
C ASP A 46 -2.69 12.17 0.36
N GLY A 47 -3.46 11.29 0.98
CA GLY A 47 -4.68 11.70 1.64
C GLY A 47 -5.89 11.69 0.71
N GLN A 48 -5.88 10.77 -0.25
CA GLN A 48 -6.97 10.65 -1.21
C GLN A 48 -7.23 9.19 -1.57
N LYS A 49 -8.45 8.74 -1.34
CA LYS A 49 -8.83 7.36 -1.64
C LYS A 49 -8.37 6.97 -3.04
N VAL A 50 -8.04 5.69 -3.21
CA VAL A 50 -7.59 5.19 -4.51
C VAL A 50 -8.70 4.45 -5.23
N GLU A 51 -8.72 4.57 -6.55
CA GLU A 51 -9.74 3.91 -7.36
C GLU A 51 -9.18 2.66 -8.04
N GLU A 52 -9.54 1.49 -7.51
CA GLU A 52 -9.06 0.23 -8.05
C GLU A 52 -9.33 0.15 -9.55
N SER A 53 -8.28 -0.10 -10.32
CA SER A 53 -8.40 -0.19 -11.77
C SER A 53 -7.28 -1.06 -12.36
N GLU A 54 -7.25 -1.16 -13.68
CA GLU A 54 -6.23 -1.95 -14.37
C GLU A 54 -4.83 -1.50 -13.96
N LEU A 55 -4.69 -0.22 -13.63
CA LEU A 55 -3.41 0.34 -13.23
C LEU A 55 -3.22 0.25 -11.72
N LEU A 56 -4.29 -0.15 -11.02
CA LEU A 56 -4.24 -0.28 -9.57
C LEU A 56 -4.88 -1.60 -9.12
N VAL A 57 -4.03 -2.56 -8.75
CA VAL A 57 -4.52 -3.86 -8.30
C VAL A 57 -4.38 -4.00 -6.79
N VAL A 58 -5.48 -4.38 -6.13
CA VAL A 58 -5.47 -4.56 -4.69
C VAL A 58 -5.79 -6.00 -4.30
N LYS A 59 -4.84 -6.66 -3.65
CA LYS A 59 -5.01 -8.05 -3.23
C LYS A 59 -5.39 -8.11 -1.76
N MET A 60 -6.28 -9.05 -1.42
CA MET A 60 -6.73 -9.23 -0.05
C MET A 60 -6.63 -10.69 0.37
N ASP A 61 -5.64 -11.01 1.20
CA ASP A 61 -5.44 -12.37 1.68
C ASP A 61 -5.40 -12.41 3.20
N GLY A 62 -6.49 -12.86 3.80
CA GLY A 62 -6.55 -12.94 5.25
C GLY A 62 -5.94 -11.72 5.93
N ARG A 63 -4.92 -11.96 6.74
CA ARG A 63 -4.24 -10.87 7.45
C ARG A 63 -3.12 -10.29 6.60
N LYS A 64 -3.39 -10.12 5.31
CA LYS A 64 -2.41 -9.57 4.39
C LYS A 64 -3.08 -8.69 3.34
N HIS A 65 -2.64 -7.43 3.25
CA HIS A 65 -3.20 -6.49 2.29
C HIS A 65 -2.10 -5.66 1.64
N ARG A 66 -1.95 -5.80 0.33
CA ARG A 66 -0.93 -5.05 -0.41
C ARG A 66 -1.51 -4.43 -1.66
N LEU A 67 -0.73 -3.57 -2.31
CA LEU A 67 -1.18 -2.91 -3.53
C LEU A 67 -0.17 -3.12 -4.66
N ILE A 68 -0.61 -3.81 -5.72
CA ILE A 68 0.24 -4.08 -6.86
C ILE A 68 0.02 -3.05 -7.97
N LEU A 69 1.08 -2.76 -8.72
CA LEU A 69 1.00 -1.80 -9.81
C LEU A 69 1.73 -2.31 -11.04
N PRO A 70 0.98 -2.47 -12.16
CA PRO A 70 1.53 -2.96 -13.43
C PRO A 70 2.46 -1.94 -14.07
N GLU A 71 2.11 -0.66 -13.95
CA GLU A 71 2.91 0.41 -14.53
C GLU A 71 3.16 1.52 -13.51
N ALA A 72 4.41 1.66 -13.09
CA ALA A 72 4.77 2.68 -12.11
C ALA A 72 5.02 4.02 -12.80
N LYS A 73 4.01 4.88 -12.80
CA LYS A 73 4.12 6.20 -13.42
C LYS A 73 4.60 7.23 -12.41
N VAL A 74 5.23 8.30 -12.92
CA VAL A 74 5.74 9.36 -12.05
C VAL A 74 4.64 9.94 -11.18
N GLN A 75 3.39 9.68 -11.56
CA GLN A 75 2.24 10.17 -10.81
C GLN A 75 1.93 9.24 -9.63
N ASP A 76 2.36 8.00 -9.74
CA ASP A 76 2.12 7.00 -8.69
C ASP A 76 3.09 7.20 -7.53
N SER A 77 4.12 8.00 -7.76
CA SER A 77 5.12 8.26 -6.73
C SER A 77 4.53 9.10 -5.61
N GLY A 78 4.22 8.44 -4.50
CA GLY A 78 3.64 9.14 -3.36
C GLY A 78 3.58 8.27 -2.11
N GLU A 79 2.70 8.62 -1.19
CA GLU A 79 2.55 7.87 0.05
C GLU A 79 1.21 7.14 0.09
N PHE A 80 1.25 5.84 0.38
CA PHE A 80 0.05 5.03 0.45
C PHE A 80 -0.32 4.71 1.90
N GLU A 81 -1.61 4.56 2.16
CA GLU A 81 -2.08 4.26 3.51
C GLU A 81 -3.26 3.28 3.46
N CYS A 82 -3.18 2.25 4.30
CA CYS A 82 -4.24 1.24 4.34
C CYS A 82 -5.13 1.44 5.56
N ARG A 83 -6.06 2.40 5.45
CA ARG A 83 -6.98 2.70 6.53
C ARG A 83 -7.84 1.49 6.87
N THR A 84 -8.11 1.30 8.16
CA THR A 84 -8.92 0.18 8.62
C THR A 84 -9.55 0.48 9.97
N GLU A 85 -10.55 -0.34 10.34
CA GLU A 85 -11.24 -0.16 11.61
C GLU A 85 -10.28 -0.35 12.78
N GLY A 86 -9.46 0.68 13.03
CA GLY A 86 -8.50 0.60 14.13
C GLY A 86 -7.30 1.48 13.90
N VAL A 87 -6.43 1.06 12.98
CA VAL A 87 -5.22 1.82 12.67
C VAL A 87 -4.97 1.87 11.16
N SER A 88 -3.88 2.51 10.77
CA SER A 88 -3.53 2.63 9.36
C SER A 88 -2.02 2.56 9.17
N ALA A 89 -1.60 2.03 8.02
CA ALA A 89 -0.18 1.91 7.71
C ALA A 89 0.27 3.00 6.75
N PHE A 90 1.58 3.16 6.62
CA PHE A 90 2.15 4.18 5.73
C PHE A 90 3.27 3.59 4.89
N PHE A 91 3.25 3.89 3.59
CA PHE A 91 4.27 3.40 2.68
C PHE A 91 4.79 4.51 1.77
N GLY A 92 6.10 4.55 1.58
CA GLY A 92 6.69 5.57 0.74
C GLY A 92 7.21 5.01 -0.58
N VAL A 93 6.56 5.39 -1.68
CA VAL A 93 6.97 4.92 -3.00
C VAL A 93 7.43 6.08 -3.87
N THR A 94 8.59 5.92 -4.49
CA THR A 94 9.14 6.95 -5.36
C THR A 94 9.50 6.39 -6.74
N VAL A 95 8.86 6.93 -7.77
CA VAL A 95 9.11 6.49 -9.13
C VAL A 95 9.99 7.48 -9.89
N GLN A 96 11.26 7.13 -10.05
CA GLN A 96 12.20 7.98 -10.76
C GLN A 96 12.37 7.54 -12.21
N ASP A 97 11.94 8.38 -13.14
CA ASP A 97 12.04 8.07 -14.56
C ASP A 97 13.50 7.83 -14.96
N PRO A 98 13.72 6.80 -15.79
CA PRO A 98 15.06 6.43 -16.26
C PRO A 98 15.63 7.46 -17.22
N SER A 99 16.84 7.20 -17.70
CA SER A 99 17.50 8.11 -18.64
C SER A 99 18.38 7.34 -19.62
N GLY A 100 18.28 7.69 -20.90
CA GLY A 100 19.06 7.03 -21.92
C GLY A 100 18.30 5.90 -22.59
N PRO A 101 18.87 5.36 -23.69
CA PRO A 101 18.25 4.28 -24.45
C PRO A 101 18.25 2.96 -23.68
N SER A 102 17.08 2.37 -23.54
CA SER A 102 16.94 1.10 -22.82
C SER A 102 15.50 0.57 -22.91
N SER A 103 15.37 -0.67 -23.33
CA SER A 103 14.05 -1.30 -23.46
C SER A 103 13.88 -2.41 -22.43
N GLY A 104 13.44 -2.03 -21.24
CA GLY A 104 13.24 -3.01 -20.17
C GLY A 104 12.06 -3.93 -20.46
N GLY A 1 -9.65 -19.56 23.67
CA GLY A 1 -9.33 -18.23 24.14
C GLY A 1 -10.43 -17.23 23.84
N SER A 2 -11.44 -17.19 24.70
CA SER A 2 -12.56 -16.27 24.51
C SER A 2 -12.46 -15.10 25.48
N SER A 3 -11.82 -14.02 25.03
CA SER A 3 -11.64 -12.83 25.85
C SER A 3 -11.85 -11.57 25.02
N GLY A 4 -11.80 -10.42 25.69
CA GLY A 4 -11.98 -9.16 24.99
C GLY A 4 -10.82 -8.20 25.21
N SER A 5 -9.70 -8.49 24.55
CA SER A 5 -8.51 -7.65 24.68
C SER A 5 -8.74 -6.27 24.06
N SER A 6 -7.94 -5.30 24.49
CA SER A 6 -8.07 -3.94 23.99
C SER A 6 -7.63 -3.86 22.53
N GLY A 7 -8.26 -2.96 21.77
CA GLY A 7 -7.91 -2.80 20.37
C GLY A 7 -8.55 -3.87 19.49
N PRO A 8 -9.34 -3.42 18.51
CA PRO A 8 -10.02 -4.34 17.58
C PRO A 8 -9.06 -5.02 16.62
N VAL A 9 -8.21 -4.23 15.99
CA VAL A 9 -7.23 -4.76 15.04
C VAL A 9 -6.08 -3.77 14.82
N HIS A 10 -4.85 -4.24 15.00
CA HIS A 10 -3.69 -3.40 14.82
C HIS A 10 -2.77 -3.96 13.73
N ILE A 11 -1.91 -3.12 13.19
CA ILE A 11 -0.99 -3.52 12.14
C ILE A 11 0.28 -4.14 12.73
N LEU A 12 0.80 -5.16 12.07
CA LEU A 12 2.00 -5.85 12.52
C LEU A 12 3.19 -5.55 11.59
N SER A 13 2.88 -5.39 10.31
CA SER A 13 3.92 -5.11 9.32
C SER A 13 3.37 -4.23 8.20
N PRO A 14 4.12 -3.17 7.87
CA PRO A 14 5.39 -2.85 8.52
C PRO A 14 5.20 -2.38 9.97
N GLN A 15 6.28 -1.92 10.58
CA GLN A 15 6.24 -1.45 11.95
C GLN A 15 6.25 0.07 12.01
N ASP A 16 6.98 0.69 11.08
CA ASP A 16 7.09 2.14 11.02
C ASP A 16 7.21 2.62 9.58
N LYS A 17 6.94 3.90 9.36
CA LYS A 17 7.03 4.48 8.03
C LYS A 17 8.15 3.84 7.22
N VAL A 18 7.83 3.40 6.00
CA VAL A 18 8.81 2.78 5.13
C VAL A 18 9.19 3.70 3.99
N SER A 19 10.22 3.31 3.23
CA SER A 19 10.68 4.10 2.10
C SER A 19 11.19 3.20 0.97
N LEU A 20 10.47 3.21 -0.14
CA LEU A 20 10.85 2.39 -1.30
C LEU A 20 10.98 3.26 -2.55
N THR A 21 11.87 2.83 -3.46
CA THR A 21 12.09 3.57 -4.70
C THR A 21 12.03 2.63 -5.90
N PHE A 22 11.50 3.15 -7.01
CA PHE A 22 11.39 2.36 -8.23
C PHE A 22 11.56 3.24 -9.47
N THR A 23 11.68 2.60 -10.63
CA THR A 23 11.86 3.33 -11.88
C THR A 23 10.59 3.31 -12.70
N THR A 24 10.42 4.33 -13.55
CA THR A 24 9.23 4.43 -14.40
C THR A 24 9.05 3.18 -15.23
N SER A 25 7.78 2.83 -15.50
CA SER A 25 7.46 1.65 -16.28
C SER A 25 7.97 0.38 -15.60
N GLU A 26 7.69 0.27 -14.30
CA GLU A 26 8.12 -0.89 -13.53
C GLU A 26 6.97 -1.45 -12.70
N ARG A 27 7.17 -2.63 -12.12
CA ARG A 27 6.16 -3.28 -11.31
C ARG A 27 6.41 -3.02 -9.82
N VAL A 28 5.49 -2.34 -9.18
CA VAL A 28 5.61 -2.04 -7.75
C VAL A 28 4.52 -2.75 -6.95
N VAL A 29 4.95 -3.46 -5.90
CA VAL A 29 4.01 -4.18 -5.05
C VAL A 29 4.35 -3.97 -3.57
N LEU A 30 3.40 -3.40 -2.84
CA LEU A 30 3.59 -3.14 -1.41
C LEU A 30 3.23 -4.37 -0.59
N THR A 31 3.26 -4.21 0.73
CA THR A 31 2.94 -5.32 1.64
C THR A 31 2.51 -4.79 3.01
N CYS A 32 1.46 -5.40 3.55
CA CYS A 32 0.94 -5.00 4.86
C CYS A 32 0.26 -6.17 5.55
N GLU A 33 0.36 -6.21 6.88
CA GLU A 33 -0.25 -7.27 7.67
C GLU A 33 -1.22 -6.70 8.69
N LEU A 34 -2.17 -7.53 9.12
CA LEU A 34 -3.16 -7.11 10.10
C LEU A 34 -3.34 -8.16 11.19
N SER A 35 -4.12 -7.83 12.21
CA SER A 35 -4.36 -8.75 13.32
C SER A 35 -5.77 -9.34 13.23
N ARG A 36 -6.31 -9.39 12.02
CA ARG A 36 -7.65 -9.94 11.80
C ARG A 36 -7.78 -10.48 10.39
N VAL A 37 -8.32 -11.70 10.28
CA VAL A 37 -8.52 -12.34 8.98
C VAL A 37 -9.80 -11.85 8.32
N ASP A 38 -9.79 -11.84 6.99
CA ASP A 38 -10.95 -11.41 6.21
C ASP A 38 -11.50 -10.10 6.77
N PHE A 39 -10.61 -9.14 7.02
CA PHE A 39 -11.00 -7.85 7.57
C PHE A 39 -11.05 -6.80 6.45
N PRO A 40 -12.09 -5.94 6.51
CA PRO A 40 -12.28 -4.87 5.52
C PRO A 40 -11.22 -3.77 5.64
N ALA A 41 -10.85 -3.19 4.51
CA ALA A 41 -9.85 -2.12 4.49
C ALA A 41 -9.86 -1.38 3.15
N THR A 42 -9.24 -0.21 3.13
CA THR A 42 -9.19 0.60 1.92
C THR A 42 -7.89 1.39 1.85
N TRP A 43 -7.36 1.55 0.64
CA TRP A 43 -6.12 2.29 0.45
C TRP A 43 -6.40 3.75 0.13
N TYR A 44 -5.45 4.62 0.43
CA TYR A 44 -5.60 6.05 0.18
C TYR A 44 -4.26 6.68 -0.21
N LYS A 45 -4.29 7.50 -1.25
CA LYS A 45 -3.08 8.18 -1.72
C LYS A 45 -3.20 9.69 -1.56
N ASP A 46 -2.21 10.29 -0.91
CA ASP A 46 -2.21 11.74 -0.69
C ASP A 46 -3.52 12.20 -0.07
N GLY A 47 -4.01 11.41 0.89
CA GLY A 47 -5.25 11.76 1.56
C GLY A 47 -6.44 11.78 0.60
N GLN A 48 -6.47 10.83 -0.32
CA GLN A 48 -7.55 10.75 -1.29
C GLN A 48 -7.82 9.30 -1.70
N LYS A 49 -9.04 8.84 -1.44
CA LYS A 49 -9.41 7.47 -1.78
C LYS A 49 -8.78 7.04 -3.10
N VAL A 50 -8.39 5.77 -3.17
CA VAL A 50 -7.77 5.23 -4.38
C VAL A 50 -8.82 4.70 -5.34
N GLU A 51 -8.54 4.82 -6.64
CA GLU A 51 -9.46 4.36 -7.67
C GLU A 51 -9.09 2.96 -8.14
N GLU A 52 -9.80 1.95 -7.64
CA GLU A 52 -9.54 0.57 -8.01
C GLU A 52 -9.69 0.37 -9.52
N SER A 53 -8.58 0.06 -10.18
CA SER A 53 -8.58 -0.15 -11.62
C SER A 53 -7.36 -0.95 -12.06
N GLU A 54 -7.28 -1.26 -13.35
CA GLU A 54 -6.16 -2.01 -13.89
C GLU A 54 -4.83 -1.41 -13.45
N LEU A 55 -4.78 -0.07 -13.42
CA LEU A 55 -3.56 0.63 -13.01
C LEU A 55 -3.30 0.44 -11.53
N LEU A 56 -4.35 0.12 -10.77
CA LEU A 56 -4.23 -0.09 -9.33
C LEU A 56 -4.86 -1.42 -8.93
N VAL A 57 -4.02 -2.40 -8.61
CA VAL A 57 -4.50 -3.71 -8.20
C VAL A 57 -4.41 -3.89 -6.69
N VAL A 58 -5.54 -4.23 -6.07
CA VAL A 58 -5.58 -4.43 -4.63
C VAL A 58 -5.82 -5.89 -4.27
N LYS A 59 -4.88 -6.48 -3.55
CA LYS A 59 -4.99 -7.88 -3.15
C LYS A 59 -5.47 -8.00 -1.71
N MET A 60 -6.17 -9.08 -1.40
CA MET A 60 -6.68 -9.31 -0.04
C MET A 60 -6.53 -10.77 0.35
N ASP A 61 -5.61 -11.05 1.26
CA ASP A 61 -5.38 -12.42 1.73
C ASP A 61 -5.39 -12.47 3.25
N GLY A 62 -6.51 -12.93 3.81
CA GLY A 62 -6.62 -13.02 5.26
C GLY A 62 -6.07 -11.81 5.97
N ARG A 63 -4.98 -11.99 6.71
CA ARG A 63 -4.36 -10.89 7.44
C ARG A 63 -3.19 -10.31 6.67
N LYS A 64 -3.40 -10.08 5.38
CA LYS A 64 -2.37 -9.52 4.51
C LYS A 64 -2.98 -8.72 3.38
N HIS A 65 -2.67 -7.42 3.33
CA HIS A 65 -3.19 -6.54 2.29
C HIS A 65 -2.05 -5.82 1.57
N ARG A 66 -1.82 -6.20 0.32
CA ARG A 66 -0.77 -5.59 -0.48
C ARG A 66 -1.33 -4.95 -1.74
N LEU A 67 -0.65 -3.93 -2.24
CA LEU A 67 -1.09 -3.23 -3.44
C LEU A 67 -0.09 -3.42 -4.58
N ILE A 68 -0.57 -3.94 -5.70
CA ILE A 68 0.29 -4.17 -6.86
C ILE A 68 0.06 -3.09 -7.93
N LEU A 69 1.09 -2.85 -8.73
CA LEU A 69 1.01 -1.86 -9.79
C LEU A 69 1.69 -2.35 -11.06
N PRO A 70 0.92 -2.46 -12.14
CA PRO A 70 1.43 -2.92 -13.44
C PRO A 70 2.36 -1.91 -14.09
N GLU A 71 2.04 -0.63 -13.93
CA GLU A 71 2.85 0.44 -14.51
C GLU A 71 3.21 1.48 -13.45
N ALA A 72 4.50 1.55 -13.10
CA ALA A 72 4.97 2.50 -12.10
C ALA A 72 5.19 3.88 -12.73
N LYS A 73 4.12 4.62 -12.92
CA LYS A 73 4.19 5.95 -13.49
C LYS A 73 4.57 6.99 -12.44
N VAL A 74 5.30 8.01 -12.85
CA VAL A 74 5.72 9.08 -11.94
C VAL A 74 4.57 9.52 -11.04
N GLN A 75 3.35 9.35 -11.53
CA GLN A 75 2.16 9.73 -10.77
C GLN A 75 1.90 8.74 -9.64
N ASP A 76 2.14 7.46 -9.92
CA ASP A 76 1.92 6.41 -8.93
C ASP A 76 2.64 6.74 -7.63
N SER A 77 3.77 7.42 -7.75
CA SER A 77 4.56 7.80 -6.57
C SER A 77 3.73 8.62 -5.59
N GLY A 78 3.92 8.38 -4.30
CA GLY A 78 3.19 9.09 -3.28
C GLY A 78 2.99 8.28 -2.02
N GLU A 79 2.44 8.92 -0.99
CA GLU A 79 2.20 8.25 0.27
C GLU A 79 0.97 7.35 0.20
N PHE A 80 1.15 6.08 0.54
CA PHE A 80 0.05 5.12 0.51
C PHE A 80 -0.41 4.76 1.91
N GLU A 81 -1.70 4.93 2.18
CA GLU A 81 -2.26 4.62 3.49
C GLU A 81 -3.21 3.43 3.41
N CYS A 82 -3.03 2.48 4.31
CA CYS A 82 -3.88 1.29 4.34
C CYS A 82 -4.80 1.31 5.57
N ARG A 83 -5.95 1.95 5.43
CA ARG A 83 -6.90 2.05 6.52
C ARG A 83 -7.69 0.75 6.66
N THR A 84 -7.72 0.22 7.89
CA THR A 84 -8.44 -1.03 8.16
C THR A 84 -9.60 -0.79 9.11
N GLU A 85 -9.28 -0.60 10.39
CA GLU A 85 -10.30 -0.37 11.41
C GLU A 85 -10.08 0.97 12.09
N GLY A 86 -8.92 1.14 12.72
CA GLY A 86 -8.61 2.39 13.40
C GLY A 86 -7.25 2.93 13.05
N VAL A 87 -6.34 2.03 12.64
CA VAL A 87 -4.99 2.42 12.27
C VAL A 87 -4.74 2.19 10.79
N SER A 88 -3.55 2.55 10.33
CA SER A 88 -3.18 2.38 8.92
C SER A 88 -1.66 2.44 8.75
N ALA A 89 -1.19 1.89 7.64
CA ALA A 89 0.24 1.88 7.34
C ALA A 89 0.58 2.88 6.25
N PHE A 90 1.68 3.61 6.44
CA PHE A 90 2.12 4.60 5.46
C PHE A 90 3.36 4.12 4.72
N PHE A 91 3.23 4.02 3.40
CA PHE A 91 4.35 3.57 2.56
C PHE A 91 4.81 4.68 1.63
N GLY A 92 6.03 5.16 1.85
CA GLY A 92 6.58 6.22 1.02
C GLY A 92 7.23 5.69 -0.24
N VAL A 93 6.51 5.78 -1.36
CA VAL A 93 7.02 5.31 -2.64
C VAL A 93 7.54 6.47 -3.48
N THR A 94 8.58 6.20 -4.28
CA THR A 94 9.18 7.22 -5.13
C THR A 94 9.56 6.64 -6.49
N VAL A 95 8.88 7.11 -7.54
CA VAL A 95 9.16 6.64 -8.89
C VAL A 95 9.99 7.65 -9.66
N GLN A 96 11.20 7.25 -10.05
CA GLN A 96 12.10 8.12 -10.80
C GLN A 96 12.25 7.63 -12.23
N ASP A 97 12.22 8.58 -13.17
CA ASP A 97 12.36 8.25 -14.59
C ASP A 97 13.82 7.97 -14.94
N PRO A 98 14.05 6.89 -15.71
CA PRO A 98 15.40 6.49 -16.13
C PRO A 98 15.99 7.46 -17.15
N SER A 99 17.28 7.74 -17.01
CA SER A 99 17.97 8.65 -17.91
C SER A 99 18.51 7.91 -19.13
N GLY A 100 17.69 7.02 -19.69
CA GLY A 100 18.09 6.26 -20.85
C GLY A 100 17.73 6.96 -22.16
N PRO A 101 18.59 6.79 -23.17
CA PRO A 101 18.38 7.39 -24.49
C PRO A 101 17.21 6.75 -25.24
N SER A 102 16.73 5.63 -24.73
CA SER A 102 15.62 4.92 -25.35
C SER A 102 14.32 5.70 -25.18
N SER A 103 13.28 5.27 -25.89
CA SER A 103 11.98 5.93 -25.83
C SER A 103 10.89 4.93 -25.46
N GLY A 104 9.79 5.44 -24.90
CA GLY A 104 8.69 4.58 -24.51
C GLY A 104 8.31 4.75 -23.05
N GLY A 1 -15.31 -12.93 26.67
CA GLY A 1 -14.82 -14.14 27.30
C GLY A 1 -13.80 -13.85 28.39
N SER A 2 -12.70 -14.60 28.37
CA SER A 2 -11.64 -14.42 29.36
C SER A 2 -10.59 -13.42 28.87
N SER A 3 -10.16 -13.58 27.62
CA SER A 3 -9.16 -12.70 27.04
C SER A 3 -9.76 -11.32 26.76
N GLY A 4 -9.64 -10.42 27.73
CA GLY A 4 -10.18 -9.09 27.57
C GLY A 4 -9.12 -8.09 27.12
N SER A 5 -8.72 -8.18 25.85
CA SER A 5 -7.71 -7.29 25.30
C SER A 5 -8.31 -5.90 25.03
N SER A 6 -7.45 -4.99 24.58
CA SER A 6 -7.89 -3.62 24.28
C SER A 6 -7.50 -3.23 22.87
N GLY A 7 -8.38 -3.53 21.91
CA GLY A 7 -8.13 -3.19 20.53
C GLY A 7 -8.66 -4.25 19.57
N PRO A 8 -9.51 -3.81 18.62
CA PRO A 8 -10.11 -4.69 17.63
C PRO A 8 -9.09 -5.21 16.62
N VAL A 9 -8.32 -4.30 16.03
CA VAL A 9 -7.30 -4.67 15.06
C VAL A 9 -6.10 -3.75 15.15
N HIS A 10 -4.92 -4.30 14.89
CA HIS A 10 -3.68 -3.52 14.94
C HIS A 10 -2.67 -4.05 13.92
N ILE A 11 -2.15 -3.14 13.11
CA ILE A 11 -1.17 -3.51 12.08
C ILE A 11 0.11 -4.06 12.72
N LEU A 12 0.70 -5.05 12.08
CA LEU A 12 1.93 -5.66 12.58
C LEU A 12 3.12 -5.26 11.71
N SER A 13 2.89 -5.11 10.41
CA SER A 13 3.93 -4.74 9.48
C SER A 13 3.36 -4.03 8.25
N PRO A 14 3.99 -2.92 7.87
CA PRO A 14 5.20 -2.41 8.55
C PRO A 14 4.88 -1.85 9.93
N GLN A 15 5.91 -1.60 10.72
CA GLN A 15 5.75 -1.07 12.06
C GLN A 15 5.66 0.46 12.03
N ASP A 16 6.39 1.07 11.12
CA ASP A 16 6.39 2.53 10.98
C ASP A 16 6.61 2.94 9.53
N LYS A 17 6.51 4.23 9.27
CA LYS A 17 6.70 4.76 7.92
C LYS A 17 7.93 4.15 7.27
N VAL A 18 7.76 3.67 6.04
CA VAL A 18 8.86 3.05 5.30
C VAL A 18 9.31 3.94 4.14
N SER A 19 10.32 3.48 3.41
CA SER A 19 10.84 4.24 2.28
C SER A 19 11.26 3.30 1.14
N LEU A 20 10.62 3.46 -0.01
CA LEU A 20 10.93 2.63 -1.17
C LEU A 20 11.00 3.47 -2.44
N THR A 21 11.82 3.03 -3.39
CA THR A 21 11.97 3.75 -4.65
C THR A 21 11.95 2.78 -5.84
N PHE A 22 11.40 3.24 -6.96
CA PHE A 22 11.32 2.42 -8.16
C PHE A 22 11.56 3.26 -9.41
N THR A 23 11.59 2.60 -10.56
CA THR A 23 11.81 3.28 -11.83
C THR A 23 10.56 3.25 -12.69
N THR A 24 10.32 4.36 -13.41
CA THR A 24 9.15 4.46 -14.27
C THR A 24 8.98 3.21 -15.12
N SER A 25 7.73 2.86 -15.41
CA SER A 25 7.44 1.68 -16.22
C SER A 25 7.94 0.41 -15.52
N GLU A 26 7.58 0.26 -14.25
CA GLU A 26 8.00 -0.91 -13.49
C GLU A 26 6.83 -1.45 -12.64
N ARG A 27 7.02 -2.65 -12.10
CA ARG A 27 5.98 -3.27 -11.27
C ARG A 27 6.23 -2.97 -9.80
N VAL A 28 5.24 -2.32 -9.17
CA VAL A 28 5.35 -1.99 -7.76
C VAL A 28 4.30 -2.74 -6.93
N VAL A 29 4.77 -3.59 -6.02
CA VAL A 29 3.87 -4.37 -5.17
C VAL A 29 4.26 -4.23 -3.70
N LEU A 30 3.45 -3.50 -2.95
CA LEU A 30 3.71 -3.29 -1.52
C LEU A 30 3.26 -4.50 -0.70
N THR A 31 3.36 -4.39 0.61
CA THR A 31 2.97 -5.48 1.51
C THR A 31 2.53 -4.94 2.86
N CYS A 32 1.47 -5.53 3.40
CA CYS A 32 0.95 -5.12 4.70
C CYS A 32 0.38 -6.30 5.46
N GLU A 33 0.51 -6.27 6.78
CA GLU A 33 0.01 -7.35 7.63
C GLU A 33 -0.94 -6.80 8.70
N LEU A 34 -1.86 -7.65 9.14
CA LEU A 34 -2.82 -7.26 10.17
C LEU A 34 -2.97 -8.35 11.22
N SER A 35 -3.85 -8.12 12.19
CA SER A 35 -4.09 -9.07 13.26
C SER A 35 -5.46 -9.72 13.11
N ARG A 36 -6.22 -9.27 12.12
CA ARG A 36 -7.55 -9.82 11.88
C ARG A 36 -7.63 -10.47 10.50
N VAL A 37 -8.22 -11.66 10.45
CA VAL A 37 -8.35 -12.40 9.20
C VAL A 37 -9.57 -11.93 8.42
N ASP A 38 -9.43 -11.85 7.10
CA ASP A 38 -10.52 -11.42 6.23
C ASP A 38 -11.07 -10.08 6.68
N PHE A 39 -10.20 -9.27 7.30
CA PHE A 39 -10.59 -7.95 7.78
C PHE A 39 -10.65 -6.95 6.62
N PRO A 40 -11.73 -6.16 6.58
CA PRO A 40 -11.93 -5.14 5.54
C PRO A 40 -10.96 -3.97 5.67
N ALA A 41 -10.51 -3.46 4.53
CA ALA A 41 -9.58 -2.34 4.51
C ALA A 41 -9.65 -1.60 3.18
N THR A 42 -8.93 -0.47 3.10
CA THR A 42 -8.91 0.34 1.89
C THR A 42 -7.62 1.14 1.80
N TRP A 43 -7.05 1.21 0.60
CA TRP A 43 -5.82 1.95 0.37
C TRP A 43 -6.12 3.43 0.11
N TYR A 44 -5.13 4.27 0.36
CA TYR A 44 -5.28 5.71 0.15
C TYR A 44 -3.95 6.37 -0.19
N LYS A 45 -4.02 7.49 -0.88
CA LYS A 45 -2.81 8.21 -1.28
C LYS A 45 -2.92 9.69 -0.92
N ASP A 46 -1.80 10.29 -0.53
CA ASP A 46 -1.78 11.70 -0.15
C ASP A 46 -3.02 12.07 0.65
N GLY A 47 -3.61 11.08 1.30
CA GLY A 47 -4.80 11.33 2.10
C GLY A 47 -6.07 11.31 1.27
N GLN A 48 -6.10 10.44 0.27
CA GLN A 48 -7.26 10.32 -0.62
C GLN A 48 -7.53 8.87 -0.99
N LYS A 49 -8.73 8.60 -1.45
CA LYS A 49 -9.12 7.24 -1.84
C LYS A 49 -8.49 6.87 -3.18
N VAL A 50 -7.81 5.72 -3.22
CA VAL A 50 -7.17 5.25 -4.44
C VAL A 50 -8.19 4.62 -5.39
N GLU A 51 -8.06 4.92 -6.68
CA GLU A 51 -8.97 4.38 -7.68
C GLU A 51 -8.61 2.94 -8.02
N GLU A 52 -9.59 2.05 -7.92
CA GLU A 52 -9.38 0.64 -8.22
C GLU A 52 -9.59 0.35 -9.70
N SER A 53 -8.52 0.00 -10.39
CA SER A 53 -8.59 -0.30 -11.81
C SER A 53 -7.42 -1.16 -12.26
N GLU A 54 -7.33 -1.40 -13.56
CA GLU A 54 -6.24 -2.21 -14.12
C GLU A 54 -4.88 -1.65 -13.70
N LEU A 55 -4.79 -0.32 -13.67
CA LEU A 55 -3.54 0.35 -13.30
C LEU A 55 -3.30 0.26 -11.80
N LEU A 56 -4.35 -0.04 -11.05
CA LEU A 56 -4.26 -0.17 -9.61
C LEU A 56 -4.94 -1.44 -9.12
N VAL A 57 -4.14 -2.45 -8.79
CA VAL A 57 -4.67 -3.72 -8.30
C VAL A 57 -4.55 -3.82 -6.78
N VAL A 58 -5.65 -4.17 -6.13
CA VAL A 58 -5.66 -4.32 -4.68
C VAL A 58 -6.04 -5.74 -4.26
N LYS A 59 -5.08 -6.46 -3.71
CA LYS A 59 -5.31 -7.83 -3.27
C LYS A 59 -5.55 -7.89 -1.76
N MET A 60 -6.41 -8.81 -1.34
CA MET A 60 -6.72 -8.97 0.08
C MET A 60 -6.75 -10.44 0.46
N ASP A 61 -5.81 -10.86 1.30
CA ASP A 61 -5.73 -12.23 1.74
C ASP A 61 -5.66 -12.31 3.27
N GLY A 62 -6.63 -13.00 3.87
CA GLY A 62 -6.65 -13.13 5.32
C GLY A 62 -6.24 -11.85 6.02
N ARG A 63 -5.11 -11.89 6.71
CA ARG A 63 -4.61 -10.74 7.44
C ARG A 63 -3.38 -10.15 6.76
N LYS A 64 -3.44 -10.05 5.43
CA LYS A 64 -2.33 -9.51 4.66
C LYS A 64 -2.83 -8.76 3.43
N HIS A 65 -2.57 -7.46 3.39
CA HIS A 65 -2.99 -6.62 2.27
C HIS A 65 -1.79 -6.06 1.52
N ARG A 66 -1.88 -6.05 0.19
CA ARG A 66 -0.80 -5.54 -0.65
C ARG A 66 -1.35 -4.91 -1.92
N LEU A 67 -0.74 -3.82 -2.35
CA LEU A 67 -1.16 -3.12 -3.56
C LEU A 67 -0.18 -3.36 -4.70
N ILE A 68 -0.69 -3.91 -5.81
CA ILE A 68 0.14 -4.18 -6.96
C ILE A 68 -0.03 -3.11 -8.03
N LEU A 69 1.04 -2.86 -8.78
CA LEU A 69 1.01 -1.86 -9.85
C LEU A 69 1.71 -2.37 -11.10
N PRO A 70 0.94 -2.44 -12.21
CA PRO A 70 1.46 -2.91 -13.50
C PRO A 70 2.45 -1.93 -14.12
N GLU A 71 2.19 -0.63 -13.94
CA GLU A 71 3.05 0.40 -14.48
C GLU A 71 3.19 1.57 -13.50
N ALA A 72 4.36 1.65 -12.86
CA ALA A 72 4.62 2.70 -11.89
C ALA A 72 4.95 4.02 -12.59
N LYS A 73 3.95 4.88 -12.73
CA LYS A 73 4.14 6.17 -13.39
C LYS A 73 4.64 7.21 -12.39
N VAL A 74 5.21 8.30 -12.91
CA VAL A 74 5.73 9.37 -12.07
C VAL A 74 4.66 9.90 -11.13
N GLN A 75 3.40 9.78 -11.55
CA GLN A 75 2.28 10.25 -10.74
C GLN A 75 2.07 9.35 -9.53
N ASP A 76 2.24 8.05 -9.73
CA ASP A 76 2.06 7.07 -8.66
C ASP A 76 3.05 7.34 -7.53
N SER A 77 4.01 8.23 -7.78
CA SER A 77 5.01 8.56 -6.78
C SER A 77 4.40 9.34 -5.62
N GLY A 78 4.17 8.65 -4.50
CA GLY A 78 3.58 9.29 -3.34
C GLY A 78 3.49 8.36 -2.16
N GLU A 79 2.79 8.80 -1.11
CA GLU A 79 2.63 7.99 0.10
C GLU A 79 1.36 7.17 0.04
N PHE A 80 1.45 5.92 0.45
CA PHE A 80 0.29 5.01 0.44
C PHE A 80 -0.10 4.62 1.86
N GLU A 81 -1.40 4.58 2.11
CA GLU A 81 -1.91 4.22 3.44
C GLU A 81 -2.97 3.13 3.33
N CYS A 82 -2.99 2.23 4.31
CA CYS A 82 -3.95 1.14 4.32
C CYS A 82 -4.86 1.22 5.55
N ARG A 83 -5.88 2.05 5.46
CA ARG A 83 -6.82 2.23 6.56
C ARG A 83 -7.89 1.15 6.55
N THR A 84 -8.34 0.75 7.74
CA THR A 84 -9.37 -0.27 7.85
C THR A 84 -10.48 0.16 8.80
N GLU A 85 -10.19 0.11 10.10
CA GLU A 85 -11.16 0.51 11.12
C GLU A 85 -10.66 1.71 11.91
N GLY A 86 -9.59 1.51 12.68
CA GLY A 86 -9.04 2.60 13.47
C GLY A 86 -7.55 2.78 13.25
N VAL A 87 -6.93 1.80 12.58
CA VAL A 87 -5.50 1.86 12.31
C VAL A 87 -5.23 1.80 10.81
N SER A 88 -4.03 2.21 10.41
CA SER A 88 -3.64 2.22 9.01
C SER A 88 -2.13 2.09 8.86
N ALA A 89 -1.68 1.82 7.64
CA ALA A 89 -0.26 1.68 7.36
C ALA A 89 0.27 2.89 6.59
N PHE A 90 1.57 2.87 6.30
CA PHE A 90 2.20 3.97 5.57
C PHE A 90 3.39 3.46 4.75
N PHE A 91 3.46 3.90 3.49
CA PHE A 91 4.53 3.49 2.60
C PHE A 91 4.99 4.65 1.73
N GLY A 92 6.30 4.87 1.69
CA GLY A 92 6.85 5.95 0.88
C GLY A 92 7.32 5.49 -0.48
N VAL A 93 6.43 5.53 -1.46
CA VAL A 93 6.77 5.11 -2.82
C VAL A 93 7.23 6.30 -3.66
N THR A 94 8.33 6.12 -4.38
CA THR A 94 8.86 7.16 -5.23
C THR A 94 9.30 6.61 -6.58
N VAL A 95 8.76 7.18 -7.66
CA VAL A 95 9.10 6.74 -9.01
C VAL A 95 10.02 7.75 -9.69
N GLN A 96 11.13 7.26 -10.25
CA GLN A 96 12.07 8.11 -10.94
C GLN A 96 12.33 7.62 -12.36
N ASP A 97 11.91 8.42 -13.35
CA ASP A 97 12.09 8.05 -14.75
C ASP A 97 13.57 7.89 -15.08
N PRO A 98 13.90 6.80 -15.79
CA PRO A 98 15.28 6.51 -16.19
C PRO A 98 15.79 7.47 -17.25
N SER A 99 16.98 7.19 -17.76
CA SER A 99 17.59 8.04 -18.79
C SER A 99 17.99 7.22 -20.00
N GLY A 100 17.03 6.97 -20.89
CA GLY A 100 17.29 6.21 -22.08
C GLY A 100 18.27 6.90 -23.02
N PRO A 101 18.46 6.32 -24.21
CA PRO A 101 19.37 6.88 -25.22
C PRO A 101 18.85 8.17 -25.82
N SER A 102 17.53 8.26 -26.00
CA SER A 102 16.91 9.45 -26.57
C SER A 102 15.70 9.88 -25.73
N SER A 103 15.49 11.19 -25.63
CA SER A 103 14.38 11.72 -24.86
C SER A 103 13.06 11.51 -25.61
N GLY A 104 12.03 11.13 -24.86
CA GLY A 104 10.73 10.91 -25.47
C GLY A 104 10.72 9.71 -26.41
#